data_3NRU
#
_entry.id   3NRU
#
_cell.length_a   137.617
_cell.length_b   140.699
_cell.length_c   143.783
_cell.angle_alpha   90.00
_cell.angle_beta   90.00
_cell.angle_gamma   90.00
#
_symmetry.space_group_name_H-M   'P 21 21 21'
#
loop_
_entity.id
_entity.type
_entity.pdbx_description
1 polymer 'Ephrin receptor'
2 non-polymer 'SULFATE ION'
3 non-polymer 'CHLORIDE ION'
4 water water
#
_entity_poly.entity_id   1
_entity_poly.type   'polypeptide(L)'
_entity_poly.pdbx_seq_one_letter_code
;AAEVLLLDSKAQQTELEWISSPPNGWEEISGLDENYTPIRTYQVCQVMEPNQNNWLRTNWISKGNAQRIFVELKFTLRDC
NSLPGVLGTCKETFNLYYYETDYDTGRNIRENLYVKIDTIAADESFTQGDLGERKMKLNTEVREIGPLSKKGFYLAFQDV
GACIALVSVKVYYKKEFVEHHHHHHHH
;
_entity_poly.pdbx_strand_id   A,B,C,D,E,F,G,H,I,J,K,L
#
# COMPACT_ATOMS: atom_id res chain seq x y z
N GLU A 3 21.24 -1.06 26.60
CA GLU A 3 21.98 -0.56 27.81
C GLU A 3 21.08 0.24 28.75
N VAL A 4 20.40 1.26 28.22
CA VAL A 4 19.29 1.88 28.93
C VAL A 4 18.00 1.62 28.15
N LEU A 5 17.12 0.85 28.78
CA LEU A 5 15.85 0.46 28.18
C LEU A 5 14.81 1.55 28.34
N LEU A 6 14.19 1.93 27.23
CA LEU A 6 13.09 2.89 27.23
C LEU A 6 11.75 2.17 27.26
N LEU A 7 11.71 1.00 26.62
CA LEU A 7 10.55 0.13 26.63
C LEU A 7 11.01 -1.31 26.54
N ASP A 8 10.34 -2.16 27.31
CA ASP A 8 10.57 -3.58 27.28
C ASP A 8 9.21 -4.23 27.47
N SER A 9 8.70 -4.84 26.40
CA SER A 9 7.38 -5.47 26.41
C SER A 9 7.36 -6.75 27.23
N LYS A 10 8.55 -7.23 27.62
CA LYS A 10 8.69 -8.39 28.49
C LYS A 10 8.99 -8.01 29.94
N ALA A 11 8.98 -6.72 30.25
CA ALA A 11 9.18 -6.26 31.63
C ALA A 11 7.96 -5.55 32.17
N GLU A 17 -3.13 -2.82 28.16
CA GLU A 17 -2.85 -3.37 26.83
C GLU A 17 -2.81 -2.28 25.76
N TRP A 18 -1.90 -2.45 24.80
CA TRP A 18 -1.73 -1.52 23.69
C TRP A 18 -3.01 -1.35 22.86
N ILE A 19 -3.05 -0.30 22.06
CA ILE A 19 -4.25 0.01 21.25
C ILE A 19 -4.25 -0.70 19.91
N SER A 20 -5.39 -1.33 19.60
CA SER A 20 -5.62 -1.94 18.29
C SER A 20 -6.72 -1.19 17.56
N SER A 21 -6.43 -0.80 16.32
CA SER A 21 -7.41 -0.17 15.45
C SER A 21 -7.36 -0.81 14.07
N PRO A 22 -8.38 -1.61 13.72
CA PRO A 22 -9.55 -1.93 14.55
C PRO A 22 -9.21 -2.91 15.68
N PRO A 23 -10.05 -2.98 16.73
CA PRO A 23 -9.78 -3.89 17.85
C PRO A 23 -9.79 -5.36 17.44
N ASN A 24 -10.47 -5.67 16.33
CA ASN A 24 -10.58 -7.03 15.81
C ASN A 24 -9.40 -7.48 14.94
N GLY A 25 -8.45 -6.57 14.71
CA GLY A 25 -7.28 -6.87 13.89
C GLY A 25 -6.18 -7.51 14.72
N TRP A 26 -5.18 -6.72 15.10
CA TRP A 26 -4.15 -7.19 16.02
C TRP A 26 -4.80 -7.55 17.35
N GLU A 27 -4.56 -8.76 17.83
CA GLU A 27 -5.14 -9.18 19.09
C GLU A 27 -4.08 -9.70 20.07
N GLU A 28 -4.23 -9.31 21.33
CA GLU A 28 -3.29 -9.76 22.36
C GLU A 28 -3.57 -11.20 22.75
N ILE A 29 -2.53 -12.03 22.74
CA ILE A 29 -2.62 -13.42 23.13
C ILE A 29 -1.46 -13.75 24.07
N SER A 30 -1.81 -14.19 25.27
CA SER A 30 -0.85 -14.34 26.37
C SER A 30 -0.55 -15.78 26.75
N GLY A 31 0.63 -15.97 27.31
CA GLY A 31 1.03 -17.27 27.84
C GLY A 31 2.09 -17.12 28.92
N LEU A 32 2.76 -18.22 29.24
CA LEU A 32 3.82 -18.21 30.24
C LEU A 32 5.11 -18.88 29.76
N ASP A 33 6.22 -18.33 30.22
CA ASP A 33 7.57 -18.91 30.06
C ASP A 33 7.76 -20.23 30.77
N GLU A 34 8.90 -20.87 30.50
CA GLU A 34 9.36 -22.01 31.28
C GLU A 34 9.66 -21.62 32.72
N ASN A 35 10.05 -20.37 32.93
CA ASN A 35 10.20 -19.84 34.29
C ASN A 35 9.09 -18.88 34.71
N TYR A 36 7.92 -19.07 34.11
CA TYR A 36 6.65 -18.44 34.52
C TYR A 36 6.56 -16.92 34.31
N THR A 37 7.46 -16.39 33.49
CA THR A 37 7.37 -15.00 33.04
C THR A 37 6.26 -14.92 32.00
N PRO A 38 5.39 -13.89 32.12
CA PRO A 38 4.34 -13.66 31.13
C PRO A 38 4.92 -13.42 29.73
N ILE A 39 4.28 -14.01 28.74
CA ILE A 39 4.57 -13.70 27.34
C ILE A 39 3.33 -13.00 26.81
N ARG A 40 3.51 -11.79 26.32
CA ARG A 40 2.42 -11.03 25.71
C ARG A 40 2.73 -10.85 24.23
N THR A 41 1.95 -11.52 23.40
CA THR A 41 2.12 -11.39 21.96
C THR A 41 0.93 -10.64 21.38
N TYR A 42 1.14 -10.07 20.20
CA TYR A 42 0.07 -9.47 19.44
C TYR A 42 0.06 -10.15 18.08
N GLN A 43 -1.10 -10.64 17.69
CA GLN A 43 -1.21 -11.51 16.53
C GLN A 43 -2.35 -11.09 15.62
N VAL A 44 -2.12 -11.32 14.32
CA VAL A 44 -3.09 -11.00 13.29
C VAL A 44 -2.80 -11.92 12.11
N CYS A 45 -3.85 -12.47 11.53
CA CYS A 45 -3.74 -13.39 10.39
C CYS A 45 -5.01 -13.33 9.55
N GLN A 46 -5.35 -12.12 9.08
CA GLN A 46 -6.51 -11.91 8.22
C GLN A 46 -6.07 -11.98 6.75
N VAL A 47 -5.63 -13.16 6.34
CA VAL A 47 -5.00 -13.35 5.03
C VAL A 47 -6.01 -13.66 3.93
N MET A 48 -7.25 -13.94 4.32
CA MET A 48 -8.32 -14.27 3.38
C MET A 48 -9.37 -13.15 3.22
N GLU A 49 -9.10 -11.99 3.84
N GLU A 49 -9.10 -11.99 3.82
CA GLU A 49 -9.97 -10.82 3.72
CA GLU A 49 -9.98 -10.84 3.72
C GLU A 49 -9.21 -9.69 3.04
C GLU A 49 -9.24 -9.65 3.08
N PRO A 50 -9.83 -9.05 2.03
CA PRO A 50 -9.17 -7.97 1.28
C PRO A 50 -9.06 -6.63 2.02
N ASN A 51 -8.10 -5.82 1.58
CA ASN A 51 -7.89 -4.43 2.06
C ASN A 51 -7.63 -4.29 3.56
N GLN A 52 -6.72 -5.10 4.08
CA GLN A 52 -6.36 -5.04 5.50
C GLN A 52 -5.57 -3.77 5.84
N ASN A 53 -5.98 -3.11 6.92
CA ASN A 53 -5.31 -1.93 7.45
C ASN A 53 -5.37 -2.00 8.98
N ASN A 54 -4.62 -2.95 9.54
CA ASN A 54 -4.69 -3.24 10.97
C ASN A 54 -3.54 -2.60 11.75
N TRP A 55 -3.88 -1.67 12.63
CA TRP A 55 -2.86 -0.90 13.35
C TRP A 55 -2.77 -1.29 14.82
N LEU A 56 -1.54 -1.37 15.30
CA LEU A 56 -1.24 -1.63 16.69
C LEU A 56 -0.28 -0.54 17.13
N ARG A 57 -0.57 0.09 18.27
CA ARG A 57 0.26 1.19 18.77
C ARG A 57 0.66 0.92 20.21
N THR A 58 1.93 1.13 20.52
CA THR A 58 2.44 1.01 21.88
C THR A 58 1.92 2.14 22.77
N ASN A 59 2.21 2.03 24.08
CA ASN A 59 2.16 3.15 25.01
C ASN A 59 3.12 4.25 24.57
N TRP A 60 2.93 5.45 25.12
CA TRP A 60 3.87 6.55 24.93
C TRP A 60 5.21 6.17 25.53
N ILE A 61 6.28 6.50 24.81
CA ILE A 61 7.63 6.18 25.23
C ILE A 61 8.41 7.47 25.47
N SER A 62 8.84 7.69 26.70
CA SER A 62 9.74 8.80 27.03
C SER A 62 11.12 8.45 26.47
N LYS A 63 11.76 9.42 25.82
CA LYS A 63 13.08 9.18 25.23
C LYS A 63 14.23 9.31 26.24
N GLY A 64 13.94 9.92 27.39
CA GLY A 64 14.96 10.14 28.42
C GLY A 64 16.14 10.93 27.88
N ASN A 65 17.34 10.49 28.23
CA ASN A 65 18.57 11.16 27.77
C ASN A 65 19.12 10.58 26.47
N ALA A 66 18.25 9.91 25.71
CA ALA A 66 18.64 9.26 24.46
C ALA A 66 18.91 10.26 23.34
N GLN A 67 19.86 9.90 22.48
CA GLN A 67 20.04 10.57 21.20
C GLN A 67 19.53 9.63 20.12
N ARG A 68 20.38 8.72 19.66
CA ARG A 68 19.93 7.67 18.73
C ARG A 68 19.26 6.54 19.50
N ILE A 69 18.16 6.02 18.93
CA ILE A 69 17.32 5.03 19.59
C ILE A 69 17.22 3.76 18.75
N PHE A 70 17.31 2.61 19.41
CA PHE A 70 17.16 1.32 18.74
C PHE A 70 15.82 0.65 19.08
N VAL A 71 15.17 0.08 18.06
CA VAL A 71 13.93 -0.66 18.23
C VAL A 71 14.16 -2.10 17.77
N GLU A 72 13.97 -3.06 18.69
CA GLU A 72 14.10 -4.47 18.36
C GLU A 72 12.76 -5.20 18.36
N LEU A 73 12.46 -5.83 17.23
CA LEU A 73 11.23 -6.60 17.10
C LEU A 73 11.58 -8.07 16.96
N LYS A 74 10.84 -8.91 17.67
CA LYS A 74 10.89 -10.34 17.49
C LYS A 74 9.50 -10.79 17.10
N PHE A 75 9.42 -11.58 16.04
CA PHE A 75 8.14 -11.96 15.44
C PHE A 75 8.28 -13.24 14.62
N THR A 76 7.15 -13.93 14.44
CA THR A 76 7.06 -14.99 13.45
C THR A 76 6.16 -14.46 12.32
N LEU A 77 6.34 -15.02 11.13
CA LEU A 77 5.66 -14.54 9.94
C LEU A 77 5.56 -15.69 8.95
N ARG A 78 4.33 -16.18 8.73
CA ARG A 78 4.10 -17.34 7.87
C ARG A 78 4.31 -17.03 6.39
N ASP A 79 5.00 -17.94 5.70
CA ASP A 79 5.07 -17.91 4.24
C ASP A 79 3.66 -18.09 3.70
N CYS A 80 3.27 -17.25 2.76
CA CYS A 80 1.94 -17.34 2.17
C CYS A 80 1.71 -18.67 1.44
N ASN A 81 2.80 -19.33 1.06
CA ASN A 81 2.74 -20.66 0.43
C ASN A 81 2.29 -21.77 1.39
N SER A 82 2.48 -21.55 2.69
CA SER A 82 2.15 -22.55 3.71
C SER A 82 0.70 -22.46 4.20
N LEU A 83 0.06 -21.32 3.93
CA LEU A 83 -1.32 -21.10 4.37
C LEU A 83 -2.31 -21.75 3.40
N PRO A 84 -3.26 -22.53 3.94
CA PRO A 84 -4.05 -23.51 3.17
C PRO A 84 -4.90 -22.88 2.05
N GLY A 85 -4.29 -22.75 0.88
CA GLY A 85 -4.97 -22.21 -0.31
C GLY A 85 -5.65 -20.88 -0.07
N VAL A 86 -4.86 -19.88 0.35
CA VAL A 86 -5.38 -18.55 0.62
C VAL A 86 -5.35 -17.65 -0.63
N LEU A 87 -4.24 -17.70 -1.36
CA LEU A 87 -4.03 -16.95 -2.61
C LEU A 87 -4.32 -15.45 -2.47
N GLY A 88 -4.57 -14.78 -3.60
CA GLY A 88 -4.98 -13.39 -3.64
C GLY A 88 -3.99 -12.39 -3.08
N THR A 89 -4.36 -11.76 -1.96
CA THR A 89 -3.62 -10.63 -1.43
C THR A 89 -2.92 -10.95 -0.10
N CYS A 90 -2.23 -12.08 -0.05
CA CYS A 90 -1.45 -12.44 1.13
C CYS A 90 -0.06 -11.79 1.09
N LYS A 91 0.37 -11.29 2.25
CA LYS A 91 1.62 -10.54 2.35
C LYS A 91 2.62 -11.22 3.28
N GLU A 92 3.90 -10.93 3.09
CA GLU A 92 4.96 -11.51 3.92
C GLU A 92 5.81 -10.44 4.61
N THR A 93 5.27 -9.23 4.69
CA THR A 93 5.91 -8.15 5.44
C THR A 93 4.85 -7.36 6.21
N PHE A 94 5.30 -6.55 7.18
CA PHE A 94 4.46 -5.53 7.81
C PHE A 94 5.24 -4.22 7.95
N ASN A 95 4.53 -3.15 8.30
CA ASN A 95 5.15 -1.83 8.36
C ASN A 95 5.37 -1.31 9.78
N LEU A 96 6.56 -0.77 10.02
CA LEU A 96 6.89 -0.13 11.30
C LEU A 96 6.77 1.38 11.16
N TYR A 97 6.04 1.99 12.09
CA TYR A 97 5.76 3.43 12.09
C TYR A 97 6.09 4.05 13.43
N TYR A 98 6.21 5.38 13.45
CA TYR A 98 6.29 6.13 14.70
C TYR A 98 5.71 7.53 14.60
N TYR A 99 5.37 8.09 15.76
CA TYR A 99 4.90 9.45 15.87
C TYR A 99 5.46 10.07 17.15
N GLU A 100 6.13 11.20 17.00
CA GLU A 100 6.74 11.95 18.10
C GLU A 100 5.75 12.91 18.75
N THR A 101 5.63 12.82 20.07
CA THR A 101 4.87 13.80 20.88
C THR A 101 5.62 14.10 22.17
N ASP A 102 5.42 15.31 22.69
CA ASP A 102 5.99 15.72 23.96
C ASP A 102 5.33 15.04 25.16
N TYR A 103 4.08 14.63 25.00
CA TYR A 103 3.31 14.05 26.10
C TYR A 103 2.42 12.91 25.62
N ASP A 104 2.00 12.06 26.55
CA ASP A 104 1.04 11.01 26.26
C ASP A 104 -0.31 11.66 25.97
N THR A 105 -0.72 11.61 24.70
CA THR A 105 -1.89 12.33 24.23
C THR A 105 -3.21 11.54 24.30
N GLY A 106 -3.14 10.29 24.75
CA GLY A 106 -4.34 9.46 24.87
C GLY A 106 -4.33 8.23 24.00
N ARG A 107 -5.48 7.56 23.91
CA ARG A 107 -5.57 6.23 23.35
C ARG A 107 -5.94 6.17 21.86
N ASN A 108 -6.09 7.33 21.22
CA ASN A 108 -6.48 7.38 19.81
C ASN A 108 -5.30 7.21 18.86
N ILE A 109 -5.50 6.42 17.80
CA ILE A 109 -4.53 6.28 16.73
C ILE A 109 -5.02 7.05 15.50
N ARG A 110 -4.46 8.25 15.31
CA ARG A 110 -4.69 9.01 14.09
C ARG A 110 -3.60 8.60 13.11
N GLU A 111 -3.96 7.69 12.22
CA GLU A 111 -3.01 7.00 11.34
C GLU A 111 -2.17 7.95 10.47
N ASN A 112 -2.79 9.04 10.02
CA ASN A 112 -2.12 10.02 9.16
C ASN A 112 -0.91 10.73 9.80
N LEU A 113 -0.85 10.72 11.13
CA LEU A 113 0.25 11.37 11.84
C LEU A 113 1.55 10.54 11.83
N TYR A 114 1.40 9.23 11.66
CA TYR A 114 2.51 8.30 11.76
C TYR A 114 3.44 8.34 10.54
N VAL A 115 4.74 8.29 10.84
CA VAL A 115 5.79 8.33 9.82
C VAL A 115 6.41 6.94 9.72
N LYS A 116 6.50 6.41 8.50
CA LYS A 116 7.07 5.09 8.27
C LYS A 116 8.57 5.06 8.56
N ILE A 117 8.96 4.11 9.39
CA ILE A 117 10.37 3.82 9.62
C ILE A 117 10.87 2.86 8.54
N ASP A 118 10.21 1.71 8.40
CA ASP A 118 10.62 0.69 7.43
C ASP A 118 9.58 -0.42 7.24
N THR A 119 9.74 -1.16 6.14
CA THR A 119 9.10 -2.45 5.93
C THR A 119 9.89 -3.52 6.71
N ILE A 120 9.19 -4.44 7.36
CA ILE A 120 9.81 -5.46 8.20
C ILE A 120 9.55 -6.84 7.60
N ALA A 121 10.62 -7.56 7.31
CA ALA A 121 10.55 -8.87 6.68
C ALA A 121 11.17 -9.97 7.53
N ALA A 122 10.63 -11.19 7.38
CA ALA A 122 11.19 -12.39 7.98
C ALA A 122 12.52 -12.76 7.33
N ASP A 123 13.36 -13.50 8.06
CA ASP A 123 14.55 -14.10 7.49
C ASP A 123 14.14 -14.98 6.29
N GLU A 124 15.03 -15.10 5.32
CA GLU A 124 14.85 -16.00 4.17
C GLU A 124 14.63 -17.45 4.62
N SER A 125 13.61 -18.10 4.08
CA SER A 125 13.26 -19.46 4.48
C SER A 125 13.37 -20.51 3.36
N PHE A 126 13.64 -20.08 2.14
CA PHE A 126 13.68 -21.00 0.98
C PHE A 126 14.96 -21.83 0.84
N THR A 127 15.89 -21.65 1.77
CA THR A 127 17.10 -22.48 1.84
C THR A 127 16.95 -23.51 2.97
N LYS A 137 12.97 -19.43 12.26
CA LYS A 137 11.59 -19.42 12.77
C LYS A 137 11.27 -18.09 13.45
N LEU A 138 11.91 -17.82 14.59
CA LEU A 138 11.75 -16.53 15.26
C LEU A 138 12.72 -15.49 14.67
N ASN A 139 12.15 -14.42 14.12
CA ASN A 139 12.93 -13.39 13.44
C ASN A 139 13.22 -12.23 14.36
N THR A 140 14.39 -11.63 14.20
CA THR A 140 14.77 -10.45 14.98
C THR A 140 15.23 -9.34 14.05
N GLU A 141 14.53 -8.21 14.10
CA GLU A 141 14.86 -7.06 13.28
C GLU A 141 15.04 -5.81 14.14
N VAL A 142 16.15 -5.11 13.90
CA VAL A 142 16.47 -3.90 14.64
C VAL A 142 16.49 -2.69 13.69
N ARG A 143 15.85 -1.60 14.11
CA ARG A 143 15.96 -0.33 13.41
C ARG A 143 16.46 0.76 14.35
N GLU A 144 17.30 1.66 13.81
CA GLU A 144 17.76 2.82 14.56
C GLU A 144 17.02 4.06 14.07
N ILE A 145 16.44 4.81 15.01
CA ILE A 145 15.76 6.08 14.73
C ILE A 145 16.38 7.21 15.53
N GLY A 146 15.94 8.44 15.25
CA GLY A 146 16.37 9.61 15.99
C GLY A 146 17.63 10.23 15.44
N PRO A 147 18.18 11.23 16.14
CA PRO A 147 17.64 11.83 17.38
C PRO A 147 16.24 12.41 17.22
N LEU A 148 15.44 12.30 18.28
CA LEU A 148 14.07 12.81 18.27
C LEU A 148 14.05 14.25 18.74
N SER A 149 13.17 15.06 18.17
CA SER A 149 13.03 16.46 18.58
C SER A 149 12.04 16.64 19.73
N LYS A 150 11.12 15.69 19.90
CA LYS A 150 10.11 15.76 20.97
C LYS A 150 10.55 14.91 22.17
N LYS A 151 9.86 15.08 23.30
CA LYS A 151 10.20 14.37 24.55
C LYS A 151 9.94 12.86 24.49
N GLY A 152 9.03 12.44 23.61
CA GLY A 152 8.67 11.02 23.51
C GLY A 152 8.07 10.65 22.17
N PHE A 153 7.55 9.42 22.09
CA PHE A 153 7.04 8.89 20.84
C PHE A 153 6.22 7.62 21.02
N TYR A 154 5.34 7.34 20.07
CA TYR A 154 4.66 6.05 19.98
C TYR A 154 5.28 5.27 18.81
N LEU A 155 5.37 3.95 18.97
CA LEU A 155 5.64 3.08 17.84
C LEU A 155 4.33 2.44 17.42
N ALA A 156 4.19 2.19 16.13
CA ALA A 156 3.01 1.52 15.60
C ALA A 156 3.37 0.47 14.56
N PHE A 157 2.52 -0.54 14.43
CA PHE A 157 2.73 -1.64 13.49
C PHE A 157 1.49 -1.79 12.63
N GLN A 158 1.68 -1.68 11.32
CA GLN A 158 0.58 -1.77 10.37
C GLN A 158 0.67 -3.08 9.62
N ASP A 159 -0.35 -3.90 9.78
CA ASP A 159 -0.49 -5.13 9.01
C ASP A 159 -1.40 -4.88 7.83
N VAL A 160 -1.01 -5.40 6.69
CA VAL A 160 -1.77 -5.23 5.45
C VAL A 160 -2.18 -6.55 4.81
N GLY A 161 -2.20 -7.62 5.61
CA GLY A 161 -2.69 -8.92 5.15
C GLY A 161 -1.70 -10.06 5.33
N ALA A 162 -0.94 -10.02 6.41
CA ALA A 162 0.06 -11.06 6.68
C ALA A 162 -0.37 -11.89 7.88
N CYS A 163 0.37 -12.97 8.13
CA CYS A 163 0.11 -13.83 9.28
C CYS A 163 1.27 -13.70 10.27
N ILE A 164 1.08 -12.83 11.26
CA ILE A 164 2.16 -12.37 12.12
C ILE A 164 1.86 -12.63 13.59
N ALA A 165 2.89 -13.09 14.31
CA ALA A 165 2.90 -13.01 15.77
C ALA A 165 4.04 -12.10 16.19
N LEU A 166 3.70 -10.95 16.77
CA LEU A 166 4.70 -10.04 17.31
C LEU A 166 4.93 -10.40 18.77
N VAL A 167 6.13 -10.92 19.03
CA VAL A 167 6.46 -11.60 20.27
C VAL A 167 7.09 -10.69 21.31
N SER A 168 7.95 -9.76 20.87
CA SER A 168 8.49 -8.76 21.78
C SER A 168 8.98 -7.50 21.07
N VAL A 169 8.92 -6.40 21.82
CA VAL A 169 9.36 -5.09 21.37
C VAL A 169 10.23 -4.53 22.48
N LYS A 170 11.47 -4.20 22.14
CA LYS A 170 12.38 -3.53 23.04
C LYS A 170 12.90 -2.26 22.39
N VAL A 171 12.97 -1.21 23.19
CA VAL A 171 13.42 0.10 22.75
C VAL A 171 14.47 0.56 23.75
N TYR A 172 15.65 0.91 23.23
CA TYR A 172 16.80 1.18 24.07
C TYR A 172 17.76 2.16 23.40
N TYR A 173 18.65 2.74 24.21
CA TYR A 173 19.74 3.56 23.71
C TYR A 173 21.05 3.19 24.40
N LYS A 174 22.16 3.71 23.90
CA LYS A 174 23.49 3.37 24.41
C LYS A 174 24.26 4.61 24.88
N LYS A 175 25.33 4.36 25.64
CA LYS A 175 26.27 5.40 26.10
C LYS A 175 25.61 6.72 26.47
N GLU B 3 12.69 -16.69 -3.56
CA GLU B 3 12.48 -17.65 -4.68
C GLU B 3 13.61 -17.65 -5.72
N VAL B 4 14.08 -16.47 -6.10
CA VAL B 4 15.19 -16.35 -7.05
C VAL B 4 16.37 -15.55 -6.48
N LEU B 5 17.51 -16.22 -6.33
CA LEU B 5 18.74 -15.59 -5.85
C LEU B 5 19.46 -14.80 -6.93
N LEU B 6 19.86 -13.58 -6.59
CA LEU B 6 20.66 -12.73 -7.47
C LEU B 6 22.13 -12.77 -7.04
N LEU B 7 22.35 -12.95 -5.75
CA LEU B 7 23.68 -13.06 -5.19
C LEU B 7 23.67 -13.94 -3.95
N ASP B 8 24.68 -14.79 -3.83
CA ASP B 8 24.98 -15.49 -2.60
C ASP B 8 26.48 -15.42 -2.42
N SER B 9 26.90 -14.85 -1.30
CA SER B 9 28.31 -14.61 -1.00
C SER B 9 29.18 -15.88 -1.01
N LYS B 10 28.58 -17.03 -0.71
CA LYS B 10 29.33 -18.28 -0.70
C LYS B 10 29.48 -18.90 -2.09
N ALA B 11 28.55 -18.56 -2.98
CA ALA B 11 28.37 -19.29 -4.23
C ALA B 11 28.89 -18.53 -5.44
N GLN B 12 29.74 -17.54 -5.21
CA GLN B 12 30.14 -16.61 -6.24
C GLN B 12 31.49 -16.88 -6.92
N GLN B 13 32.19 -15.80 -7.27
CA GLN B 13 33.42 -15.82 -8.06
C GLN B 13 33.15 -16.25 -9.50
N GLU B 17 36.33 -10.87 -7.27
CA GLU B 17 36.58 -10.48 -5.89
C GLU B 17 36.02 -9.09 -5.57
N TRP B 18 35.34 -8.97 -4.43
CA TRP B 18 34.73 -7.71 -4.01
C TRP B 18 35.80 -6.65 -3.69
N ILE B 19 35.47 -5.38 -3.95
CA ILE B 19 36.42 -4.28 -3.77
C ILE B 19 36.45 -3.74 -2.36
N SER B 20 37.64 -3.69 -1.77
CA SER B 20 37.86 -3.07 -0.47
C SER B 20 38.55 -1.72 -0.63
N SER B 21 37.94 -0.68 -0.08
CA SER B 21 38.53 0.65 -0.09
C SER B 21 38.40 1.29 1.29
N PRO B 22 39.52 1.42 2.03
CA PRO B 22 40.89 1.04 1.66
C PRO B 22 41.12 -0.47 1.52
N PRO B 23 42.12 -0.87 0.70
CA PRO B 23 42.43 -2.30 0.47
C PRO B 23 42.67 -3.11 1.76
N ASN B 24 43.19 -2.46 2.80
CA ASN B 24 43.46 -3.13 4.08
C ASN B 24 42.38 -2.94 5.15
N GLY B 25 41.16 -2.62 4.71
CA GLY B 25 40.01 -2.49 5.61
C GLY B 25 39.30 -3.82 5.68
N TRP B 26 38.17 -3.93 4.99
CA TRP B 26 37.47 -5.20 4.86
C TRP B 26 38.37 -6.23 4.15
N GLU B 27 38.46 -7.43 4.70
CA GLU B 27 39.20 -8.52 4.08
C GLU B 27 38.34 -9.78 4.02
N GLU B 28 38.46 -10.50 2.91
CA GLU B 28 37.76 -11.78 2.74
C GLU B 28 38.52 -12.92 3.41
N ILE B 29 37.79 -13.71 4.20
CA ILE B 29 38.33 -14.94 4.77
C ILE B 29 37.29 -16.04 4.59
N SER B 30 37.71 -17.15 3.98
CA SER B 30 36.82 -18.27 3.73
C SER B 30 36.79 -19.21 4.92
N GLY B 31 35.73 -20.01 5.00
CA GLY B 31 35.62 -21.00 6.05
C GLY B 31 34.40 -21.88 5.93
N LEU B 32 34.03 -22.48 7.06
CA LEU B 32 32.88 -23.36 7.18
C LEU B 32 31.94 -22.85 8.26
N ASP B 33 30.64 -22.90 7.97
CA ASP B 33 29.66 -22.59 9.01
C ASP B 33 29.41 -23.82 9.87
N GLU B 34 28.44 -23.71 10.77
CA GLU B 34 28.14 -24.80 11.72
C GLU B 34 27.57 -26.07 11.05
N ASN B 35 27.03 -25.94 9.85
CA ASN B 35 26.54 -27.09 9.07
C ASN B 35 27.63 -27.68 8.15
N TYR B 36 28.86 -27.17 8.30
CA TYR B 36 29.98 -27.51 7.40
C TYR B 36 29.69 -27.14 5.94
N THR B 37 28.94 -26.05 5.77
CA THR B 37 28.70 -25.47 4.46
C THR B 37 29.76 -24.39 4.24
N PRO B 38 30.37 -24.36 3.03
CA PRO B 38 31.38 -23.33 2.77
C PRO B 38 30.81 -21.93 2.86
N ILE B 39 31.59 -21.00 3.40
CA ILE B 39 31.17 -19.61 3.49
C ILE B 39 32.33 -18.71 3.07
N ARG B 40 31.99 -17.49 2.64
CA ARG B 40 32.98 -16.46 2.39
C ARG B 40 32.64 -15.31 3.30
N THR B 41 33.50 -15.06 4.29
CA THR B 41 33.25 -13.99 5.24
C THR B 41 34.06 -12.77 4.88
N TYR B 42 33.53 -11.60 5.22
CA TYR B 42 34.24 -10.35 5.06
C TYR B 42 34.38 -9.71 6.43
N GLN B 43 35.62 -9.38 6.77
CA GLN B 43 35.98 -9.02 8.14
C GLN B 43 36.72 -7.68 8.20
N VAL B 44 36.41 -6.92 9.24
CA VAL B 44 37.14 -5.69 9.57
C VAL B 44 37.01 -5.44 11.07
N CYS B 45 38.10 -5.02 11.69
CA CYS B 45 38.15 -4.78 13.13
C CYS B 45 39.25 -3.78 13.43
N GLN B 46 39.11 -2.58 12.88
CA GLN B 46 40.08 -1.51 13.10
C GLN B 46 39.61 -0.57 14.21
N VAL B 47 39.42 -1.12 15.40
CA VAL B 47 38.88 -0.38 16.54
C VAL B 47 39.94 0.40 17.31
N MET B 48 41.21 0.22 16.93
CA MET B 48 42.32 0.84 17.64
C MET B 48 42.82 2.16 17.00
N GLU B 49 42.29 2.48 15.83
CA GLU B 49 42.64 3.72 15.12
C GLU B 49 41.37 4.53 14.84
N PRO B 50 41.41 5.85 15.06
CA PRO B 50 40.22 6.71 14.95
C PRO B 50 39.78 6.99 13.50
N ASN B 51 38.56 7.50 13.37
CA ASN B 51 37.97 7.91 12.08
C ASN B 51 38.07 6.85 10.97
N GLN B 52 37.44 5.70 11.23
CA GLN B 52 37.40 4.63 10.25
C GLN B 52 36.36 4.91 9.17
N ASN B 53 36.73 4.62 7.92
CA ASN B 53 35.82 4.79 6.79
C ASN B 53 36.10 3.68 5.77
N ASN B 54 35.71 2.47 6.14
CA ASN B 54 36.07 1.27 5.38
C ASN B 54 34.92 0.76 4.54
N TRP B 55 35.13 0.78 3.22
CA TRP B 55 34.10 0.39 2.28
C TRP B 55 34.39 -0.96 1.64
N LEU B 56 33.32 -1.74 1.48
CA LEU B 56 33.37 -2.99 0.77
C LEU B 56 32.22 -2.98 -0.23
N ARG B 57 32.51 -3.33 -1.47
CA ARG B 57 31.50 -3.30 -2.52
C ARG B 57 31.43 -4.65 -3.21
N THR B 58 30.20 -5.14 -3.42
CA THR B 58 29.99 -6.35 -4.19
C THR B 58 30.30 -6.07 -5.65
N ASN B 59 30.42 -7.16 -6.42
N ASN B 59 30.44 -7.14 -6.43
CA ASN B 59 30.38 -7.13 -7.87
CA ASN B 59 30.48 -7.01 -7.89
C ASN B 59 29.07 -6.47 -8.32
C ASN B 59 29.08 -6.64 -8.38
N TRP B 60 29.00 -6.11 -9.60
CA TRP B 60 27.75 -5.64 -10.19
C TRP B 60 26.72 -6.77 -10.24
N ILE B 61 25.47 -6.44 -9.89
CA ILE B 61 24.42 -7.43 -9.82
C ILE B 61 23.30 -7.06 -10.79
N SER B 62 23.01 -7.94 -11.74
N SER B 62 23.04 -7.95 -11.74
CA SER B 62 21.88 -7.76 -12.65
CA SER B 62 21.87 -7.83 -12.60
C SER B 62 20.57 -8.09 -11.95
C SER B 62 20.63 -7.98 -11.72
N LYS B 63 19.62 -7.17 -11.99
CA LYS B 63 18.34 -7.30 -11.28
C LYS B 63 17.47 -8.39 -11.89
N GLY B 64 17.77 -8.76 -13.14
CA GLY B 64 17.00 -9.78 -13.86
C GLY B 64 15.54 -9.38 -13.99
N ASN B 65 14.65 -10.22 -13.46
CA ASN B 65 13.21 -9.99 -13.53
C ASN B 65 12.63 -9.40 -12.24
N ALA B 66 13.51 -9.00 -11.33
CA ALA B 66 13.11 -8.46 -10.02
C ALA B 66 12.33 -7.15 -10.11
N GLN B 67 11.39 -7.00 -9.19
CA GLN B 67 10.80 -5.70 -8.86
C GLN B 67 11.36 -5.30 -7.50
N ARG B 68 10.68 -5.67 -6.41
CA ARG B 68 11.19 -5.48 -5.06
C ARG B 68 12.33 -6.48 -4.82
N ILE B 69 13.40 -6.00 -4.20
CA ILE B 69 14.59 -6.82 -3.97
C ILE B 69 14.88 -6.91 -2.49
N PHE B 70 15.16 -8.13 -2.02
CA PHE B 70 15.51 -8.34 -0.63
C PHE B 70 17.02 -8.57 -0.47
N VAL B 71 17.56 -8.05 0.62
CA VAL B 71 18.96 -8.18 0.98
C VAL B 71 19.00 -8.76 2.39
N GLU B 72 19.57 -9.96 2.54
CA GLU B 72 19.74 -10.59 3.83
C GLU B 72 21.20 -10.62 4.25
N LEU B 73 21.48 -10.09 5.42
CA LEU B 73 22.83 -10.05 5.96
C LEU B 73 22.89 -10.87 7.23
N LYS B 74 23.87 -11.76 7.30
CA LYS B 74 24.20 -12.45 8.53
C LYS B 74 25.59 -12.05 8.95
N PHE B 75 25.71 -11.67 10.21
CA PHE B 75 26.93 -11.09 10.71
C PHE B 75 27.02 -11.27 12.21
N THR B 76 28.25 -11.35 12.68
CA THR B 76 28.51 -11.32 14.09
C THR B 76 29.25 -10.02 14.36
N LEU B 77 29.25 -9.61 15.62
CA LEU B 77 29.76 -8.30 15.94
C LEU B 77 30.46 -8.36 17.29
N ARG B 78 30.71 -7.19 17.86
CA ARG B 78 31.30 -7.11 19.18
C ARG B 78 30.77 -5.91 19.92
N ASP B 79 30.17 -6.17 21.07
CA ASP B 79 29.91 -5.16 22.09
C ASP B 79 31.24 -4.43 22.34
N CYS B 80 31.20 -3.10 22.29
CA CYS B 80 32.39 -2.27 22.53
C CYS B 80 32.82 -2.25 24.01
N ASN B 81 32.70 -3.40 24.67
CA ASN B 81 33.15 -3.59 26.05
C ASN B 81 34.04 -4.82 26.20
N SER B 82 33.93 -5.75 25.25
CA SER B 82 34.78 -6.93 25.20
C SER B 82 36.20 -6.59 24.71
N LEU B 83 36.34 -5.42 24.10
CA LEU B 83 37.59 -4.98 23.51
C LEU B 83 38.29 -3.95 24.40
N PRO B 84 39.63 -4.06 24.55
CA PRO B 84 40.39 -3.15 25.43
C PRO B 84 40.93 -1.88 24.73
N GLY B 85 40.72 -0.73 25.36
CA GLY B 85 41.25 0.56 24.89
C GLY B 85 40.74 0.97 23.51
N VAL B 86 39.46 1.33 23.44
CA VAL B 86 38.81 1.60 22.15
C VAL B 86 37.89 2.84 22.15
N LEU B 87 37.16 3.04 23.24
CA LEU B 87 36.11 4.06 23.31
C LEU B 87 36.69 5.46 23.55
N CYS B 90 34.79 3.32 19.25
CA CYS B 90 34.21 2.04 18.86
C CYS B 90 32.71 2.15 18.58
N LYS B 91 32.25 1.41 17.57
CA LYS B 91 30.84 1.36 17.18
C LYS B 91 30.25 -0.05 17.16
N GLU B 92 28.93 -0.13 17.19
CA GLU B 92 28.21 -1.41 17.17
C GLU B 92 27.24 -1.53 16.00
N THR B 93 27.38 -0.65 15.02
CA THR B 93 26.59 -0.73 13.79
C THR B 93 27.50 -0.60 12.57
N PHE B 94 26.95 -0.89 11.38
CA PHE B 94 27.59 -0.52 10.11
C PHE B 94 26.51 -0.10 9.12
N ASN B 95 26.93 0.49 8.01
CA ASN B 95 25.97 1.05 7.06
C ASN B 95 25.87 0.23 5.78
N LEU B 96 24.64 0.08 5.30
CA LEU B 96 24.37 -0.59 4.03
C LEU B 96 23.94 0.43 2.98
N TYR B 97 24.57 0.37 1.81
CA TYR B 97 24.26 1.27 0.70
C TYR B 97 24.03 0.47 -0.56
N TYR B 98 23.46 1.13 -1.57
CA TYR B 98 23.45 0.57 -2.91
C TYR B 98 23.72 1.67 -3.94
N TYR B 99 24.09 1.25 -5.14
CA TYR B 99 24.21 2.17 -6.26
C TYR B 99 23.71 1.49 -7.53
N GLU B 100 22.69 2.10 -8.12
CA GLU B 100 22.08 1.65 -9.35
C GLU B 100 22.88 2.11 -10.54
N THR B 101 23.10 1.22 -11.49
CA THR B 101 23.74 1.61 -12.76
C THR B 101 23.47 0.60 -13.88
N ASP B 102 23.30 1.12 -15.09
CA ASP B 102 23.06 0.29 -16.26
C ASP B 102 24.26 -0.61 -16.59
N TYR B 103 25.46 -0.07 -16.39
CA TYR B 103 26.67 -0.78 -16.77
C TYR B 103 27.72 -0.83 -15.65
N ASP B 104 28.36 -1.99 -15.55
CA ASP B 104 29.46 -2.20 -14.62
C ASP B 104 30.70 -1.42 -15.07
N THR B 105 30.84 -0.22 -14.53
CA THR B 105 32.07 0.54 -14.73
C THR B 105 32.77 0.83 -13.41
N GLY B 106 34.09 0.88 -13.46
CA GLY B 106 34.90 1.28 -12.32
C GLY B 106 34.95 0.25 -11.21
N ARG B 107 36.16 0.01 -10.71
CA ARG B 107 36.37 -0.77 -9.50
C ARG B 107 36.44 0.17 -8.31
N ASN B 108 36.24 1.46 -8.56
CA ASN B 108 36.35 2.48 -7.52
C ASN B 108 35.04 2.64 -6.74
N ILE B 109 35.19 2.99 -5.46
CA ILE B 109 34.04 3.25 -4.60
C ILE B 109 33.96 4.75 -4.32
N ARG B 110 33.00 5.41 -4.97
N ARG B 110 32.99 5.41 -4.94
CA ARG B 110 32.76 6.83 -4.76
CA ARG B 110 32.78 6.83 -4.74
C ARG B 110 31.55 6.98 -3.85
C ARG B 110 31.56 7.02 -3.86
N GLU B 111 31.81 7.21 -2.55
CA GLU B 111 30.76 7.22 -1.51
C GLU B 111 29.53 8.08 -1.82
N ASN B 112 29.76 9.24 -2.43
CA ASN B 112 28.70 10.22 -2.61
C ASN B 112 27.73 9.88 -3.75
N LEU B 113 28.07 8.84 -4.50
CA LEU B 113 27.14 8.25 -5.45
C LEU B 113 26.21 7.22 -4.79
N TYR B 114 26.62 6.71 -3.63
CA TYR B 114 25.86 5.65 -2.97
C TYR B 114 24.65 6.17 -2.20
N VAL B 115 23.55 5.44 -2.30
CA VAL B 115 22.34 5.74 -1.56
C VAL B 115 22.28 4.82 -0.35
N LYS B 116 22.12 5.41 0.84
CA LYS B 116 22.04 4.64 2.06
C LYS B 116 20.72 3.86 2.11
N ILE B 117 20.82 2.56 2.38
CA ILE B 117 19.63 1.76 2.64
C ILE B 117 19.26 1.89 4.11
N ASP B 118 20.19 1.52 4.98
CA ASP B 118 19.95 1.61 6.42
C ASP B 118 21.22 1.47 7.24
N THR B 119 21.13 1.87 8.50
CA THR B 119 22.09 1.48 9.51
C THR B 119 21.73 0.05 9.91
N ILE B 120 22.75 -0.81 9.95
CA ILE B 120 22.55 -2.21 10.33
C ILE B 120 23.13 -2.43 11.73
N ALA B 121 22.30 -2.90 12.65
CA ALA B 121 22.71 -3.13 14.04
C ALA B 121 22.55 -4.59 14.47
N ALA B 122 23.35 -4.99 15.43
CA ALA B 122 23.22 -6.30 16.08
C ALA B 122 21.96 -6.36 16.93
N ASP B 123 21.49 -7.58 17.21
CA ASP B 123 20.44 -7.81 18.21
C ASP B 123 20.92 -7.26 19.54
N GLU B 124 20.01 -6.77 20.38
CA GLU B 124 20.41 -6.27 21.69
C GLU B 124 20.92 -7.40 22.59
N SER B 125 22.02 -7.12 23.28
CA SER B 125 22.67 -8.10 24.15
C SER B 125 23.16 -7.46 25.45
N MET B 136 28.88 -16.60 20.86
CA MET B 136 28.71 -15.48 19.95
C MET B 136 27.34 -15.52 19.27
N LYS B 137 26.72 -14.34 19.14
CA LYS B 137 25.39 -14.25 18.56
C LYS B 137 25.49 -13.95 17.07
N LEU B 138 24.85 -14.79 16.25
CA LEU B 138 24.70 -14.49 14.82
C LEU B 138 23.45 -13.65 14.61
N ASN B 139 23.64 -12.47 14.02
CA ASN B 139 22.54 -11.57 13.72
C ASN B 139 22.10 -11.70 12.27
N THR B 140 20.78 -11.67 12.05
CA THR B 140 20.22 -11.67 10.71
C THR B 140 19.35 -10.41 10.52
N GLU B 141 19.70 -9.63 9.50
CA GLU B 141 18.98 -8.41 9.17
C GLU B 141 18.58 -8.41 7.71
N VAL B 142 17.31 -8.14 7.45
CA VAL B 142 16.76 -8.11 6.10
C VAL B 142 16.30 -6.71 5.73
N ARG B 143 16.67 -6.25 4.54
CA ARG B 143 16.18 -4.99 3.98
C ARG B 143 15.57 -5.16 2.59
N GLU B 144 14.47 -4.46 2.35
CA GLU B 144 13.79 -4.47 1.06
C GLU B 144 14.12 -3.19 0.29
N ILE B 145 14.53 -3.33 -0.96
CA ILE B 145 14.80 -2.18 -1.83
C ILE B 145 14.04 -2.26 -3.15
N GLY B 146 14.05 -1.16 -3.91
CA GLY B 146 13.47 -1.11 -5.24
C GLY B 146 11.97 -0.86 -5.27
N PRO B 147 11.33 -1.07 -6.44
CA PRO B 147 11.92 -1.50 -7.71
C PRO B 147 13.00 -0.55 -8.25
N LEU B 148 14.06 -1.11 -8.80
CA LEU B 148 15.13 -0.30 -9.37
C LEU B 148 14.82 0.03 -10.83
N SER B 149 15.26 1.19 -11.29
CA SER B 149 15.04 1.61 -12.68
C SER B 149 16.17 1.18 -13.64
N LYS B 150 17.38 1.01 -13.10
CA LYS B 150 18.55 0.64 -13.90
C LYS B 150 18.67 -0.88 -14.09
N LYS B 151 19.57 -1.29 -14.98
CA LYS B 151 19.79 -2.71 -15.31
C LYS B 151 20.32 -3.52 -14.13
N GLY B 152 21.15 -2.90 -13.31
CA GLY B 152 21.72 -3.57 -12.14
C GLY B 152 22.21 -2.63 -11.06
N PHE B 153 22.95 -3.17 -10.10
CA PHE B 153 23.36 -2.41 -8.93
C PHE B 153 24.50 -3.06 -8.15
N TYR B 154 25.20 -2.25 -7.36
CA TYR B 154 26.13 -2.77 -6.37
C TYR B 154 25.52 -2.59 -4.99
N LEU B 155 25.88 -3.48 -4.07
CA LEU B 155 25.69 -3.26 -2.66
C LEU B 155 27.03 -2.90 -2.03
N ALA B 156 27.01 -1.99 -1.06
CA ALA B 156 28.23 -1.60 -0.35
C ALA B 156 28.05 -1.53 1.16
N PHE B 157 29.11 -1.86 1.88
CA PHE B 157 29.08 -1.90 3.34
C PHE B 157 30.13 -0.95 3.88
N GLN B 158 29.72 -0.04 4.75
CA GLN B 158 30.62 0.95 5.30
C GLN B 158 30.82 0.72 6.80
N ASP B 159 32.06 0.49 7.18
CA ASP B 159 32.44 0.36 8.57
C ASP B 159 33.03 1.67 9.07
N VAL B 160 32.54 2.13 10.20
CA VAL B 160 33.04 3.35 10.84
C VAL B 160 33.75 3.08 12.18
N GLY B 161 34.17 1.84 12.39
CA GLY B 161 34.98 1.48 13.56
C GLY B 161 34.38 0.41 14.43
N ALA B 162 33.80 -0.61 13.81
CA ALA B 162 33.26 -1.74 14.54
C ALA B 162 34.13 -2.99 14.33
N CYS B 163 33.83 -4.06 15.04
CA CYS B 163 34.53 -5.32 14.87
C CYS B 163 33.52 -6.35 14.35
N ILE B 164 33.51 -6.49 13.03
CA ILE B 164 32.44 -7.15 12.30
C ILE B 164 32.94 -8.36 11.52
N ALA B 165 32.18 -9.45 11.59
CA ALA B 165 32.32 -10.53 10.64
C ALA B 165 31.03 -10.62 9.85
N LEU B 166 31.09 -10.21 8.60
CA LEU B 166 29.97 -10.35 7.67
C LEU B 166 30.09 -11.75 7.08
N VAL B 167 29.27 -12.66 7.60
CA VAL B 167 29.40 -14.09 7.35
C VAL B 167 28.59 -14.54 6.14
N SER B 168 27.51 -13.82 5.83
CA SER B 168 26.66 -14.18 4.70
C SER B 168 25.93 -12.97 4.15
N VAL B 169 25.88 -12.89 2.81
CA VAL B 169 25.10 -11.89 2.09
C VAL B 169 24.28 -12.62 1.04
N LYS B 170 22.96 -12.46 1.11
CA LYS B 170 22.08 -13.00 0.07
C LYS B 170 21.17 -11.92 -0.50
N VAL B 171 20.99 -11.94 -1.82
CA VAL B 171 20.15 -10.98 -2.52
C VAL B 171 19.16 -11.79 -3.35
N TYR B 172 17.87 -11.55 -3.13
CA TYR B 172 16.83 -12.36 -3.75
C TYR B 172 15.56 -11.56 -4.00
N TYR B 173 14.72 -12.05 -4.90
CA TYR B 173 13.38 -11.50 -5.10
C TYR B 173 12.35 -12.61 -5.16
N LYS B 174 11.08 -12.23 -5.03
CA LYS B 174 9.96 -13.18 -5.10
C LYS B 174 9.24 -13.06 -6.42
N LYS B 175 8.79 -14.20 -6.95
CA LYS B 175 8.02 -14.25 -8.20
C LYS B 175 6.59 -13.73 -8.03
N ALA C 2 -18.50 -5.39 -20.85
CA ALA C 2 -19.27 -5.55 -19.59
C ALA C 2 -18.92 -4.48 -18.56
N GLU C 3 -19.97 -3.95 -17.91
CA GLU C 3 -19.84 -2.96 -16.84
C GLU C 3 -19.57 -3.64 -15.50
N VAL C 4 -18.70 -3.04 -14.69
CA VAL C 4 -18.42 -3.54 -13.33
C VAL C 4 -18.62 -2.42 -12.30
N LEU C 5 -19.54 -2.66 -11.35
CA LEU C 5 -19.89 -1.66 -10.35
C LEU C 5 -19.00 -1.68 -9.13
N LEU C 6 -18.41 -0.52 -8.83
CA LEU C 6 -17.57 -0.34 -7.65
C LEU C 6 -18.35 0.19 -6.44
N LEU C 7 -19.43 0.91 -6.72
CA LEU C 7 -20.28 1.51 -5.68
C LEU C 7 -21.67 1.85 -6.20
N ASP C 8 -22.67 1.62 -5.37
CA ASP C 8 -24.04 2.05 -5.65
C ASP C 8 -24.64 2.49 -4.32
N SER C 9 -25.06 3.76 -4.27
CA SER C 9 -25.64 4.35 -3.05
C SER C 9 -26.90 3.62 -2.58
N LYS C 10 -27.50 2.87 -3.50
CA LYS C 10 -28.73 2.12 -3.28
C LYS C 10 -28.44 0.85 -2.47
N ALA C 11 -27.33 0.20 -2.79
CA ALA C 11 -26.92 -1.05 -2.15
C ALA C 11 -25.83 -0.78 -1.12
N GLU C 17 -21.90 4.04 7.20
CA GLU C 17 -22.63 5.26 6.83
C GLU C 17 -21.68 6.34 6.32
N TRP C 18 -22.11 7.07 5.28
CA TRP C 18 -21.32 8.15 4.70
C TRP C 18 -21.14 9.30 5.69
N ILE C 19 -19.94 9.88 5.71
CA ILE C 19 -19.62 10.98 6.62
C ILE C 19 -20.17 12.31 6.11
N SER C 20 -20.92 12.99 6.98
CA SER C 20 -21.42 14.35 6.71
C SER C 20 -20.71 15.35 7.61
N SER C 21 -20.10 16.36 7.01
CA SER C 21 -19.40 17.40 7.77
C SER C 21 -19.74 18.80 7.25
N PRO C 22 -20.56 19.57 8.00
CA PRO C 22 -21.15 19.22 9.30
C PRO C 22 -22.31 18.23 9.19
N PRO C 23 -22.65 17.52 10.28
CA PRO C 23 -23.74 16.54 10.25
C PRO C 23 -25.12 17.13 9.96
N ASN C 24 -25.31 18.42 10.21
CA ASN C 24 -26.58 19.07 9.89
C ASN C 24 -26.62 19.68 8.49
N GLY C 25 -25.63 19.36 7.66
CA GLY C 25 -25.61 19.79 6.27
C GLY C 25 -26.26 18.75 5.37
N TRP C 26 -25.44 17.90 4.78
CA TRP C 26 -25.94 16.76 4.01
C TRP C 26 -26.54 15.77 5.00
N GLU C 27 -27.82 15.44 4.81
CA GLU C 27 -28.51 14.48 5.65
C GLU C 27 -29.09 13.36 4.79
N GLU C 28 -28.91 12.14 5.27
CA GLU C 28 -29.40 10.96 4.58
C GLU C 28 -30.89 10.76 4.88
N ILE C 29 -31.66 10.52 3.84
CA ILE C 29 -33.05 10.11 3.99
C ILE C 29 -33.30 8.86 3.16
N SER C 30 -33.83 7.84 3.80
CA SER C 30 -34.14 6.58 3.14
C SER C 30 -35.62 6.50 2.78
N GLY C 31 -35.92 5.68 1.78
CA GLY C 31 -37.29 5.44 1.34
C GLY C 31 -37.38 4.37 0.27
N LEU C 32 -38.50 4.35 -0.43
CA LEU C 32 -38.70 3.40 -1.52
C LEU C 32 -38.88 4.10 -2.85
N ASP C 33 -38.46 3.44 -3.93
CA ASP C 33 -38.85 3.87 -5.26
C ASP C 33 -40.19 3.20 -5.60
N GLU C 34 -40.68 3.42 -6.82
CA GLU C 34 -42.01 2.94 -7.19
C GLU C 34 -42.11 1.41 -7.40
N ASN C 35 -40.96 0.75 -7.50
CA ASN C 35 -40.91 -0.72 -7.55
C ASN C 35 -40.68 -1.34 -6.17
N TYR C 36 -40.72 -0.51 -5.13
CA TYR C 36 -40.52 -0.91 -3.72
C TYR C 36 -39.05 -1.24 -3.37
N THR C 37 -38.14 -0.79 -4.22
CA THR C 37 -36.71 -0.93 -3.99
C THR C 37 -36.24 0.13 -2.98
N PRO C 38 -35.53 -0.29 -1.91
CA PRO C 38 -35.00 0.70 -0.98
C PRO C 38 -33.96 1.58 -1.66
N ILE C 39 -34.08 2.89 -1.42
CA ILE C 39 -33.13 3.86 -1.97
C ILE C 39 -32.63 4.77 -0.85
N ARG C 40 -31.47 5.38 -1.08
CA ARG C 40 -30.92 6.33 -0.13
C ARG C 40 -30.68 7.66 -0.82
N THR C 41 -31.21 8.73 -0.24
CA THR C 41 -30.97 10.06 -0.77
C THR C 41 -30.20 10.86 0.25
N TYR C 42 -29.37 11.78 -0.24
CA TYR C 42 -28.66 12.72 0.62
C TYR C 42 -29.07 14.11 0.21
N GLN C 43 -29.53 14.89 1.18
CA GLN C 43 -30.13 16.17 0.89
C GLN C 43 -29.51 17.28 1.72
N VAL C 44 -29.47 18.47 1.14
CA VAL C 44 -28.99 19.67 1.81
C VAL C 44 -29.64 20.88 1.15
N CYS C 45 -30.07 21.85 1.96
CA CYS C 45 -30.76 23.05 1.44
C CYS C 45 -30.70 24.18 2.45
N GLN C 46 -29.48 24.55 2.86
CA GLN C 46 -29.31 25.62 3.84
C GLN C 46 -29.16 26.96 3.13
N VAL C 47 -30.18 27.31 2.36
CA VAL C 47 -30.17 28.53 1.54
C VAL C 47 -30.39 29.82 2.33
N MET C 48 -30.85 29.68 3.58
CA MET C 48 -31.14 30.82 4.44
C MET C 48 -29.91 31.31 5.21
N GLU C 49 -28.93 30.43 5.39
CA GLU C 49 -27.74 30.74 6.17
C GLU C 49 -26.50 30.88 5.28
N PRO C 50 -25.75 31.97 5.45
CA PRO C 50 -24.65 32.33 4.54
C PRO C 50 -23.40 31.48 4.74
N ASN C 51 -22.51 31.50 3.74
CA ASN C 51 -21.22 30.80 3.77
C ASN C 51 -21.34 29.30 4.07
N GLN C 52 -22.13 28.61 3.26
CA GLN C 52 -22.28 27.17 3.40
C GLN C 52 -21.05 26.42 2.92
N ASN C 53 -20.65 25.42 3.70
CA ASN C 53 -19.51 24.59 3.38
C ASN C 53 -19.82 23.18 3.86
N ASN C 54 -20.76 22.52 3.18
CA ASN C 54 -21.24 21.22 3.60
C ASN C 54 -20.65 20.09 2.80
N TRP C 55 -19.99 19.16 3.50
CA TRP C 55 -19.29 18.07 2.85
C TRP C 55 -19.95 16.75 3.15
N LEU C 56 -19.98 15.91 2.13
CA LEU C 56 -20.42 14.53 2.24
C LEU C 56 -19.37 13.67 1.57
N ARG C 57 -18.96 12.59 2.23
CA ARG C 57 -17.94 11.70 1.72
C ARG C 57 -18.43 10.25 1.73
N THR C 58 -18.21 9.55 0.62
CA THR C 58 -18.45 8.11 0.56
C THR C 58 -17.43 7.39 1.42
N ASN C 59 -17.66 6.09 1.65
CA ASN C 59 -16.63 5.24 2.21
C ASN C 59 -15.51 5.01 1.20
N TRP C 60 -14.43 4.37 1.66
CA TRP C 60 -13.31 4.06 0.79
C TRP C 60 -13.75 3.09 -0.30
N ILE C 61 -13.38 3.41 -1.54
CA ILE C 61 -13.74 2.59 -2.69
C ILE C 61 -12.50 1.95 -3.26
N SER C 62 -12.49 0.62 -3.30
CA SER C 62 -11.44 -0.13 -4.00
C SER C 62 -11.64 0.01 -5.51
N LYS C 63 -10.58 0.34 -6.22
CA LYS C 63 -10.64 0.48 -7.68
C LYS C 63 -10.68 -0.87 -8.40
N GLY C 64 -10.10 -1.90 -7.77
CA GLY C 64 -10.04 -3.24 -8.36
C GLY C 64 -9.18 -3.29 -9.62
N ASN C 65 -9.78 -3.76 -10.72
CA ASN C 65 -9.07 -3.85 -12.00
C ASN C 65 -9.34 -2.64 -12.91
N ALA C 66 -9.88 -1.58 -12.32
CA ALA C 66 -10.26 -0.39 -13.07
C ALA C 66 -9.06 0.40 -13.57
N GLN C 67 -9.21 0.93 -14.77
CA GLN C 67 -8.31 1.93 -15.29
C GLN C 67 -9.07 3.26 -15.19
N ARG C 68 -9.79 3.62 -16.26
CA ARG C 68 -10.65 4.78 -16.20
C ARG C 68 -11.93 4.46 -15.45
N ILE C 69 -12.33 5.40 -14.60
CA ILE C 69 -13.43 5.23 -13.67
C ILE C 69 -14.53 6.22 -14.03
N PHE C 70 -15.77 5.73 -14.10
CA PHE C 70 -16.91 6.59 -14.32
C PHE C 70 -17.70 6.79 -13.03
N VAL C 71 -18.18 8.02 -12.83
CA VAL C 71 -19.01 8.37 -11.69
C VAL C 71 -20.32 8.97 -12.23
N GLU C 72 -21.45 8.35 -11.90
CA GLU C 72 -22.75 8.88 -12.29
C GLU C 72 -23.53 9.40 -11.09
N LEU C 73 -23.95 10.66 -11.18
CA LEU C 73 -24.78 11.29 -10.15
C LEU C 73 -26.17 11.60 -10.68
N LYS C 74 -27.19 11.25 -9.91
CA LYS C 74 -28.57 11.66 -10.21
C LYS C 74 -29.05 12.52 -9.04
N PHE C 75 -29.61 13.68 -9.36
CA PHE C 75 -29.92 14.68 -8.34
C PHE C 75 -30.98 15.64 -8.82
N THR C 76 -31.71 16.22 -7.87
CA THR C 76 -32.51 17.39 -8.16
C THR C 76 -31.78 18.58 -7.57
N LEU C 77 -32.07 19.76 -8.10
CA LEU C 77 -31.44 20.99 -7.66
C LEU C 77 -32.39 22.14 -7.98
N ARG C 78 -32.83 22.85 -6.94
CA ARG C 78 -33.82 23.91 -7.10
C ARG C 78 -33.26 25.18 -7.69
N ASP C 79 -34.03 25.79 -8.58
CA ASP C 79 -33.76 27.13 -9.08
C ASP C 79 -33.91 28.09 -7.89
N CYS C 80 -32.92 28.97 -7.73
CA CYS C 80 -32.91 29.94 -6.64
C CYS C 80 -34.14 30.85 -6.65
N ASN C 81 -34.55 31.28 -7.85
CA ASN C 81 -35.73 32.12 -8.03
C ASN C 81 -37.04 31.49 -7.53
N SER C 82 -37.08 30.15 -7.47
CA SER C 82 -38.25 29.42 -7.01
C SER C 82 -38.31 29.26 -5.48
N LEU C 83 -37.24 29.68 -4.82
CA LEU C 83 -37.17 29.64 -3.36
C LEU C 83 -37.47 31.04 -2.79
N PRO C 84 -38.43 31.12 -1.85
CA PRO C 84 -38.81 32.42 -1.28
C PRO C 84 -37.81 32.95 -0.25
N GLY C 85 -37.58 34.26 -0.27
CA GLY C 85 -36.75 34.94 0.73
C GLY C 85 -35.26 34.65 0.68
N VAL C 86 -34.78 34.05 -0.41
CA VAL C 86 -33.34 33.82 -0.59
C VAL C 86 -32.60 35.10 -0.95
N LEU C 87 -31.28 35.05 -0.82
CA LEU C 87 -30.44 36.19 -1.18
C LEU C 87 -29.43 35.76 -2.25
N GLY C 88 -28.55 36.68 -2.64
CA GLY C 88 -27.52 36.42 -3.64
C GLY C 88 -26.42 35.49 -3.17
N THR C 89 -26.75 34.65 -2.17
CA THR C 89 -25.84 33.64 -1.66
C THR C 89 -26.24 32.27 -2.22
N CYS C 90 -27.50 32.17 -2.66
CA CYS C 90 -28.06 30.93 -3.19
C CYS C 90 -27.31 30.47 -4.44
N LYS C 91 -26.98 29.18 -4.48
CA LYS C 91 -26.25 28.59 -5.61
C LYS C 91 -27.07 27.56 -6.37
N GLU C 92 -26.65 27.28 -7.60
CA GLU C 92 -27.34 26.31 -8.45
C GLU C 92 -26.37 25.25 -8.98
N THR C 93 -25.22 25.14 -8.33
CA THR C 93 -24.25 24.09 -8.63
C THR C 93 -23.73 23.49 -7.33
N PHE C 94 -23.08 22.34 -7.42
CA PHE C 94 -22.26 21.82 -6.32
C PHE C 94 -20.95 21.21 -6.83
N ASN C 95 -20.03 20.91 -5.92
CA ASN C 95 -18.73 20.42 -6.34
C ASN C 95 -18.50 18.95 -6.05
N LEU C 96 -17.88 18.26 -7.01
CA LEU C 96 -17.48 16.88 -6.87
C LEU C 96 -15.96 16.79 -6.70
N TYR C 97 -15.54 16.07 -5.66
CA TYR C 97 -14.12 15.89 -5.36
C TYR C 97 -13.77 14.41 -5.23
N TYR C 98 -12.47 14.11 -5.27
CA TYR C 98 -11.98 12.80 -4.84
C TYR C 98 -10.64 12.91 -4.11
N TYR C 99 -10.39 11.95 -3.23
CA TYR C 99 -9.09 11.80 -2.63
C TYR C 99 -8.66 10.35 -2.78
N GLU C 100 -7.55 10.19 -3.48
CA GLU C 100 -6.92 8.91 -3.73
C GLU C 100 -6.07 8.52 -2.51
N THR C 101 -6.19 7.28 -2.06
CA THR C 101 -5.37 6.77 -0.95
C THR C 101 -5.27 5.23 -0.92
N ASP C 102 -4.10 4.73 -0.54
CA ASP C 102 -3.83 3.29 -0.46
C ASP C 102 -4.64 2.60 0.62
N TYR C 103 -4.84 3.28 1.75
CA TYR C 103 -5.52 2.70 2.91
C TYR C 103 -6.58 3.61 3.49
N ASP C 104 -7.71 3.00 3.88
CA ASP C 104 -8.80 3.70 4.54
C ASP C 104 -8.33 4.25 5.90
N THR C 105 -7.90 5.51 5.89
CA THR C 105 -7.07 6.10 6.95
C THR C 105 -7.81 6.62 8.17
N GLY C 106 -9.02 7.17 7.97
CA GLY C 106 -9.77 7.74 9.08
C GLY C 106 -11.11 8.31 8.66
N ARG C 107 -12.00 8.49 9.63
CA ARG C 107 -13.34 8.97 9.38
C ARG C 107 -13.46 10.49 9.53
N ASN C 108 -12.55 11.23 8.89
CA ASN C 108 -12.63 12.69 8.83
C ASN C 108 -12.54 13.24 7.41
N ILE C 109 -13.16 14.39 7.19
CA ILE C 109 -13.05 15.07 5.88
C ILE C 109 -12.12 16.28 5.97
N ARG C 110 -10.88 16.09 5.54
N ARG C 110 -10.88 16.10 5.56
CA ARG C 110 -9.89 17.17 5.48
CA ARG C 110 -9.92 17.20 5.50
C ARG C 110 -9.95 17.80 4.09
C ARG C 110 -9.91 17.83 4.12
N GLU C 111 -10.62 18.95 4.01
CA GLU C 111 -10.84 19.69 2.77
C GLU C 111 -9.60 19.84 1.84
N ASN C 112 -8.46 20.13 2.45
CA ASN C 112 -7.21 20.40 1.71
C ASN C 112 -6.68 19.25 0.86
N LEU C 113 -7.05 18.02 1.21
CA LEU C 113 -6.52 16.83 0.53
C LEU C 113 -7.31 16.45 -0.73
N TYR C 114 -8.48 17.05 -0.89
CA TYR C 114 -9.38 16.68 -1.99
C TYR C 114 -9.07 17.39 -3.30
N VAL C 115 -9.16 16.62 -4.39
CA VAL C 115 -8.93 17.15 -5.73
C VAL C 115 -10.28 17.28 -6.41
N LYS C 116 -10.57 18.48 -6.93
CA LYS C 116 -11.84 18.75 -7.58
C LYS C 116 -11.92 18.04 -8.91
N ILE C 117 -13.01 17.29 -9.11
CA ILE C 117 -13.27 16.67 -10.40
C ILE C 117 -13.96 17.69 -11.31
N ASP C 118 -15.07 18.25 -10.84
CA ASP C 118 -15.80 19.23 -11.63
C ASP C 118 -16.86 19.94 -10.79
N THR C 119 -17.36 21.05 -11.33
CA THR C 119 -18.59 21.66 -10.87
C THR C 119 -19.74 20.90 -11.51
N ILE C 120 -20.75 20.57 -10.70
CA ILE C 120 -21.92 19.82 -11.16
C ILE C 120 -23.14 20.73 -11.19
N ALA C 121 -23.77 20.81 -12.36
CA ALA C 121 -24.93 21.67 -12.57
C ALA C 121 -26.15 20.90 -13.07
N ALA C 122 -27.33 21.43 -12.76
CA ALA C 122 -28.60 20.91 -13.27
C ALA C 122 -28.73 21.17 -14.77
N ASP C 123 -29.66 20.46 -15.40
CA ASP C 123 -30.05 20.74 -16.77
C ASP C 123 -30.58 22.16 -16.87
N GLU C 124 -30.38 22.77 -18.03
CA GLU C 124 -30.98 24.07 -18.35
C GLU C 124 -32.51 23.99 -18.17
N SER C 125 -33.08 24.98 -17.50
CA SER C 125 -34.55 25.03 -17.28
C SER C 125 -35.22 26.14 -18.10
N LYS C 135 -42.30 22.02 -11.36
CA LYS C 135 -42.04 20.60 -11.18
C LYS C 135 -40.58 20.29 -11.47
N MET C 136 -39.86 19.84 -10.43
CA MET C 136 -38.44 19.55 -10.57
C MET C 136 -38.20 18.29 -11.38
N LYS C 137 -37.18 18.33 -12.24
CA LYS C 137 -36.80 17.19 -13.04
C LYS C 137 -35.49 16.60 -12.51
N LEU C 138 -35.25 15.34 -12.83
CA LEU C 138 -34.04 14.66 -12.43
C LEU C 138 -32.89 14.95 -13.39
N ASN C 139 -31.77 15.37 -12.84
CA ASN C 139 -30.55 15.57 -13.61
C ASN C 139 -29.65 14.36 -13.47
N THR C 140 -28.99 14.00 -14.56
CA THR C 140 -27.99 12.93 -14.53
C THR C 140 -26.68 13.47 -15.12
N GLU C 141 -25.60 13.34 -14.37
CA GLU C 141 -24.27 13.82 -14.78
C GLU C 141 -23.22 12.74 -14.59
N VAL C 142 -22.40 12.54 -15.62
CA VAL C 142 -21.35 11.52 -15.58
C VAL C 142 -19.99 12.21 -15.73
N ARG C 143 -19.03 11.79 -14.91
CA ARG C 143 -17.65 12.26 -15.01
C ARG C 143 -16.72 11.07 -15.07
N GLU C 144 -15.65 11.20 -15.84
CA GLU C 144 -14.64 10.15 -15.98
C GLU C 144 -13.36 10.60 -15.28
N ILE C 145 -12.85 9.76 -14.38
CA ILE C 145 -11.59 10.04 -13.69
C ILE C 145 -10.56 8.93 -13.92
N GLY C 146 -9.32 9.18 -13.53
CA GLY C 146 -8.28 8.17 -13.56
C GLY C 146 -7.53 8.09 -14.88
N PRO C 147 -6.70 7.03 -15.06
CA PRO C 147 -6.45 5.97 -14.08
C PRO C 147 -5.84 6.46 -12.76
N LEU C 148 -6.13 5.76 -11.67
CA LEU C 148 -5.62 6.13 -10.35
C LEU C 148 -4.35 5.37 -10.03
N SER C 149 -3.48 6.01 -9.25
CA SER C 149 -2.21 5.42 -8.81
C SER C 149 -2.34 4.58 -7.54
N LYS C 150 -3.22 5.01 -6.64
CA LYS C 150 -3.40 4.36 -5.34
C LYS C 150 -4.41 3.22 -5.41
N LYS C 151 -4.46 2.43 -4.34
CA LYS C 151 -5.34 1.25 -4.26
C LYS C 151 -6.82 1.61 -4.31
N GLY C 152 -7.18 2.76 -3.75
CA GLY C 152 -8.57 3.20 -3.74
C GLY C 152 -8.75 4.69 -3.54
N PHE C 153 -9.99 5.10 -3.25
CA PHE C 153 -10.33 6.51 -3.20
C PHE C 153 -11.67 6.76 -2.50
N TYR C 154 -11.83 8.00 -2.05
CA TYR C 154 -13.10 8.50 -1.53
C TYR C 154 -13.65 9.49 -2.55
N LEU C 155 -14.98 9.54 -2.66
CA LEU C 155 -15.66 10.60 -3.38
C LEU C 155 -16.27 11.53 -2.36
N ALA C 156 -16.29 12.82 -2.67
CA ALA C 156 -16.86 13.84 -1.79
C ALA C 156 -17.70 14.84 -2.56
N PHE C 157 -18.74 15.32 -1.88
CA PHE C 157 -19.67 16.28 -2.46
C PHE C 157 -19.68 17.50 -1.57
N GLN C 158 -19.34 18.65 -2.14
CA GLN C 158 -19.34 19.90 -1.39
C GLN C 158 -20.47 20.81 -1.83
N ASP C 159 -21.34 21.15 -0.87
CA ASP C 159 -22.39 22.11 -1.10
C ASP C 159 -21.98 23.49 -0.58
N VAL C 160 -22.19 24.52 -1.40
CA VAL C 160 -21.86 25.89 -1.01
C VAL C 160 -23.07 26.81 -0.89
N GLY C 161 -24.27 26.22 -0.83
CA GLY C 161 -25.49 27.01 -0.62
C GLY C 161 -26.60 26.75 -1.61
N ALA C 162 -26.66 25.53 -2.15
CA ALA C 162 -27.69 25.12 -3.09
C ALA C 162 -28.77 24.27 -2.40
N CYS C 163 -29.83 23.96 -3.12
CA CYS C 163 -30.92 23.12 -2.60
C CYS C 163 -30.93 21.80 -3.37
N ILE C 164 -30.28 20.79 -2.81
CA ILE C 164 -29.95 19.57 -3.55
C ILE C 164 -30.50 18.31 -2.89
N ALA C 165 -30.97 17.39 -3.72
CA ALA C 165 -31.25 16.02 -3.30
C ALA C 165 -30.45 15.10 -4.20
N LEU C 166 -29.42 14.49 -3.62
CA LEU C 166 -28.61 13.52 -4.34
C LEU C 166 -29.26 12.16 -4.22
N VAL C 167 -29.81 11.70 -5.34
CA VAL C 167 -30.73 10.57 -5.36
C VAL C 167 -30.04 9.25 -5.72
N SER C 168 -28.91 9.33 -6.42
CA SER C 168 -28.15 8.13 -6.80
C SER C 168 -26.70 8.48 -7.05
N VAL C 169 -25.80 7.64 -6.57
CA VAL C 169 -24.39 7.71 -6.91
C VAL C 169 -23.95 6.33 -7.35
N LYS C 170 -23.40 6.25 -8.56
CA LYS C 170 -22.85 5.00 -9.07
C LYS C 170 -21.42 5.21 -9.56
N VAL C 171 -20.56 4.28 -9.18
CA VAL C 171 -19.15 4.30 -9.59
C VAL C 171 -18.86 2.96 -10.25
N TYR C 172 -18.33 3.00 -11.48
CA TYR C 172 -18.21 1.82 -12.32
C TYR C 172 -17.12 1.99 -13.38
N TYR C 173 -16.71 0.88 -13.99
CA TYR C 173 -15.75 0.90 -15.09
C TYR C 173 -16.14 -0.12 -16.16
N LYS C 174 -15.47 -0.06 -17.31
CA LYS C 174 -15.72 -0.97 -18.44
C LYS C 174 -14.51 -1.86 -18.69
N LYS C 175 -14.75 -3.11 -19.07
CA LYS C 175 -13.67 -4.04 -19.40
C LYS C 175 -13.44 -4.10 -20.92
N ALA D 2 50.74 29.02 15.85
CA ALA D 2 49.88 29.86 14.97
C ALA D 2 49.75 29.25 13.58
N GLU D 3 50.89 28.97 12.96
CA GLU D 3 50.93 28.30 11.66
C GLU D 3 51.41 26.86 11.83
N VAL D 4 50.69 25.93 11.20
CA VAL D 4 51.05 24.51 11.24
C VAL D 4 51.33 24.02 9.80
N LEU D 5 52.47 23.38 9.61
CA LEU D 5 52.84 22.86 8.30
C LEU D 5 52.27 21.47 8.07
N LEU D 6 51.61 21.30 6.93
CA LEU D 6 51.15 19.99 6.48
C LEU D 6 52.18 19.38 5.53
N LEU D 7 52.90 20.25 4.83
CA LEU D 7 53.98 19.83 3.95
C LEU D 7 55.05 20.93 3.83
N ASP D 8 56.30 20.51 3.85
CA ASP D 8 57.44 21.40 3.70
C ASP D 8 58.47 20.66 2.86
N SER D 9 58.58 21.02 1.59
CA SER D 9 59.56 20.39 0.70
C SER D 9 60.99 20.65 1.16
N LYS D 10 61.16 21.67 2.00
CA LYS D 10 62.49 22.05 2.52
C LYS D 10 62.79 21.48 3.91
N ALA D 11 61.95 20.56 4.39
CA ALA D 11 62.23 19.85 5.64
C ALA D 11 63.40 18.90 5.42
N GLN D 12 64.28 18.80 6.42
CA GLN D 12 65.55 18.07 6.29
C GLN D 12 65.48 16.61 6.74
N GLN D 13 64.28 16.12 6.99
CA GLN D 13 64.07 14.72 7.33
C GLN D 13 64.05 13.83 6.09
N THR D 14 63.73 12.55 6.25
CA THR D 14 63.64 11.60 5.15
C THR D 14 62.82 12.19 4.00
N GLU D 15 63.43 12.24 2.81
CA GLU D 15 62.84 12.91 1.66
C GLU D 15 61.48 12.36 1.25
N LEU D 16 60.61 13.24 0.77
CA LEU D 16 59.27 12.88 0.34
C LEU D 16 59.31 12.31 -1.08
N GLU D 17 58.62 11.21 -1.28
CA GLU D 17 58.55 10.57 -2.59
C GLU D 17 57.50 11.28 -3.46
N TRP D 18 57.98 11.96 -4.51
CA TRP D 18 57.11 12.61 -5.49
C TRP D 18 57.17 11.85 -6.81
N ILE D 19 56.10 11.93 -7.58
CA ILE D 19 55.96 11.15 -8.81
C ILE D 19 55.80 12.03 -10.04
N SER D 20 56.53 11.68 -11.09
CA SER D 20 56.45 12.38 -12.37
C SER D 20 55.78 11.50 -13.40
N SER D 21 54.86 12.09 -14.16
CA SER D 21 54.26 11.42 -15.31
C SER D 21 54.16 12.39 -16.50
N PRO D 22 54.95 12.12 -17.56
CA PRO D 22 55.92 11.02 -17.71
C PRO D 22 57.17 11.23 -16.84
N PRO D 23 57.89 10.13 -16.51
CA PRO D 23 59.12 10.19 -15.71
C PRO D 23 60.22 11.12 -16.27
N ASN D 24 60.28 11.26 -17.59
N ASN D 24 60.28 11.28 -17.59
CA ASN D 24 61.25 12.15 -18.23
CA ASN D 24 61.26 12.15 -18.22
C ASN D 24 60.80 13.60 -18.35
C ASN D 24 60.78 13.59 -18.38
N GLY D 25 59.63 13.91 -17.79
CA GLY D 25 59.09 15.27 -17.81
C GLY D 25 59.74 16.10 -16.72
N TRP D 26 59.04 16.24 -15.59
CA TRP D 26 59.60 16.84 -14.39
C TRP D 26 60.71 15.97 -13.83
N GLU D 27 61.86 16.57 -13.59
CA GLU D 27 62.99 15.83 -13.03
C GLU D 27 63.50 16.48 -11.75
N GLU D 28 63.77 15.65 -10.75
CA GLU D 28 64.36 16.13 -9.52
C GLU D 28 65.84 16.42 -9.72
N ILE D 29 66.25 17.63 -9.40
CA ILE D 29 67.66 18.01 -9.43
C ILE D 29 68.05 18.63 -8.10
N SER D 30 68.99 17.98 -7.43
CA SER D 30 69.43 18.37 -6.09
C SER D 30 70.75 19.12 -6.10
N GLY D 31 70.95 19.97 -5.10
CA GLY D 31 72.19 20.69 -4.91
C GLY D 31 72.35 21.11 -3.45
N LEU D 32 73.28 22.02 -3.19
CA LEU D 32 73.53 22.49 -1.84
C LEU D 32 73.59 24.01 -1.75
N ASP D 33 73.01 24.53 -0.67
CA ASP D 33 73.10 25.95 -0.30
C ASP D 33 74.54 26.31 0.04
N GLU D 34 74.79 27.60 0.27
CA GLU D 34 76.09 28.06 0.77
C GLU D 34 76.32 27.59 2.20
N ASN D 35 75.23 27.36 2.92
CA ASN D 35 75.24 26.78 4.26
C ASN D 35 75.28 25.26 4.26
N TYR D 36 75.40 24.68 3.06
CA TYR D 36 75.37 23.23 2.83
C TYR D 36 74.00 22.61 3.14
N THR D 37 72.99 23.47 3.23
CA THR D 37 71.61 23.04 3.34
C THR D 37 71.17 22.48 1.98
N PRO D 38 70.67 21.24 1.96
CA PRO D 38 70.26 20.61 0.70
C PRO D 38 69.04 21.30 0.08
N ILE D 39 69.09 21.48 -1.23
CA ILE D 39 67.97 22.04 -1.98
C ILE D 39 67.49 21.03 -3.02
N ARG D 40 66.21 20.70 -2.95
CA ARG D 40 65.60 19.74 -3.87
C ARG D 40 64.70 20.53 -4.80
N THR D 41 65.01 20.49 -6.09
CA THR D 41 64.18 21.17 -7.07
C THR D 41 63.56 20.16 -8.03
N TYR D 42 62.45 20.55 -8.62
CA TYR D 42 61.87 19.80 -9.72
C TYR D 42 61.83 20.71 -10.92
N GLN D 43 62.32 20.21 -12.04
CA GLN D 43 62.51 21.03 -13.23
C GLN D 43 62.03 20.38 -14.50
N VAL D 44 61.59 21.20 -15.43
CA VAL D 44 61.14 20.78 -16.74
C VAL D 44 61.35 21.95 -17.70
N CYS D 45 61.93 21.66 -18.87
CA CYS D 45 62.22 22.69 -19.88
C CYS D 45 62.14 22.12 -21.30
N GLN D 46 61.00 21.50 -21.60
CA GLN D 46 60.75 20.96 -22.93
C GLN D 46 60.06 22.01 -23.80
N VAL D 47 60.77 23.11 -24.04
CA VAL D 47 60.22 24.22 -24.83
C VAL D 47 60.45 24.02 -26.33
N MET D 48 61.32 23.08 -26.68
CA MET D 48 61.68 22.81 -28.08
C MET D 48 60.77 21.76 -28.70
N GLU D 49 60.05 21.01 -27.86
CA GLU D 49 59.18 19.93 -28.34
C GLU D 49 57.70 20.20 -28.03
N PRO D 50 56.82 19.96 -29.03
CA PRO D 50 55.41 20.32 -28.91
C PRO D 50 54.59 19.33 -28.08
N ASN D 51 53.34 19.70 -27.79
CA ASN D 51 52.38 18.87 -27.07
C ASN D 51 52.87 18.40 -25.70
N GLN D 52 53.37 19.33 -24.90
CA GLN D 52 53.84 19.00 -23.56
C GLN D 52 52.69 18.94 -22.57
N ASN D 53 52.73 17.93 -21.71
CA ASN D 53 51.72 17.70 -20.68
C ASN D 53 52.35 16.89 -19.54
N ASN D 54 53.18 17.58 -18.77
CA ASN D 54 54.02 16.93 -17.77
C ASN D 54 53.49 17.15 -16.36
N TRP D 55 53.17 16.05 -15.69
CA TRP D 55 52.58 16.11 -14.36
C TRP D 55 53.55 15.70 -13.27
N LEU D 56 53.48 16.45 -12.17
CA LEU D 56 54.26 16.16 -10.98
C LEU D 56 53.30 16.17 -9.79
N ARG D 57 53.37 15.12 -8.99
CA ARG D 57 52.44 14.94 -7.89
C ARG D 57 53.19 14.73 -6.58
N THR D 58 52.76 15.43 -5.54
CA THR D 58 53.32 15.25 -4.20
C THR D 58 52.90 13.91 -3.60
N ASN D 59 53.51 13.58 -2.46
CA ASN D 59 53.03 12.53 -1.57
C ASN D 59 51.63 12.90 -1.09
N TRP D 60 50.91 11.92 -0.55
CA TRP D 60 49.63 12.14 0.08
C TRP D 60 49.82 13.03 1.30
N ILE D 61 49.00 14.07 1.38
CA ILE D 61 49.09 15.01 2.49
C ILE D 61 47.88 14.84 3.41
N SER D 62 48.15 14.55 4.67
CA SER D 62 47.11 14.54 5.69
C SER D 62 46.74 15.98 6.02
N LYS D 63 45.44 16.28 6.05
CA LYS D 63 44.98 17.65 6.32
C LYS D 63 44.98 17.97 7.82
N GLY D 64 45.05 16.95 8.66
CA GLY D 64 45.03 17.13 10.11
C GLY D 64 43.81 17.87 10.60
N ASN D 65 44.05 18.91 11.40
CA ASN D 65 42.97 19.72 11.95
C ASN D 65 42.73 21.02 11.16
N ALA D 66 43.16 21.03 9.89
CA ALA D 66 43.03 22.20 9.03
C ALA D 66 41.60 22.44 8.57
N GLN D 67 41.25 23.72 8.40
CA GLN D 67 40.04 24.10 7.69
C GLN D 67 40.46 24.56 6.30
N ARG D 68 40.61 25.87 6.10
N ARG D 68 40.61 25.87 6.09
CA ARG D 68 41.15 26.41 4.86
CA ARG D 68 41.13 26.38 4.84
C ARG D 68 42.67 26.21 4.82
C ARG D 68 42.65 26.24 4.80
N ILE D 69 43.18 25.83 3.66
CA ILE D 69 44.59 25.48 3.51
C ILE D 69 45.30 26.43 2.55
N PHE D 70 46.52 26.82 2.92
CA PHE D 70 47.36 27.68 2.10
C PHE D 70 48.45 26.87 1.42
N VAL D 71 48.68 27.16 0.15
CA VAL D 71 49.72 26.51 -0.64
C VAL D 71 50.69 27.59 -1.14
N GLU D 72 51.96 27.48 -0.77
CA GLU D 72 52.97 28.42 -1.25
C GLU D 72 53.93 27.76 -2.21
N LEU D 73 54.06 28.34 -3.40
CA LEU D 73 55.00 27.84 -4.39
C LEU D 73 56.07 28.88 -4.65
N LYS D 74 57.33 28.47 -4.59
CA LYS D 74 58.43 29.28 -5.07
C LYS D 74 59.05 28.61 -6.28
N PHE D 75 59.32 29.41 -7.31
CA PHE D 75 59.76 28.87 -8.59
C PHE D 75 60.40 29.95 -9.45
N THR D 76 61.30 29.52 -10.34
CA THR D 76 61.79 30.36 -11.42
C THR D 76 61.09 29.93 -12.69
N LEU D 77 60.89 30.87 -13.59
CA LEU D 77 60.21 30.59 -14.84
C LEU D 77 60.79 31.50 -15.90
N ARG D 78 61.62 30.92 -16.77
CA ARG D 78 62.35 31.69 -17.76
C ARG D 78 61.43 32.35 -18.78
N ASP D 79 61.70 33.62 -19.06
CA ASP D 79 60.94 34.39 -20.04
C ASP D 79 61.08 33.76 -21.43
N CYS D 80 59.95 33.65 -22.13
CA CYS D 80 59.91 33.06 -23.46
C CYS D 80 60.66 33.87 -24.52
N ASN D 81 60.94 35.14 -24.24
CA ASN D 81 61.76 35.98 -25.11
C ASN D 81 63.25 35.63 -25.06
N SER D 82 63.68 35.06 -23.93
CA SER D 82 65.09 34.71 -23.71
C SER D 82 65.43 33.28 -24.14
N LEU D 83 64.48 32.60 -24.79
CA LEU D 83 64.69 31.23 -25.25
C LEU D 83 64.66 31.16 -26.79
N PRO D 84 65.75 30.67 -27.41
CA PRO D 84 65.88 30.66 -28.88
C PRO D 84 65.16 29.49 -29.56
N GLY D 85 64.39 29.80 -30.61
CA GLY D 85 63.69 28.80 -31.41
C GLY D 85 62.41 28.27 -30.78
N VAL D 86 61.49 29.18 -30.45
CA VAL D 86 60.21 28.80 -29.83
C VAL D 86 59.02 29.12 -30.74
N CYS D 90 56.37 27.92 -26.56
CA CYS D 90 56.60 27.85 -25.12
C CYS D 90 55.55 28.64 -24.35
N LYS D 91 55.41 28.31 -23.07
CA LYS D 91 54.44 28.96 -22.19
C LYS D 91 55.14 29.68 -21.05
N GLU D 92 54.43 30.60 -20.41
CA GLU D 92 54.95 31.32 -19.24
C GLU D 92 54.13 31.05 -17.98
N THR D 93 53.30 30.00 -18.03
CA THR D 93 52.50 29.59 -16.89
C THR D 93 52.54 28.08 -16.70
N PHE D 94 52.19 27.63 -15.50
CA PHE D 94 51.87 26.23 -15.26
C PHE D 94 50.60 26.14 -14.43
N ASN D 95 50.05 24.93 -14.31
CA ASN D 95 48.77 24.75 -13.64
C ASN D 95 48.92 24.01 -12.32
N LEU D 96 48.12 24.43 -11.35
CA LEU D 96 48.12 23.84 -10.02
C LEU D 96 46.82 23.09 -9.78
N TYR D 97 46.93 21.87 -9.29
CA TYR D 97 45.78 21.00 -9.09
C TYR D 97 45.83 20.36 -7.71
N TYR D 98 44.69 19.82 -7.28
CA TYR D 98 44.64 18.96 -6.11
C TYR D 98 43.61 17.85 -6.28
N TYR D 99 43.75 16.80 -5.48
CA TYR D 99 42.78 15.71 -5.47
C TYR D 99 42.64 15.16 -4.06
N GLU D 100 41.41 15.12 -3.56
CA GLU D 100 41.13 14.61 -2.21
C GLU D 100 40.96 13.10 -2.20
N THR D 101 41.65 12.44 -1.27
CA THR D 101 41.38 11.03 -0.94
C THR D 101 41.50 10.84 0.56
N ASP D 102 40.85 9.80 1.07
CA ASP D 102 40.85 9.48 2.49
C ASP D 102 42.13 8.77 2.96
N TYR D 103 42.94 8.33 2.00
CA TYR D 103 44.18 7.59 2.26
C TYR D 103 45.03 7.58 1.00
N ASP D 104 46.30 7.23 1.16
CA ASP D 104 47.22 7.11 0.03
C ASP D 104 46.80 5.95 -0.87
N THR D 105 46.26 6.29 -2.03
CA THR D 105 45.94 5.30 -3.06
C THR D 105 47.21 4.99 -3.85
N GLY D 106 47.06 4.40 -5.04
CA GLY D 106 48.21 4.09 -5.89
C GLY D 106 49.20 5.23 -6.16
N ARG D 107 50.27 4.90 -6.84
CA ARG D 107 51.26 5.88 -7.27
C ARG D 107 50.94 6.44 -8.66
N ASN D 108 49.67 6.36 -9.04
CA ASN D 108 49.21 6.83 -10.33
C ASN D 108 48.75 8.29 -10.31
N ILE D 109 48.95 8.98 -11.43
CA ILE D 109 48.44 10.32 -11.61
C ILE D 109 47.27 10.27 -12.60
N ARG D 110 46.06 10.17 -12.05
CA ARG D 110 44.85 10.14 -12.85
C ARG D 110 44.40 11.58 -13.08
N GLU D 111 44.95 12.18 -14.12
CA GLU D 111 44.85 13.62 -14.40
C GLU D 111 43.42 14.16 -14.43
N ASN D 112 42.50 13.37 -14.96
CA ASN D 112 41.10 13.80 -15.09
C ASN D 112 40.30 13.76 -13.78
N LEU D 113 40.92 13.23 -12.72
CA LEU D 113 40.32 13.27 -11.39
C LEU D 113 40.66 14.56 -10.65
N TYR D 114 41.76 15.19 -11.05
CA TYR D 114 42.25 16.39 -10.35
C TYR D 114 41.39 17.62 -10.56
N VAL D 115 41.31 18.45 -9.52
CA VAL D 115 40.59 19.70 -9.58
C VAL D 115 41.59 20.86 -9.65
N LYS D 116 41.41 21.71 -10.65
CA LYS D 116 42.32 22.83 -10.88
C LYS D 116 42.10 23.93 -9.85
N ILE D 117 43.17 24.28 -9.16
CA ILE D 117 43.15 25.40 -8.23
C ILE D 117 43.25 26.71 -9.02
N ASP D 118 44.28 26.82 -9.86
CA ASP D 118 44.55 28.06 -10.60
C ASP D 118 45.69 27.88 -11.60
N THR D 119 45.77 28.81 -12.55
CA THR D 119 46.96 28.99 -13.38
C THR D 119 48.01 29.74 -12.53
N ILE D 120 49.26 29.29 -12.59
CA ILE D 120 50.34 29.93 -11.83
C ILE D 120 51.29 30.64 -12.78
N ALA D 121 51.43 31.96 -12.60
CA ALA D 121 52.28 32.77 -13.45
C ALA D 121 53.45 33.39 -12.69
N ALA D 122 54.53 33.67 -13.40
CA ALA D 122 55.66 34.41 -12.84
C ALA D 122 55.30 35.89 -12.70
N ASP D 123 56.07 36.60 -11.87
CA ASP D 123 55.98 38.06 -11.75
C ASP D 123 56.11 38.73 -13.12
N GLU D 124 55.54 39.91 -13.27
CA GLU D 124 55.62 40.69 -14.50
C GLU D 124 57.08 41.11 -14.78
N SER D 125 57.57 40.78 -15.97
CA SER D 125 58.92 41.17 -16.40
C SER D 125 59.04 41.27 -17.91
N LYS D 137 65.33 35.90 -10.75
CA LYS D 137 63.92 36.18 -10.45
C LYS D 137 63.23 34.99 -9.78
N LEU D 138 63.07 35.05 -8.46
CA LEU D 138 62.30 34.03 -7.76
C LEU D 138 60.86 34.47 -7.50
N ASN D 139 59.92 33.72 -8.06
CA ASN D 139 58.49 33.99 -7.91
C ASN D 139 57.92 33.27 -6.70
N THR D 140 57.03 33.96 -5.97
CA THR D 140 56.32 33.34 -4.87
C THR D 140 54.81 33.51 -5.08
N GLU D 141 54.10 32.39 -5.14
CA GLU D 141 52.66 32.39 -5.35
C GLU D 141 51.95 31.60 -4.25
N VAL D 142 50.93 32.22 -3.65
CA VAL D 142 50.12 31.57 -2.62
C VAL D 142 48.68 31.38 -3.09
N ARG D 143 48.13 30.19 -2.83
CA ARG D 143 46.71 29.90 -3.05
C ARG D 143 46.06 29.33 -1.81
N GLU D 144 44.81 29.75 -1.58
CA GLU D 144 44.02 29.25 -0.46
C GLU D 144 42.94 28.32 -0.98
N ILE D 145 42.91 27.10 -0.44
CA ILE D 145 41.90 26.09 -0.81
C ILE D 145 41.13 25.58 0.42
N GLY D 146 40.15 24.71 0.17
CA GLY D 146 39.39 24.10 1.25
C GLY D 146 38.28 24.99 1.77
N PRO D 147 37.62 24.57 2.88
CA PRO D 147 37.85 23.33 3.63
C PRO D 147 37.64 22.08 2.78
N LEU D 148 38.46 21.07 3.01
CA LEU D 148 38.33 19.79 2.32
C LEU D 148 37.53 18.81 3.17
N SER D 149 36.84 17.88 2.51
CA SER D 149 35.96 16.94 3.20
C SER D 149 36.62 15.61 3.52
N LYS D 150 37.66 15.24 2.76
CA LYS D 150 38.35 13.97 2.98
C LYS D 150 39.53 14.15 3.91
N LYS D 151 40.12 13.05 4.35
CA LYS D 151 41.22 13.08 5.32
C LYS D 151 42.50 13.69 4.76
N GLY D 152 42.72 13.57 3.46
CA GLY D 152 43.94 14.06 2.84
C GLY D 152 43.80 14.43 1.38
N PHE D 153 44.92 14.76 0.76
CA PHE D 153 44.93 15.25 -0.62
C PHE D 153 46.33 15.22 -1.24
N TYR D 154 46.38 15.20 -2.56
CA TYR D 154 47.62 15.38 -3.31
C TYR D 154 47.60 16.74 -3.99
N LEU D 155 48.77 17.35 -4.12
CA LEU D 155 48.92 18.50 -4.99
C LEU D 155 49.63 18.04 -6.25
N ALA D 156 49.23 18.61 -7.39
CA ALA D 156 49.86 18.27 -8.66
C ALA D 156 50.19 19.53 -9.46
N PHE D 157 51.27 19.44 -10.22
CA PHE D 157 51.77 20.56 -11.00
C PHE D 157 51.86 20.10 -12.44
N GLN D 158 51.13 20.80 -13.33
CA GLN D 158 51.09 20.45 -14.74
C GLN D 158 51.83 21.48 -15.58
N ASP D 159 52.88 21.02 -16.26
CA ASP D 159 53.61 21.83 -17.22
C ASP D 159 53.09 21.57 -18.63
N VAL D 160 52.86 22.64 -19.37
CA VAL D 160 52.39 22.53 -20.75
C VAL D 160 53.35 23.15 -21.77
N GLY D 161 54.60 23.36 -21.34
CA GLY D 161 55.66 23.81 -22.26
C GLY D 161 56.44 25.02 -21.81
N ALA D 162 56.66 25.12 -20.50
CA ALA D 162 57.43 26.21 -19.93
C ALA D 162 58.81 25.72 -19.49
N CYS D 163 59.67 26.67 -19.09
CA CYS D 163 60.97 26.34 -18.54
C CYS D 163 60.95 26.73 -17.07
N ILE D 164 60.62 25.76 -16.22
CA ILE D 164 60.33 26.00 -14.81
C ILE D 164 61.28 25.24 -13.91
N ALA D 165 61.65 25.89 -12.81
CA ALA D 165 62.28 25.21 -11.70
C ALA D 165 61.41 25.45 -10.47
N LEU D 166 60.70 24.41 -10.04
CA LEU D 166 59.92 24.47 -8.83
C LEU D 166 60.86 24.26 -7.65
N VAL D 167 61.05 25.33 -6.88
CA VAL D 167 62.12 25.41 -5.88
C VAL D 167 61.64 25.08 -4.48
N SER D 168 60.37 25.35 -4.21
CA SER D 168 59.83 25.20 -2.87
C SER D 168 58.32 25.03 -2.90
N VAL D 169 57.84 24.06 -2.12
CA VAL D 169 56.41 23.86 -1.91
C VAL D 169 56.15 23.79 -0.40
N LYS D 170 55.27 24.64 0.08
CA LYS D 170 54.87 24.62 1.47
C LYS D 170 53.35 24.62 1.58
N VAL D 171 52.83 23.74 2.43
CA VAL D 171 51.39 23.63 2.66
C VAL D 171 51.14 23.77 4.16
N TYR D 172 50.21 24.65 4.51
CA TYR D 172 50.02 25.04 5.92
C TYR D 172 48.63 25.61 6.18
N TYR D 173 48.26 25.68 7.45
CA TYR D 173 47.04 26.35 7.88
C TYR D 173 47.30 27.17 9.14
N LYS D 174 46.33 28.01 9.49
CA LYS D 174 46.40 28.86 10.67
C LYS D 174 45.41 28.41 11.73
N LYS D 175 45.85 28.44 12.99
CA LYS D 175 44.98 28.16 14.13
C LYS D 175 44.16 29.40 14.48
N ALA E 2 37.14 21.69 -49.24
CA ALA E 2 38.50 21.81 -48.63
C ALA E 2 38.56 21.04 -47.32
N GLU E 3 38.65 19.72 -47.43
CA GLU E 3 38.63 18.84 -46.27
C GLU E 3 39.99 18.72 -45.60
N VAL E 4 39.97 18.66 -44.27
CA VAL E 4 41.18 18.43 -43.45
C VAL E 4 40.90 17.36 -42.40
N LEU E 5 41.74 16.33 -42.42
CA LEU E 5 41.63 15.20 -41.50
C LEU E 5 42.23 15.51 -40.13
N LEU E 6 41.46 15.25 -39.08
CA LEU E 6 41.95 15.32 -37.72
C LEU E 6 42.43 13.95 -37.28
N LEU E 7 41.75 12.92 -37.79
CA LEU E 7 42.14 11.54 -37.60
C LEU E 7 41.72 10.72 -38.81
N ASP E 8 42.60 9.81 -39.22
CA ASP E 8 42.32 8.88 -40.29
C ASP E 8 42.95 7.54 -39.89
N SER E 9 42.10 6.60 -39.46
CA SER E 9 42.56 5.29 -39.02
C SER E 9 43.24 4.50 -40.15
N LYS E 10 42.98 4.93 -41.38
CA LYS E 10 43.58 4.34 -42.58
C LYS E 10 44.86 5.08 -43.02
N ALA E 11 45.24 6.11 -42.27
CA ALA E 11 46.38 6.95 -42.65
C ALA E 11 47.73 6.28 -42.45
N GLN E 12 48.73 6.84 -43.13
CA GLN E 12 50.14 6.45 -43.07
C GLN E 12 50.70 6.17 -41.67
N GLN E 13 50.13 6.82 -40.66
CA GLN E 13 50.57 6.74 -39.26
C GLN E 13 51.01 5.33 -38.83
N GLU E 17 48.37 1.39 -31.21
CA GLU E 17 47.07 0.72 -31.15
C GLU E 17 46.21 1.31 -30.04
N TRP E 18 44.92 1.42 -30.32
CA TRP E 18 43.94 1.99 -29.39
C TRP E 18 43.72 1.13 -28.15
N ILE E 19 43.25 1.75 -27.06
CA ILE E 19 43.03 1.06 -25.80
C ILE E 19 41.67 0.38 -25.71
N SER E 20 41.68 -0.87 -25.25
CA SER E 20 40.45 -1.62 -24.98
C SER E 20 40.28 -1.80 -23.47
N SER E 21 39.03 -1.70 -23.03
CA SER E 21 38.67 -1.99 -21.63
C SER E 21 37.28 -2.64 -21.59
N PRO E 22 37.21 -3.94 -21.24
CA PRO E 22 38.33 -4.82 -20.90
C PRO E 22 39.21 -5.14 -22.12
N PRO E 23 40.49 -5.51 -21.91
CA PRO E 23 41.42 -5.77 -23.02
C PRO E 23 40.98 -6.91 -23.93
N ASN E 24 40.21 -7.86 -23.39
CA ASN E 24 39.68 -8.99 -24.16
C ASN E 24 38.30 -8.72 -24.78
N GLY E 25 37.95 -7.44 -24.88
CA GLY E 25 36.68 -7.03 -25.49
C GLY E 25 36.87 -6.74 -26.96
N TRP E 26 37.06 -5.46 -27.27
CA TRP E 26 37.47 -5.05 -28.60
C TRP E 26 38.90 -5.49 -28.82
N GLU E 27 39.15 -6.17 -29.93
CA GLU E 27 40.50 -6.62 -30.27
C GLU E 27 40.92 -6.17 -31.65
N GLU E 28 42.15 -5.68 -31.74
CA GLU E 28 42.74 -5.26 -32.99
C GLU E 28 43.02 -6.48 -33.85
N ILE E 29 42.46 -6.50 -35.06
CA ILE E 29 42.73 -7.55 -36.02
C ILE E 29 43.08 -6.90 -37.35
N SER E 30 44.24 -7.26 -37.88
CA SER E 30 44.78 -6.59 -39.05
C SER E 30 45.01 -7.51 -40.24
N GLY E 31 45.12 -6.90 -41.42
CA GLY E 31 45.42 -7.64 -42.66
C GLY E 31 46.06 -6.73 -43.69
N LEU E 32 45.94 -7.10 -44.96
CA LEU E 32 46.49 -6.32 -46.07
C LEU E 32 45.54 -6.22 -47.27
N ASP E 33 45.54 -5.05 -47.91
CA ASP E 33 44.86 -4.80 -49.18
C ASP E 33 45.44 -5.57 -50.35
N GLU E 34 44.81 -5.44 -51.50
CA GLU E 34 45.39 -5.85 -52.79
C GLU E 34 46.66 -5.04 -53.04
N ASN E 35 46.70 -3.84 -52.47
CA ASN E 35 47.81 -2.90 -52.64
C ASN E 35 48.93 -3.06 -51.60
N TYR E 36 48.77 -4.05 -50.71
CA TYR E 36 49.71 -4.31 -49.60
C TYR E 36 49.68 -3.23 -48.53
N THR E 37 48.62 -2.44 -48.53
CA THR E 37 48.35 -1.45 -47.52
C THR E 37 47.73 -2.15 -46.30
N PRO E 38 48.26 -1.88 -45.10
CA PRO E 38 47.72 -2.50 -43.88
C PRO E 38 46.30 -2.05 -43.56
N ILE E 39 45.48 -3.00 -43.14
CA ILE E 39 44.11 -2.75 -42.71
C ILE E 39 44.05 -3.04 -41.22
N ARG E 40 43.65 -2.05 -40.44
CA ARG E 40 43.54 -2.23 -39.00
C ARG E 40 42.07 -2.14 -38.60
N THR E 41 41.57 -3.23 -38.02
CA THR E 41 40.18 -3.27 -37.59
C THR E 41 40.14 -3.59 -36.10
N TYR E 42 39.03 -3.22 -35.46
CA TYR E 42 38.79 -3.57 -34.08
C TYR E 42 37.47 -4.33 -34.04
N GLN E 43 37.51 -5.50 -33.45
CA GLN E 43 36.36 -6.41 -33.51
C GLN E 43 35.96 -6.95 -32.14
N VAL E 44 34.66 -7.14 -31.97
CA VAL E 44 34.10 -7.73 -30.76
C VAL E 44 32.81 -8.49 -31.12
N CYS E 45 32.70 -9.71 -30.62
CA CYS E 45 31.51 -10.52 -30.86
C CYS E 45 31.17 -11.36 -29.64
N GLN E 46 30.89 -10.69 -28.53
CA GLN E 46 30.58 -11.36 -27.27
C GLN E 46 29.07 -11.51 -27.05
N VAL E 47 28.36 -11.86 -28.13
CA VAL E 47 26.90 -12.01 -28.12
C VAL E 47 26.39 -13.22 -27.36
N MET E 48 27.31 -14.00 -26.79
CA MET E 48 26.94 -15.22 -26.09
C MET E 48 26.84 -15.02 -24.57
N GLU E 49 27.56 -14.04 -24.05
CA GLU E 49 27.54 -13.74 -22.63
C GLU E 49 26.82 -12.41 -22.30
N PRO E 50 26.02 -12.41 -21.21
CA PRO E 50 25.23 -11.23 -20.87
C PRO E 50 26.05 -10.10 -20.26
N ASN E 51 25.44 -8.92 -20.18
CA ASN E 51 26.00 -7.75 -19.50
C ASN E 51 27.32 -7.26 -20.09
N GLN E 52 27.35 -7.17 -21.41
CA GLN E 52 28.55 -6.69 -22.11
C GLN E 52 28.70 -5.19 -21.95
N ASN E 53 29.93 -4.77 -21.68
CA ASN E 53 30.28 -3.37 -21.53
C ASN E 53 31.72 -3.15 -22.02
N ASN E 54 31.88 -3.32 -23.33
CA ASN E 54 33.20 -3.30 -23.95
C ASN E 54 33.51 -1.97 -24.60
N TRP E 55 34.58 -1.34 -24.12
CA TRP E 55 34.96 -0.01 -24.56
C TRP E 55 36.24 -0.03 -25.38
N LEU E 56 36.26 0.81 -26.41
CA LEU E 56 37.42 1.03 -27.23
C LEU E 56 37.59 2.53 -27.37
N ARG E 57 38.80 3.02 -27.13
CA ARG E 57 39.06 4.44 -27.19
C ARG E 57 40.16 4.76 -28.20
N THR E 58 39.93 5.78 -29.02
CA THR E 58 40.96 6.29 -29.92
C THR E 58 42.07 6.98 -29.13
N ASN E 59 43.17 7.28 -29.82
CA ASN E 59 44.16 8.25 -29.39
C ASN E 59 43.53 9.62 -29.17
N TRP E 60 44.22 10.50 -28.44
CA TRP E 60 43.81 11.90 -28.30
C TRP E 60 43.85 12.58 -29.66
N ILE E 61 42.76 13.25 -30.00
CA ILE E 61 42.64 13.92 -31.29
C ILE E 61 42.67 15.43 -31.09
N SER E 62 43.64 16.10 -31.73
CA SER E 62 43.69 17.55 -31.73
C SER E 62 42.59 18.09 -32.63
N LYS E 63 41.87 19.11 -32.17
CA LYS E 63 40.77 19.70 -32.95
C LYS E 63 41.26 20.70 -33.99
N GLY E 64 42.49 21.20 -33.82
CA GLY E 64 43.06 22.20 -34.73
C GLY E 64 42.20 23.44 -34.88
N ASN E 65 41.94 23.82 -36.14
CA ASN E 65 41.14 25.01 -36.44
C ASN E 65 39.66 24.69 -36.70
N ALA E 66 39.23 23.52 -36.26
CA ALA E 66 37.86 23.05 -36.46
C ALA E 66 36.83 23.82 -35.64
N GLN E 67 35.64 23.97 -36.22
CA GLN E 67 34.46 24.39 -35.47
C GLN E 67 33.58 23.16 -35.27
N ARG E 68 32.68 22.90 -36.23
CA ARG E 68 31.90 21.66 -36.21
C ARG E 68 32.71 20.53 -36.83
N ILE E 69 32.64 19.36 -36.19
CA ILE E 69 33.50 18.23 -36.54
C ILE E 69 32.67 17.05 -37.01
N PHE E 70 33.11 16.41 -38.09
CA PHE E 70 32.44 15.24 -38.63
C PHE E 70 33.19 13.98 -38.24
N VAL E 71 32.43 12.97 -37.81
CA VAL E 71 32.96 11.67 -37.44
C VAL E 71 32.31 10.61 -38.31
N GLU E 72 33.12 9.95 -39.14
CA GLU E 72 32.64 8.87 -40.01
C GLU E 72 33.10 7.51 -39.51
N LEU E 73 32.14 6.62 -39.31
CA LEU E 73 32.44 5.25 -38.89
C LEU E 73 32.03 4.27 -39.97
N LYS E 74 32.94 3.36 -40.33
CA LYS E 74 32.62 2.24 -41.22
C LYS E 74 32.76 0.93 -40.46
N PHE E 75 31.76 0.06 -40.60
CA PHE E 75 31.67 -1.14 -39.78
C PHE E 75 30.72 -2.18 -40.37
N THR E 76 30.98 -3.44 -40.05
CA THR E 76 30.03 -4.50 -40.30
C THR E 76 29.39 -4.83 -38.96
N LEU E 77 28.15 -5.31 -39.02
CA LEU E 77 27.42 -5.67 -37.82
C LEU E 77 26.48 -6.80 -38.21
N ARG E 78 26.63 -7.94 -37.56
CA ARG E 78 25.91 -9.14 -37.99
C ARG E 78 24.47 -9.16 -37.49
N ASP E 79 23.56 -9.52 -38.39
CA ASP E 79 22.15 -9.74 -38.08
C ASP E 79 22.05 -10.78 -36.96
N CYS E 80 21.44 -10.38 -35.85
CA CYS E 80 21.23 -11.26 -34.69
C CYS E 80 20.50 -12.55 -35.06
N ASN E 81 19.62 -12.48 -36.06
CA ASN E 81 18.91 -13.64 -36.58
C ASN E 81 19.82 -14.64 -37.31
N SER E 82 20.94 -14.15 -37.84
CA SER E 82 21.89 -15.00 -38.57
C SER E 82 22.87 -15.75 -37.65
N LEU E 83 22.84 -15.41 -36.36
CA LEU E 83 23.71 -16.05 -35.37
C LEU E 83 22.93 -17.04 -34.49
N PRO E 84 23.40 -18.30 -34.42
CA PRO E 84 22.71 -19.34 -33.65
C PRO E 84 23.01 -19.28 -32.16
N GLY E 85 22.02 -19.62 -31.34
CA GLY E 85 22.17 -19.69 -29.89
C GLY E 85 22.27 -18.36 -29.18
N VAL E 86 21.80 -17.29 -29.83
CA VAL E 86 21.82 -15.94 -29.24
C VAL E 86 20.81 -15.79 -28.10
N GLY E 88 18.32 -14.35 -26.51
CA GLY E 88 17.97 -12.99 -26.94
C GLY E 88 18.76 -11.92 -26.21
N THR E 89 20.09 -12.05 -26.24
CA THR E 89 20.99 -11.06 -25.64
C THR E 89 21.80 -10.31 -26.69
N CYS E 90 21.42 -10.47 -27.96
CA CYS E 90 22.12 -9.85 -29.09
C CYS E 90 21.56 -8.47 -29.43
N LYS E 91 22.45 -7.57 -29.81
CA LYS E 91 22.08 -6.20 -30.19
C LYS E 91 22.53 -5.91 -31.63
N GLU E 92 21.89 -4.92 -32.25
CA GLU E 92 22.25 -4.52 -33.61
C GLU E 92 22.72 -3.06 -33.66
N THR E 93 23.10 -2.56 -32.50
CA THR E 93 23.64 -1.21 -32.36
C THR E 93 24.86 -1.21 -31.44
N PHE E 94 25.66 -0.15 -31.54
CA PHE E 94 26.66 0.19 -30.53
C PHE E 94 26.61 1.67 -30.22
N ASN E 95 27.28 2.10 -29.16
CA ASN E 95 27.22 3.49 -28.72
C ASN E 95 28.51 4.25 -29.01
N LEU E 96 28.37 5.42 -29.65
CA LEU E 96 29.49 6.34 -29.85
C LEU E 96 29.56 7.35 -28.69
N TYR E 97 30.73 7.45 -28.07
CA TYR E 97 30.99 8.37 -26.96
C TYR E 97 32.17 9.31 -27.27
N TYR E 98 32.27 10.39 -26.51
CA TYR E 98 33.45 11.26 -26.57
C TYR E 98 33.73 11.93 -25.25
N TYR E 99 34.97 12.40 -25.09
CA TYR E 99 35.38 13.14 -23.92
C TYR E 99 36.41 14.18 -24.34
N GLU E 100 36.10 15.45 -24.05
CA GLU E 100 36.98 16.56 -24.37
C GLU E 100 38.06 16.71 -23.31
N THR E 101 39.29 16.93 -23.76
CA THR E 101 40.41 17.26 -22.87
C THR E 101 41.42 18.14 -23.60
N ASP E 102 42.12 18.98 -22.84
CA ASP E 102 43.04 19.95 -23.41
C ASP E 102 44.34 19.30 -23.89
N TYR E 103 44.69 18.16 -23.30
CA TYR E 103 45.90 17.41 -23.64
C TYR E 103 45.68 15.92 -23.49
N ASP E 104 46.51 15.12 -24.16
CA ASP E 104 46.49 13.66 -24.01
C ASP E 104 46.84 13.30 -22.57
N THR E 105 45.87 12.72 -21.88
CA THR E 105 45.98 12.47 -20.44
C THR E 105 46.46 11.05 -20.10
N GLY E 106 46.68 10.23 -21.12
CA GLY E 106 47.27 8.91 -20.91
C GLY E 106 46.36 7.75 -21.26
N ARG E 107 46.92 6.55 -21.21
CA ARG E 107 46.23 5.34 -21.61
C ARG E 107 45.35 4.75 -20.49
N ASN E 108 44.20 5.37 -20.29
CA ASN E 108 43.18 4.90 -19.35
C ASN E 108 41.79 5.33 -19.79
N ILE E 109 40.84 4.41 -19.72
CA ILE E 109 39.44 4.70 -20.03
C ILE E 109 38.67 4.75 -18.72
N ARG E 110 38.37 5.97 -18.28
CA ARG E 110 37.46 6.17 -17.15
C ARG E 110 36.09 6.39 -17.77
N GLU E 111 35.33 5.31 -17.84
CA GLU E 111 34.08 5.25 -18.62
C GLU E 111 33.06 6.32 -18.24
N ASN E 112 32.99 6.63 -16.94
CA ASN E 112 32.05 7.60 -16.39
C ASN E 112 32.22 9.05 -16.90
N LEU E 113 33.42 9.38 -17.37
CA LEU E 113 33.71 10.72 -17.89
C LEU E 113 33.16 10.95 -19.31
N TYR E 114 32.86 9.86 -20.01
CA TYR E 114 32.44 9.92 -21.40
C TYR E 114 31.00 10.37 -21.60
N VAL E 115 30.78 11.15 -22.65
CA VAL E 115 29.45 11.67 -22.99
C VAL E 115 28.98 11.02 -24.31
N LYS E 116 27.76 10.49 -24.29
CA LYS E 116 27.18 9.84 -25.45
C LYS E 116 26.88 10.86 -26.55
N ILE E 117 27.30 10.52 -27.77
CA ILE E 117 26.95 11.29 -28.96
C ILE E 117 25.64 10.76 -29.54
N ASP E 118 25.60 9.46 -29.81
CA ASP E 118 24.42 8.83 -30.42
C ASP E 118 24.53 7.31 -30.40
N THR E 119 23.38 6.65 -30.56
CA THR E 119 23.33 5.24 -30.85
C THR E 119 23.69 5.06 -32.33
N ILE E 120 24.52 4.06 -32.61
CA ILE E 120 24.96 3.77 -33.98
C ILE E 120 24.40 2.42 -34.43
N ALA E 121 23.53 2.47 -35.45
CA ALA E 121 22.85 1.29 -35.96
C ALA E 121 23.31 0.93 -37.36
N ALA E 122 23.28 -0.37 -37.66
CA ALA E 122 23.53 -0.84 -39.01
C ALA E 122 22.37 -0.48 -39.95
N ASP E 123 22.61 -0.56 -41.25
CA ASP E 123 21.57 -0.40 -42.25
C ASP E 123 20.46 -1.42 -42.02
N GLU E 124 19.23 -1.05 -42.40
CA GLU E 124 18.08 -1.94 -42.29
C GLU E 124 18.34 -3.28 -43.01
N SER E 125 19.01 -3.21 -44.16
CA SER E 125 19.41 -4.39 -44.91
C SER E 125 20.85 -4.79 -44.61
N PHE E 126 21.11 -6.09 -44.57
CA PHE E 126 22.42 -6.61 -44.17
C PHE E 126 23.29 -7.14 -45.32
N THR E 127 22.80 -7.02 -46.56
CA THR E 127 23.59 -7.39 -47.73
C THR E 127 23.71 -6.24 -48.75
N LYS E 135 27.55 -10.35 -50.75
CA LYS E 135 28.44 -9.46 -50.01
C LYS E 135 27.77 -8.87 -48.77
N MET E 136 28.46 -8.97 -47.64
CA MET E 136 28.01 -8.37 -46.39
C MET E 136 27.95 -6.85 -46.53
N LYS E 137 26.95 -6.25 -45.89
CA LYS E 137 26.79 -4.80 -45.90
C LYS E 137 27.87 -4.12 -45.07
N LEU E 138 28.63 -3.24 -45.70
CA LEU E 138 29.53 -2.34 -44.98
C LEU E 138 28.75 -1.06 -44.66
N ASN E 139 28.46 -0.86 -43.38
CA ASN E 139 27.72 0.30 -42.91
C ASN E 139 28.60 1.52 -42.75
N THR E 140 28.08 2.68 -43.14
CA THR E 140 28.75 3.95 -42.90
C THR E 140 27.80 4.88 -42.18
N GLU E 141 28.19 5.32 -40.99
CA GLU E 141 27.42 6.28 -40.21
C GLU E 141 28.24 7.53 -39.91
N VAL E 142 27.66 8.69 -40.17
CA VAL E 142 28.32 9.98 -39.91
C VAL E 142 27.57 10.78 -38.84
N ARG E 143 28.32 11.32 -37.88
CA ARG E 143 27.79 12.23 -36.88
C ARG E 143 28.59 13.53 -36.87
N GLU E 144 27.89 14.67 -36.77
CA GLU E 144 28.60 15.93 -36.62
C GLU E 144 28.48 16.49 -35.21
N ILE E 145 29.63 16.82 -34.62
CA ILE E 145 29.74 17.23 -33.23
C ILE E 145 30.34 18.62 -33.10
N GLY E 146 30.41 19.13 -31.88
CA GLY E 146 31.04 20.42 -31.62
C GLY E 146 30.10 21.60 -31.82
N PRO E 147 30.65 22.83 -31.78
CA PRO E 147 32.06 23.13 -31.54
C PRO E 147 32.51 22.68 -30.15
N LEU E 148 33.76 22.27 -30.03
CA LEU E 148 34.32 21.83 -28.76
C LEU E 148 34.95 23.02 -28.05
N SER E 149 34.75 23.08 -26.73
CA SER E 149 35.31 24.16 -25.92
C SER E 149 36.74 23.84 -25.47
N LYS E 150 37.15 22.59 -25.65
CA LYS E 150 38.50 22.17 -25.29
C LYS E 150 39.37 21.91 -26.52
N LYS E 151 40.67 21.75 -26.31
CA LYS E 151 41.64 21.73 -27.41
C LYS E 151 41.70 20.40 -28.17
N GLY E 152 41.16 19.35 -27.55
CA GLY E 152 41.13 18.02 -28.16
C GLY E 152 40.11 17.13 -27.49
N PHE E 153 40.12 15.86 -27.87
CA PHE E 153 39.09 14.92 -27.42
C PHE E 153 39.44 13.47 -27.79
N TYR E 154 38.81 12.53 -27.09
CA TYR E 154 38.86 11.11 -27.43
C TYR E 154 37.51 10.67 -27.95
N LEU E 155 37.51 9.75 -28.91
CA LEU E 155 36.29 9.06 -29.28
C LEU E 155 36.33 7.67 -28.67
N ALA E 156 35.16 7.21 -28.23
CA ALA E 156 35.05 5.90 -27.62
C ALA E 156 33.86 5.17 -28.22
N PHE E 157 33.97 3.85 -28.29
CA PHE E 157 32.93 3.02 -28.84
C PHE E 157 32.59 1.97 -27.78
N GLN E 158 31.33 1.95 -27.37
CA GLN E 158 30.87 0.99 -26.38
C GLN E 158 29.99 -0.06 -27.02
N ASP E 159 30.43 -1.31 -26.92
CA ASP E 159 29.66 -2.46 -27.35
C ASP E 159 28.90 -3.02 -26.17
N VAL E 160 27.62 -3.29 -26.37
CA VAL E 160 26.75 -3.82 -25.32
C VAL E 160 26.18 -5.21 -25.65
N GLY E 161 26.75 -5.86 -26.66
CA GLY E 161 26.34 -7.20 -27.05
C GLY E 161 26.02 -7.36 -28.52
N ALA E 162 26.88 -6.82 -29.39
CA ALA E 162 26.70 -6.95 -30.83
C ALA E 162 27.91 -7.64 -31.46
N CYS E 163 27.77 -8.08 -32.70
CA CYS E 163 28.86 -8.74 -33.42
C CYS E 163 29.39 -7.78 -34.48
N ILE E 164 30.41 -7.02 -34.10
CA ILE E 164 30.87 -5.85 -34.85
C ILE E 164 32.31 -5.98 -35.29
N ALA E 165 32.60 -5.45 -36.48
CA ALA E 165 33.96 -5.16 -36.88
C ALA E 165 33.98 -3.68 -37.24
N LEU E 166 34.70 -2.89 -36.45
CA LEU E 166 34.89 -1.48 -36.76
C LEU E 166 36.07 -1.36 -37.71
N VAL E 167 35.77 -0.97 -38.95
CA VAL E 167 36.71 -1.07 -40.06
C VAL E 167 37.43 0.25 -40.33
N SER E 168 36.76 1.37 -40.03
CA SER E 168 37.30 2.68 -40.40
C SER E 168 36.75 3.79 -39.51
N VAL E 169 37.65 4.67 -39.08
CA VAL E 169 37.27 5.85 -38.31
C VAL E 169 37.95 7.05 -38.93
N LYS E 170 37.14 8.00 -39.39
CA LYS E 170 37.66 9.24 -39.94
C LYS E 170 37.04 10.44 -39.26
N VAL E 171 37.90 11.36 -38.84
CA VAL E 171 37.49 12.58 -38.17
C VAL E 171 38.03 13.75 -38.98
N TYR E 172 37.14 14.67 -39.35
CA TYR E 172 37.48 15.74 -40.29
C TYR E 172 36.56 16.95 -40.11
N TYR E 173 36.99 18.10 -40.65
CA TYR E 173 36.14 19.27 -40.75
C TYR E 173 36.29 19.94 -42.11
N LYS E 174 35.32 20.78 -42.47
CA LYS E 174 35.34 21.49 -43.74
C LYS E 174 35.69 22.96 -43.53
N LYS E 175 36.33 23.56 -44.53
CA LYS E 175 36.80 24.94 -44.45
C LYS E 175 36.11 25.82 -45.49
N ALA F 2 -5.77 -33.77 -1.33
CA ALA F 2 -6.91 -34.73 -1.32
C ALA F 2 -7.90 -34.44 -0.19
N GLU F 3 -7.40 -33.92 0.92
CA GLU F 3 -8.21 -33.67 2.11
C GLU F 3 -8.71 -32.22 2.17
N VAL F 4 -9.99 -32.05 2.48
CA VAL F 4 -10.60 -30.74 2.63
C VAL F 4 -11.17 -30.56 4.05
N LEU F 5 -10.68 -29.55 4.75
CA LEU F 5 -11.12 -29.25 6.11
C LEU F 5 -12.45 -28.52 6.13
N LEU F 6 -13.31 -28.87 7.09
CA LEU F 6 -14.59 -28.19 7.29
C LEU F 6 -14.54 -27.35 8.56
N LEU F 7 -13.79 -27.83 9.55
CA LEU F 7 -13.52 -27.10 10.78
C LEU F 7 -12.16 -27.50 11.32
N ASP F 8 -11.38 -26.49 11.72
CA ASP F 8 -10.07 -26.71 12.32
C ASP F 8 -9.91 -25.71 13.46
N SER F 9 -9.93 -26.22 14.69
CA SER F 9 -9.80 -25.40 15.89
C SER F 9 -8.38 -24.86 16.09
N LYS F 10 -7.42 -25.44 15.36
CA LYS F 10 -6.02 -25.00 15.41
C LYS F 10 -5.75 -23.79 14.49
N ALA F 11 -6.69 -23.51 13.58
CA ALA F 11 -6.60 -22.34 12.70
C ALA F 11 -7.36 -21.15 13.30
N GLN F 12 -8.65 -21.37 13.59
CA GLN F 12 -9.52 -20.40 14.27
C GLN F 12 -9.76 -19.06 13.54
N GLN F 13 -9.07 -18.01 13.96
CA GLN F 13 -9.34 -16.62 13.54
C GLN F 13 -10.77 -16.19 13.86
N GLU F 17 -15.71 -17.67 20.24
CA GLU F 17 -15.59 -18.88 21.04
C GLU F 17 -16.71 -19.87 20.71
N TRP F 18 -16.73 -20.99 21.44
CA TRP F 18 -17.83 -21.94 21.37
C TRP F 18 -18.73 -21.78 22.59
N ILE F 19 -19.98 -22.25 22.48
CA ILE F 19 -20.94 -22.12 23.58
C ILE F 19 -20.92 -23.31 24.55
N SER F 20 -20.92 -23.00 25.83
CA SER F 20 -20.98 -23.99 26.90
C SER F 20 -22.32 -23.92 27.63
N SER F 21 -22.88 -25.09 27.94
CA SER F 21 -24.07 -25.19 28.77
C SER F 21 -23.89 -26.31 29.79
N PRO F 22 -23.80 -25.98 31.09
CA PRO F 22 -23.79 -24.63 31.66
C PRO F 22 -22.48 -23.88 31.39
N PRO F 23 -22.51 -22.53 31.44
CA PRO F 23 -21.32 -21.70 31.19
C PRO F 23 -20.12 -22.01 32.08
N ASN F 24 -20.37 -22.52 33.28
CA ASN F 24 -19.29 -22.89 34.21
C ASN F 24 -18.85 -24.36 34.12
N GLY F 25 -19.35 -25.07 33.12
CA GLY F 25 -18.97 -26.46 32.88
C GLY F 25 -17.66 -26.50 32.11
N TRP F 26 -17.77 -26.59 30.78
CA TRP F 26 -16.60 -26.48 29.90
C TRP F 26 -16.11 -25.05 29.88
N GLU F 27 -14.88 -24.84 30.35
CA GLU F 27 -14.25 -23.52 30.32
C GLU F 27 -13.14 -23.50 29.27
N GLU F 28 -13.05 -22.40 28.53
CA GLU F 28 -11.95 -22.21 27.61
C GLU F 28 -10.71 -21.76 28.37
N ILE F 29 -9.60 -22.47 28.16
CA ILE F 29 -8.33 -22.11 28.75
C ILE F 29 -7.26 -22.05 27.66
N SER F 30 -6.59 -20.90 27.57
CA SER F 30 -5.68 -20.63 26.46
C SER F 30 -4.22 -20.53 26.87
N GLY F 31 -3.34 -20.70 25.89
CA GLY F 31 -1.92 -20.54 26.09
C GLY F 31 -1.20 -20.36 24.77
N LEU F 32 0.12 -20.55 24.81
CA LEU F 32 0.97 -20.45 23.64
C LEU F 32 1.92 -21.64 23.61
N ASP F 33 2.15 -22.20 22.42
CA ASP F 33 3.15 -23.23 22.28
C ASP F 33 4.55 -22.62 22.10
N GLU F 34 5.56 -23.48 21.95
CA GLU F 34 6.96 -23.04 21.85
C GLU F 34 7.23 -22.17 20.62
N ASN F 35 6.29 -22.19 19.68
CA ASN F 35 6.37 -21.41 18.44
C ASN F 35 5.55 -20.11 18.50
N TYR F 36 4.94 -19.87 19.64
CA TYR F 36 4.08 -18.69 19.90
C TYR F 36 2.75 -18.76 19.15
N THR F 37 2.40 -19.96 18.69
CA THR F 37 1.11 -20.27 18.12
C THR F 37 0.11 -20.40 19.27
N PRO F 38 -1.06 -19.75 19.14
CA PRO F 38 -2.14 -19.83 20.13
C PRO F 38 -2.68 -21.24 20.31
N ILE F 39 -2.73 -21.70 21.56
CA ILE F 39 -3.40 -22.95 21.91
C ILE F 39 -4.71 -22.63 22.62
N ARG F 40 -5.81 -23.11 22.07
N ARG F 40 -5.81 -23.07 22.02
CA ARG F 40 -7.12 -22.90 22.69
CA ARG F 40 -7.13 -22.97 22.62
C ARG F 40 -7.80 -24.22 23.05
C ARG F 40 -7.55 -24.35 23.08
N THR F 41 -7.95 -24.45 24.35
CA THR F 41 -8.52 -25.70 24.87
C THR F 41 -9.82 -25.43 25.60
N TYR F 42 -10.66 -26.45 25.68
CA TYR F 42 -11.84 -26.42 26.54
C TYR F 42 -11.70 -27.52 27.58
N GLN F 43 -11.81 -27.13 28.85
CA GLN F 43 -11.54 -28.04 29.94
C GLN F 43 -12.68 -28.13 30.93
N VAL F 44 -12.81 -29.29 31.56
CA VAL F 44 -13.85 -29.55 32.55
C VAL F 44 -13.36 -30.64 33.50
N CYS F 45 -13.53 -30.42 34.80
CA CYS F 45 -13.06 -31.36 35.81
C CYS F 45 -13.87 -31.25 37.10
N GLN F 46 -15.17 -31.49 36.99
CA GLN F 46 -16.07 -31.48 38.15
C GLN F 46 -16.29 -32.92 38.63
N VAL F 47 -15.23 -33.55 39.11
CA VAL F 47 -15.29 -34.93 39.57
C VAL F 47 -15.78 -35.05 41.01
N MET F 48 -15.71 -33.94 41.75
CA MET F 48 -16.12 -33.90 43.16
C MET F 48 -17.60 -33.50 43.32
N GLU F 49 -18.35 -33.53 42.23
CA GLU F 49 -19.77 -33.17 42.24
C GLU F 49 -20.63 -34.16 41.46
N PRO F 50 -21.80 -34.53 42.03
CA PRO F 50 -22.70 -35.47 41.36
C PRO F 50 -23.55 -34.82 40.27
N ASN F 51 -24.16 -35.65 39.42
CA ASN F 51 -25.10 -35.23 38.37
C ASN F 51 -24.53 -34.24 37.35
N GLN F 52 -23.32 -34.50 36.88
CA GLN F 52 -22.70 -33.61 35.89
C GLN F 52 -23.26 -33.82 34.50
N ASN F 53 -23.73 -32.72 33.90
CA ASN F 53 -24.25 -32.73 32.54
C ASN F 53 -23.76 -31.48 31.82
N ASN F 54 -22.49 -31.51 31.44
CA ASN F 54 -21.83 -30.36 30.85
C ASN F 54 -21.66 -30.48 29.35
N TRP F 55 -22.26 -29.54 28.62
CA TRP F 55 -22.26 -29.57 27.17
C TRP F 55 -21.42 -28.45 26.57
N LEU F 56 -20.74 -28.78 25.48
CA LEU F 56 -20.00 -27.82 24.69
C LEU F 56 -20.34 -28.03 23.23
N ARG F 57 -20.72 -26.96 22.55
CA ARG F 57 -21.13 -27.05 21.16
C ARG F 57 -20.20 -26.19 20.30
N THR F 58 -19.79 -26.75 19.16
CA THR F 58 -19.06 -25.96 18.17
C THR F 58 -20.00 -24.97 17.49
N ASN F 59 -19.41 -24.06 16.72
CA ASN F 59 -20.19 -23.22 15.84
C ASN F 59 -20.67 -24.05 14.65
N TRP F 60 -21.65 -23.53 13.92
CA TRP F 60 -22.23 -24.24 12.78
C TRP F 60 -21.16 -24.60 11.75
N ILE F 61 -21.22 -25.82 11.24
CA ILE F 61 -20.23 -26.31 10.28
C ILE F 61 -20.90 -26.64 8.96
N SER F 62 -20.46 -25.96 7.90
CA SER F 62 -20.94 -26.26 6.55
C SER F 62 -20.30 -27.56 6.06
N LYS F 63 -21.12 -28.46 5.52
CA LYS F 63 -20.59 -29.74 5.02
C LYS F 63 -19.87 -29.59 3.68
N GLY F 64 -20.20 -28.54 2.94
CA GLY F 64 -19.62 -28.33 1.61
C GLY F 64 -19.93 -29.47 0.66
N ASN F 65 -18.89 -29.99 0.02
CA ASN F 65 -19.04 -31.08 -0.96
C ASN F 65 -18.77 -32.47 -0.36
N ALA F 66 -18.88 -32.56 0.96
CA ALA F 66 -18.61 -33.78 1.70
C ALA F 66 -19.73 -34.82 1.56
N GLN F 67 -19.32 -36.09 1.51
CA GLN F 67 -20.24 -37.20 1.65
C GLN F 67 -20.06 -37.73 3.07
N ARG F 68 -19.11 -38.65 3.26
CA ARG F 68 -18.74 -39.10 4.59
C ARG F 68 -17.78 -38.12 5.26
N ILE F 69 -18.03 -37.84 6.54
CA ILE F 69 -17.28 -36.83 7.28
C ILE F 69 -16.52 -37.45 8.45
N PHE F 70 -15.24 -37.08 8.57
CA PHE F 70 -14.40 -37.52 9.69
C PHE F 70 -14.26 -36.42 10.75
N VAL F 71 -14.26 -36.84 12.01
CA VAL F 71 -14.13 -35.97 13.16
C VAL F 71 -12.95 -36.44 14.02
N GLU F 72 -11.92 -35.60 14.16
CA GLU F 72 -10.78 -35.96 14.98
C GLU F 72 -10.74 -35.14 16.27
N LEU F 73 -10.72 -35.83 17.39
CA LEU F 73 -10.63 -35.19 18.71
C LEU F 73 -9.30 -35.55 19.38
N LYS F 74 -8.59 -34.52 19.84
CA LYS F 74 -7.41 -34.72 20.67
C LYS F 74 -7.69 -34.19 22.07
N PHE F 75 -7.36 -35.00 23.08
CA PHE F 75 -7.76 -34.71 24.45
C PHE F 75 -6.91 -35.45 25.48
N THR F 76 -6.77 -34.85 26.66
CA THR F 76 -6.27 -35.57 27.83
C THR F 76 -7.46 -35.95 28.68
N LEU F 77 -7.30 -37.03 29.43
CA LEU F 77 -8.34 -37.54 30.30
C LEU F 77 -7.66 -38.31 31.42
N ARG F 78 -7.76 -37.78 32.63
CA ARG F 78 -7.05 -38.33 33.77
C ARG F 78 -7.68 -39.60 34.34
N ASP F 79 -6.82 -40.47 34.86
CA ASP F 79 -7.26 -41.64 35.61
C ASP F 79 -8.01 -41.17 36.85
N CYS F 80 -9.15 -41.81 37.12
CA CYS F 80 -9.90 -41.53 38.33
C CYS F 80 -9.11 -41.92 39.57
N ASN F 81 -8.17 -42.86 39.40
CA ASN F 81 -7.23 -43.27 40.43
C ASN F 81 -6.32 -42.13 40.87
N SER F 82 -5.86 -41.34 39.89
CA SER F 82 -4.90 -40.26 40.12
C SER F 82 -5.53 -39.03 40.80
N LEU F 83 -6.86 -38.98 40.82
CA LEU F 83 -7.58 -37.87 41.45
C LEU F 83 -7.94 -38.18 42.90
N PRO F 84 -7.65 -37.25 43.83
CA PRO F 84 -8.00 -37.44 45.23
C PRO F 84 -9.38 -36.85 45.57
N GLY F 88 -16.18 -42.61 44.08
CA GLY F 88 -17.37 -41.81 43.81
C GLY F 88 -17.90 -42.01 42.40
N THR F 89 -18.33 -40.91 41.78
CA THR F 89 -18.89 -40.96 40.42
C THR F 89 -17.96 -40.29 39.40
N CYS F 90 -16.66 -40.57 39.52
CA CYS F 90 -15.67 -40.14 38.53
C CYS F 90 -15.78 -41.04 37.29
N LYS F 91 -15.73 -40.43 36.11
CA LYS F 91 -15.85 -41.17 34.85
C LYS F 91 -14.57 -41.03 34.02
N GLU F 92 -14.37 -41.97 33.09
CA GLU F 92 -13.19 -41.98 32.25
C GLU F 92 -13.52 -41.93 30.75
N THR F 93 -14.73 -41.47 30.45
CA THR F 93 -15.17 -41.24 29.08
C THR F 93 -16.00 -39.97 29.01
N PHE F 94 -16.21 -39.48 27.78
CA PHE F 94 -17.22 -38.46 27.51
C PHE F 94 -17.94 -38.82 26.21
N ASN F 95 -19.03 -38.12 25.92
CA ASN F 95 -19.88 -38.45 24.77
C ASN F 95 -19.83 -37.40 23.66
N LEU F 96 -19.80 -37.89 22.42
CA LEU F 96 -19.78 -37.06 21.24
C LEU F 96 -21.16 -37.09 20.57
N TYR F 97 -21.75 -35.91 20.40
CA TYR F 97 -23.07 -35.76 19.80
C TYR F 97 -23.00 -34.89 18.54
N TYR F 98 -24.08 -34.91 17.76
CA TYR F 98 -24.22 -33.99 16.63
C TYR F 98 -25.69 -33.71 16.33
N TYR F 99 -25.93 -32.56 15.73
CA TYR F 99 -27.24 -32.16 15.29
C TYR F 99 -27.10 -31.50 13.92
N GLU F 100 -27.72 -32.11 12.91
CA GLU F 100 -27.65 -31.58 11.56
C GLU F 100 -28.78 -30.57 11.33
N THR F 101 -28.44 -29.48 10.65
CA THR F 101 -29.38 -28.41 10.34
C THR F 101 -28.89 -27.65 9.11
N ASP F 102 -29.83 -27.10 8.34
CA ASP F 102 -29.50 -26.36 7.14
C ASP F 102 -28.92 -24.98 7.46
N TYR F 103 -29.27 -24.46 8.64
CA TYR F 103 -28.93 -23.08 9.01
C TYR F 103 -28.40 -22.96 10.44
N ASP F 104 -27.50 -22.01 10.66
CA ASP F 104 -27.02 -21.66 11.99
C ASP F 104 -28.15 -20.95 12.73
N THR F 105 -28.80 -21.67 13.64
CA THR F 105 -30.06 -21.23 14.25
C THR F 105 -29.88 -20.18 15.34
N GLY F 106 -29.12 -20.52 16.37
CA GLY F 106 -28.90 -19.65 17.50
C GLY F 106 -27.88 -20.23 18.46
N ARG F 107 -27.54 -19.46 19.49
CA ARG F 107 -26.46 -19.83 20.40
C ARG F 107 -26.93 -20.65 21.62
N ASN F 108 -28.10 -21.28 21.52
CA ASN F 108 -28.57 -22.19 22.55
C ASN F 108 -28.29 -23.66 22.18
N ILE F 109 -28.13 -24.50 23.20
CA ILE F 109 -27.96 -25.93 23.01
C ILE F 109 -29.21 -26.67 23.49
N ARG F 110 -29.90 -27.30 22.55
CA ARG F 110 -31.13 -28.05 22.84
C ARG F 110 -30.78 -29.53 22.89
N GLU F 111 -30.43 -30.00 24.08
CA GLU F 111 -29.88 -31.34 24.30
C GLU F 111 -30.73 -32.47 23.73
N ASN F 112 -32.04 -32.26 23.67
CA ASN F 112 -32.99 -33.21 23.09
C ASN F 112 -32.79 -33.45 21.59
N LEU F 113 -32.30 -32.44 20.89
CA LEU F 113 -32.16 -32.50 19.44
C LEU F 113 -30.92 -33.25 18.97
N TYR F 114 -29.96 -33.45 19.87
CA TYR F 114 -28.67 -34.03 19.52
C TYR F 114 -28.66 -35.55 19.49
N VAL F 115 -28.00 -36.11 18.48
CA VAL F 115 -27.85 -37.55 18.31
C VAL F 115 -26.43 -37.96 18.69
N LYS F 116 -26.32 -39.01 19.50
CA LYS F 116 -25.02 -39.50 19.95
C LYS F 116 -24.28 -40.23 18.83
N ILE F 117 -23.03 -39.82 18.59
CA ILE F 117 -22.18 -40.52 17.62
C ILE F 117 -21.53 -41.72 18.31
N ASP F 118 -20.90 -41.46 19.46
CA ASP F 118 -20.18 -42.49 20.22
C ASP F 118 -19.75 -42.00 21.60
N THR F 119 -19.41 -42.96 22.45
CA THR F 119 -18.70 -42.71 23.69
C THR F 119 -17.22 -42.60 23.34
N ILE F 120 -16.56 -41.58 23.89
CA ILE F 120 -15.15 -41.34 23.62
C ILE F 120 -14.32 -41.68 24.86
N ALA F 121 -13.38 -42.60 24.70
CA ALA F 121 -12.52 -43.01 25.80
C ALA F 121 -11.05 -42.72 25.52
N ALA F 122 -10.26 -42.61 26.59
CA ALA F 122 -8.82 -42.47 26.50
C ALA F 122 -8.15 -43.81 26.15
N ASP F 123 -6.91 -43.73 25.68
CA ASP F 123 -6.06 -44.89 25.42
C ASP F 123 -5.90 -45.79 26.64
N GLU F 124 -5.33 -46.97 26.39
CA GLU F 124 -4.94 -47.96 27.40
C GLU F 124 -6.08 -48.93 27.74
N LYS F 137 0.46 -37.56 27.57
CA LYS F 137 -0.57 -38.59 27.47
C LYS F 137 -1.76 -38.08 26.64
N LEU F 138 -1.51 -37.86 25.34
CA LEU F 138 -2.50 -37.24 24.46
C LEU F 138 -3.25 -38.24 23.59
N ASN F 139 -4.56 -38.30 23.78
CA ASN F 139 -5.43 -39.23 23.06
C ASN F 139 -5.94 -38.63 21.76
N THR F 140 -6.03 -39.46 20.73
CA THR F 140 -6.59 -39.05 19.44
C THR F 140 -7.64 -40.07 19.00
N GLU F 141 -8.88 -39.60 18.84
CA GLU F 141 -9.99 -40.45 18.46
C GLU F 141 -10.68 -39.89 17.23
N VAL F 142 -10.91 -40.76 16.25
CA VAL F 142 -11.56 -40.37 15.00
C VAL F 142 -12.87 -41.11 14.85
N ARG F 143 -13.92 -40.38 14.48
CA ARG F 143 -15.21 -40.98 14.16
C ARG F 143 -15.66 -40.52 12.77
N GLU F 144 -16.27 -41.45 12.04
CA GLU F 144 -16.83 -41.16 10.72
C GLU F 144 -18.34 -41.03 10.81
N ILE F 145 -18.88 -39.95 10.24
CA ILE F 145 -20.32 -39.72 10.21
C ILE F 145 -20.80 -39.41 8.79
N GLY F 146 -22.12 -39.43 8.59
CA GLY F 146 -22.71 -39.07 7.30
C GLY F 146 -22.87 -40.23 6.33
N PRO F 147 -23.26 -39.92 5.07
CA PRO F 147 -23.54 -38.58 4.53
C PRO F 147 -24.71 -37.92 5.24
N LEU F 148 -24.63 -36.60 5.38
CA LEU F 148 -25.69 -35.86 6.08
C LEU F 148 -26.74 -35.35 5.10
N SER F 149 -28.00 -35.47 5.48
CA SER F 149 -29.11 -35.01 4.65
C SER F 149 -29.24 -33.49 4.66
N LYS F 150 -28.80 -32.86 5.75
CA LYS F 150 -28.82 -31.41 5.91
C LYS F 150 -27.56 -30.73 5.38
N LYS F 151 -27.65 -29.41 5.19
CA LYS F 151 -26.54 -28.60 4.64
C LYS F 151 -25.37 -28.41 5.60
N GLY F 152 -25.63 -28.57 6.90
CA GLY F 152 -24.58 -28.41 7.92
C GLY F 152 -24.91 -29.09 9.22
N PHE F 153 -24.10 -28.83 10.25
CA PHE F 153 -24.28 -29.47 11.55
C PHE F 153 -23.46 -28.82 12.66
N TYR F 154 -23.92 -29.03 13.89
CA TYR F 154 -23.13 -28.75 15.09
C TYR F 154 -22.58 -30.05 15.66
N LEU F 155 -21.37 -29.99 16.22
CA LEU F 155 -20.88 -31.07 17.06
C LEU F 155 -21.02 -30.65 18.51
N ALA F 156 -21.35 -31.60 19.38
CA ALA F 156 -21.43 -31.34 20.81
C ALA F 156 -20.68 -32.39 21.62
N PHE F 157 -20.10 -31.94 22.73
CA PHE F 157 -19.36 -32.82 23.63
C PHE F 157 -20.02 -32.77 25.01
N GLN F 158 -20.39 -33.95 25.52
CA GLN F 158 -21.07 -34.03 26.81
C GLN F 158 -20.17 -34.69 27.85
N ASP F 159 -19.87 -33.94 28.91
CA ASP F 159 -19.12 -34.46 30.05
C ASP F 159 -20.09 -34.86 31.17
N VAL F 160 -19.84 -36.03 31.77
CA VAL F 160 -20.68 -36.55 32.85
C VAL F 160 -19.93 -36.77 34.17
N GLY F 161 -18.76 -36.16 34.29
CA GLY F 161 -17.99 -36.22 35.52
C GLY F 161 -16.58 -36.75 35.33
N ALA F 162 -15.96 -36.35 34.23
CA ALA F 162 -14.57 -36.70 33.94
C ALA F 162 -13.68 -35.46 34.06
N CYS F 163 -12.37 -35.68 34.03
CA CYS F 163 -11.40 -34.59 34.08
C CYS F 163 -10.73 -34.47 32.71
N ILE F 164 -11.27 -33.59 31.88
CA ILE F 164 -10.89 -33.54 30.47
C ILE F 164 -10.36 -32.19 30.04
N ALA F 165 -9.30 -32.22 29.24
CA ALA F 165 -8.91 -31.08 28.43
C ALA F 165 -9.09 -31.49 26.98
N LEU F 166 -10.04 -30.85 26.31
CA LEU F 166 -10.20 -31.02 24.86
C LEU F 166 -9.28 -30.03 24.17
N VAL F 167 -8.32 -30.58 23.43
CA VAL F 167 -7.18 -29.82 22.93
C VAL F 167 -7.32 -29.47 21.45
N SER F 168 -7.96 -30.35 20.68
CA SER F 168 -8.05 -30.17 19.24
C SER F 168 -9.31 -30.83 18.68
N VAL F 169 -9.98 -30.13 17.78
CA VAL F 169 -11.13 -30.65 17.04
C VAL F 169 -10.90 -30.34 15.56
N LYS F 170 -10.85 -31.39 14.74
CA LYS F 170 -10.75 -31.23 13.30
C LYS F 170 -11.87 -32.01 12.63
N VAL F 171 -12.49 -31.37 11.65
CA VAL F 171 -13.59 -31.96 10.88
C VAL F 171 -13.23 -31.79 9.41
N TYR F 172 -13.28 -32.89 8.67
CA TYR F 172 -12.71 -32.96 7.33
C TYR F 172 -13.30 -34.10 6.51
N TYR F 173 -13.15 -34.02 5.20
CA TYR F 173 -13.49 -35.10 4.28
C TYR F 173 -12.41 -35.22 3.21
N LYS F 174 -12.55 -36.22 2.33
CA LYS F 174 -11.61 -36.42 1.25
C LYS F 174 -12.31 -36.51 -0.11
N LYS F 175 -11.74 -35.82 -1.09
CA LYS F 175 -12.30 -35.76 -2.45
C LYS F 175 -11.95 -37.01 -3.25
N ALA G 1 -10.47 52.03 17.49
CA ALA G 1 -11.44 50.99 17.04
C ALA G 1 -12.21 50.39 18.21
N ALA G 2 -13.51 50.17 18.01
CA ALA G 2 -14.37 49.55 19.00
C ALA G 2 -14.05 48.07 19.15
N GLU G 3 -14.35 47.53 20.34
CA GLU G 3 -14.01 46.16 20.67
C GLU G 3 -15.26 45.28 20.67
N VAL G 4 -15.12 44.05 20.19
CA VAL G 4 -16.19 43.06 20.28
C VAL G 4 -15.68 41.81 21.00
N LEU G 5 -16.31 41.48 22.12
CA LEU G 5 -15.96 40.29 22.89
C LEU G 5 -16.55 39.05 22.27
N LEU G 6 -15.68 38.08 21.96
CA LEU G 6 -16.12 36.78 21.46
C LEU G 6 -16.32 35.78 22.60
N LEU G 7 -15.63 36.03 23.71
CA LEU G 7 -15.75 35.20 24.91
C LEU G 7 -15.30 35.97 26.15
N ASP G 8 -15.99 35.72 27.26
CA ASP G 8 -15.67 36.29 28.56
C ASP G 8 -15.94 35.22 29.64
N SER G 9 -14.90 34.48 30.02
CA SER G 9 -15.04 33.25 30.81
C SER G 9 -15.73 33.41 32.17
N LYS G 10 -15.41 34.48 32.89
CA LYS G 10 -15.88 34.67 34.26
C LYS G 10 -17.39 34.78 34.38
N ALA G 11 -18.03 35.37 33.37
CA ALA G 11 -19.47 35.62 33.41
C ALA G 11 -20.30 34.62 32.59
N GLN G 12 -19.63 33.67 31.94
CA GLN G 12 -20.31 32.69 31.08
C GLN G 12 -21.36 31.87 31.82
N GLN G 13 -22.56 31.82 31.25
CA GLN G 13 -23.63 30.98 31.76
C GLN G 13 -23.26 29.50 31.70
N THR G 14 -23.96 28.69 32.52
CA THR G 14 -23.71 27.26 32.62
C THR G 14 -23.82 26.53 31.28
N GLU G 15 -24.75 26.97 30.44
CA GLU G 15 -25.03 26.34 29.13
C GLU G 15 -23.80 26.30 28.22
N LEU G 16 -22.84 27.17 28.47
CA LEU G 16 -21.58 27.17 27.73
C LEU G 16 -20.54 26.41 28.53
N GLU G 17 -20.33 25.15 28.14
CA GLU G 17 -19.54 24.19 28.90
C GLU G 17 -18.10 24.17 28.43
N TRP G 18 -17.19 23.99 29.38
CA TRP G 18 -15.78 23.76 29.09
C TRP G 18 -15.43 22.31 29.42
N ILE G 19 -14.45 21.77 28.70
CA ILE G 19 -14.08 20.36 28.83
C ILE G 19 -12.73 20.19 29.53
N SER G 20 -12.71 19.28 30.50
CA SER G 20 -11.49 18.83 31.16
C SER G 20 -11.16 17.40 30.74
N SER G 21 -9.93 17.21 30.25
CA SER G 21 -9.41 15.89 29.91
C SER G 21 -7.96 15.78 30.41
N PRO G 22 -7.70 14.90 31.39
CA PRO G 22 -8.65 14.07 32.14
C PRO G 22 -9.67 14.87 32.94
N PRO G 23 -10.83 14.27 33.26
CA PRO G 23 -11.88 14.95 34.03
C PRO G 23 -11.43 15.40 35.44
N ASN G 24 -10.53 14.64 36.07
CA ASN G 24 -10.02 14.99 37.40
C ASN G 24 -8.72 15.82 37.38
N GLY G 25 -8.47 16.49 36.26
CA GLY G 25 -7.33 17.40 36.15
C GLY G 25 -7.77 18.82 36.47
N TRP G 26 -7.97 19.61 35.42
CA TRP G 26 -8.55 20.94 35.57
C TRP G 26 -9.95 20.80 36.17
N GLU G 27 -10.25 21.62 37.17
CA GLU G 27 -11.62 21.69 37.66
C GLU G 27 -12.17 23.11 37.56
N GLU G 28 -13.48 23.17 37.35
CA GLU G 28 -14.20 24.43 37.27
C GLU G 28 -14.72 24.81 38.64
N ILE G 29 -14.50 26.06 39.01
CA ILE G 29 -14.91 26.61 40.30
C ILE G 29 -15.92 27.73 40.07
N SER G 30 -17.00 27.74 40.84
CA SER G 30 -17.92 28.86 40.82
C SER G 30 -18.04 29.43 42.21
N GLY G 31 -17.51 30.63 42.39
CA GLY G 31 -17.60 31.33 43.66
C GLY G 31 -18.32 32.67 43.55
N LEU G 32 -18.26 33.44 44.63
CA LEU G 32 -18.78 34.81 44.64
C LEU G 32 -17.66 35.79 44.91
N ASP G 33 -17.51 36.77 44.02
CA ASP G 33 -16.45 37.78 44.14
C ASP G 33 -16.71 38.77 45.30
N GLU G 34 -15.94 39.84 45.36
CA GLU G 34 -16.08 40.85 46.43
C GLU G 34 -17.44 41.56 46.40
N ASN G 35 -18.03 41.64 45.22
CA ASN G 35 -19.35 42.24 45.04
C ASN G 35 -20.48 41.23 45.26
N TYR G 36 -20.10 40.00 45.62
CA TYR G 36 -21.04 38.91 45.90
C TYR G 36 -21.79 38.47 44.63
N THR G 37 -21.11 38.54 43.49
CA THR G 37 -21.65 38.11 42.20
C THR G 37 -20.88 36.89 41.68
N PRO G 38 -21.57 35.99 40.96
CA PRO G 38 -20.95 34.76 40.47
C PRO G 38 -19.67 35.00 39.67
N ILE G 39 -18.69 34.14 39.91
CA ILE G 39 -17.42 34.20 39.22
C ILE G 39 -17.02 32.76 38.93
N ARG G 40 -16.84 32.48 37.64
CA ARG G 40 -16.48 31.17 37.16
C ARG G 40 -15.02 31.15 36.75
N THR G 41 -14.24 30.26 37.38
CA THR G 41 -12.80 30.16 37.14
C THR G 41 -12.36 28.68 37.06
N TYR G 42 -11.10 28.46 36.71
CA TYR G 42 -10.58 27.10 36.56
C TYR G 42 -9.24 27.00 37.24
N GLN G 43 -8.90 25.78 37.66
CA GLN G 43 -7.69 25.56 38.42
C GLN G 43 -7.21 24.11 38.35
N VAL G 44 -5.91 23.95 38.50
CA VAL G 44 -5.31 22.64 38.64
C VAL G 44 -4.02 22.83 39.42
N CYS G 45 -3.70 21.87 40.29
CA CYS G 45 -2.50 21.96 41.13
C CYS G 45 -2.04 20.56 41.54
N GLN G 46 -1.63 19.77 40.55
CA GLN G 46 -1.22 18.38 40.76
C GLN G 46 0.29 18.27 40.77
N VAL G 47 0.95 19.09 41.57
CA VAL G 47 2.41 19.13 41.61
C VAL G 47 3.04 17.95 42.35
N MET G 48 2.22 17.12 42.99
CA MET G 48 2.69 16.00 43.82
C MET G 48 2.82 14.67 43.09
N GLU G 49 2.33 14.62 41.84
CA GLU G 49 2.49 13.41 41.03
C GLU G 49 3.08 13.71 39.65
N PRO G 50 3.91 12.78 39.13
CA PRO G 50 4.60 13.02 37.86
C PRO G 50 3.72 12.81 36.63
N ASN G 51 4.20 13.31 35.49
CA ASN G 51 3.59 13.08 34.18
C ASN G 51 2.21 13.73 34.01
N GLN G 52 2.07 14.94 34.53
CA GLN G 52 0.85 15.71 34.37
C GLN G 52 0.69 16.16 32.91
N ASN G 53 -0.49 15.91 32.37
CA ASN G 53 -0.86 16.38 31.03
C ASN G 53 -2.35 16.69 31.03
N ASN G 54 -2.70 17.79 31.70
CA ASN G 54 -4.09 18.15 31.95
C ASN G 54 -4.58 19.19 30.96
N TRP G 55 -5.60 18.84 30.20
CA TRP G 55 -6.14 19.75 29.18
C TRP G 55 -7.49 20.33 29.57
N LEU G 56 -7.67 21.61 29.23
CA LEU G 56 -8.92 22.32 29.42
C LEU G 56 -9.29 23.02 28.11
N ARG G 57 -10.52 22.86 27.67
CA ARG G 57 -10.95 23.41 26.40
C ARG G 57 -12.19 24.28 26.58
N THR G 58 -12.19 25.45 25.94
CA THR G 58 -13.37 26.32 25.94
C THR G 58 -14.49 25.69 25.11
N ASN G 59 -15.67 26.31 25.15
CA ASN G 59 -16.70 26.07 24.16
C ASN G 59 -16.19 26.52 22.79
N TRP G 60 -16.88 26.08 21.74
CA TRP G 60 -16.61 26.51 20.37
C TRP G 60 -16.91 28.00 20.22
N ILE G 61 -15.95 28.75 19.71
CA ILE G 61 -16.05 30.20 19.61
C ILE G 61 -16.22 30.60 18.16
N SER G 62 -17.34 31.24 17.84
CA SER G 62 -17.58 31.79 16.52
C SER G 62 -16.75 33.06 16.35
N LYS G 63 -15.91 33.10 15.30
CA LYS G 63 -15.06 34.26 15.04
C LYS G 63 -15.87 35.45 14.51
N GLY G 64 -17.02 35.16 13.92
CA GLY G 64 -17.87 36.19 13.31
C GLY G 64 -17.16 37.05 12.29
N ASN G 65 -17.08 38.35 12.60
CA ASN G 65 -16.50 39.33 11.69
C ASN G 65 -14.99 39.49 11.87
N ALA G 66 -14.43 38.81 12.88
CA ALA G 66 -13.02 38.95 13.26
C ALA G 66 -12.05 38.60 12.14
N GLN G 67 -10.94 39.33 12.10
CA GLN G 67 -9.80 38.97 11.27
C GLN G 67 -8.69 38.53 12.21
N ARG G 68 -7.94 39.49 12.76
CA ARG G 68 -6.96 39.18 13.79
C ARG G 68 -7.64 39.16 15.15
N ILE G 69 -7.27 38.19 15.96
CA ILE G 69 -7.98 37.93 17.22
C ILE G 69 -7.01 38.01 18.40
N PHE G 70 -7.45 38.67 19.46
CA PHE G 70 -6.66 38.79 20.70
C PHE G 70 -7.22 37.88 21.79
N VAL G 71 -6.31 37.23 22.50
CA VAL G 71 -6.63 36.37 23.63
C VAL G 71 -5.96 36.93 24.88
N GLU G 72 -6.74 37.27 25.89
CA GLU G 72 -6.19 37.73 27.15
C GLU G 72 -6.41 36.72 28.27
N LEU G 73 -5.31 36.29 28.89
CA LEU G 73 -5.39 35.39 30.03
C LEU G 73 -4.98 36.11 31.30
N LYS G 74 -5.77 35.94 32.36
CA LYS G 74 -5.41 36.40 33.69
C LYS G 74 -5.32 35.17 34.59
N PHE G 75 -4.22 35.06 35.34
CA PHE G 75 -3.91 33.82 36.02
C PHE G 75 -2.87 33.99 37.11
N THR G 76 -2.80 33.00 37.99
CA THR G 76 -1.69 32.86 38.91
C THR G 76 -0.98 31.56 38.63
N LEU G 77 0.33 31.58 38.84
CA LEU G 77 1.17 30.40 38.79
C LEU G 77 2.05 30.50 40.00
N ARG G 78 1.84 29.60 40.95
CA ARG G 78 2.57 29.63 42.20
C ARG G 78 4.02 29.19 41.99
N ASP G 79 4.94 29.94 42.59
CA ASP G 79 6.38 29.64 42.51
C ASP G 79 6.63 28.27 43.13
N CYS G 80 7.36 27.42 42.42
CA CYS G 80 7.63 26.05 42.88
C CYS G 80 8.49 25.99 44.16
N ASN G 81 9.07 27.12 44.56
CA ASN G 81 9.80 27.23 45.83
C ASN G 81 8.88 27.15 47.06
N SER G 82 7.58 27.30 46.83
CA SER G 82 6.59 27.21 47.91
C SER G 82 5.87 25.87 47.92
N LEU G 83 6.17 25.02 46.94
CA LEU G 83 5.43 23.77 46.73
C LEU G 83 6.27 22.51 47.02
N PRO G 84 5.59 21.36 47.27
CA PRO G 84 6.29 20.10 47.54
C PRO G 84 6.92 19.46 46.31
N GLY G 85 8.11 18.89 46.49
CA GLY G 85 8.84 18.23 45.40
C GLY G 85 8.52 16.74 45.29
N THR G 89 9.37 17.72 39.79
CA THR G 89 8.44 17.63 38.67
C THR G 89 7.60 18.91 38.48
N CYS G 90 7.63 19.79 39.48
CA CYS G 90 6.88 21.06 39.46
C CYS G 90 7.30 21.96 38.29
N LYS G 91 6.32 22.66 37.71
CA LYS G 91 6.56 23.56 36.57
C LYS G 91 6.02 24.96 36.84
N GLU G 92 6.55 25.95 36.13
CA GLU G 92 6.16 27.35 36.31
C GLU G 92 5.61 28.01 35.05
N THR G 93 5.19 27.19 34.08
CA THR G 93 4.52 27.66 32.87
C THR G 93 3.38 26.72 32.53
N PHE G 94 2.48 27.19 31.66
CA PHE G 94 1.52 26.31 30.99
C PHE G 94 1.46 26.67 29.52
N ASN G 95 0.79 25.83 28.73
CA ASN G 95 0.74 26.01 27.28
C ASN G 95 -0.66 26.40 26.78
N LEU G 96 -0.68 27.36 25.86
CA LEU G 96 -1.91 27.80 25.21
C LEU G 96 -1.95 27.24 23.80
N TYR G 97 -3.10 26.69 23.43
CA TYR G 97 -3.33 26.10 22.11
C TYR G 97 -4.64 26.61 21.51
N TYR G 98 -4.80 26.42 20.20
CA TYR G 98 -6.09 26.57 19.56
C TYR G 98 -6.30 25.56 18.44
N TYR G 99 -7.56 25.35 18.09
CA TYR G 99 -7.94 24.49 16.99
C TYR G 99 -9.14 25.08 16.25
N GLU G 100 -9.00 25.23 14.94
CA GLU G 100 -10.04 25.82 14.09
C GLU G 100 -11.00 24.77 13.55
N THR G 101 -12.30 24.99 13.77
CA THR G 101 -13.35 24.21 13.10
C THR G 101 -14.48 25.11 12.65
N ASP G 102 -15.18 24.69 11.60
CA ASP G 102 -16.32 25.43 11.04
C ASP G 102 -17.57 25.36 11.91
N TYR G 103 -17.54 24.49 12.93
CA TYR G 103 -18.68 24.24 13.82
C TYR G 103 -18.21 23.45 15.03
N ASP G 104 -19.05 23.35 16.06
CA ASP G 104 -18.75 22.55 17.27
C ASP G 104 -18.77 21.06 16.94
N THR G 105 -17.59 20.44 16.98
CA THR G 105 -17.42 19.04 16.56
C THR G 105 -17.64 18.03 17.69
N GLY G 106 -17.92 18.53 18.89
CA GLY G 106 -18.19 17.66 20.02
C GLY G 106 -17.21 17.85 21.16
N ARG G 107 -17.31 16.97 22.16
CA ARG G 107 -16.64 17.15 23.44
C ARG G 107 -15.23 16.57 23.53
N ASN G 108 -14.76 15.92 22.47
CA ASN G 108 -13.41 15.35 22.47
C ASN G 108 -12.33 16.42 22.38
N ILE G 109 -11.26 16.22 23.13
CA ILE G 109 -10.07 17.03 22.97
C ILE G 109 -9.01 16.20 22.22
N ARG G 110 -8.95 16.40 20.91
CA ARG G 110 -7.99 15.70 20.09
C ARG G 110 -6.68 16.49 20.08
N GLU G 111 -5.86 16.21 21.09
CA GLU G 111 -4.71 17.03 21.44
C GLU G 111 -3.71 17.26 20.30
N ASN G 112 -3.48 16.24 19.48
CA ASN G 112 -2.51 16.35 18.39
C ASN G 112 -3.00 17.17 17.20
N LEU G 113 -4.29 17.51 17.20
CA LEU G 113 -4.84 18.43 16.20
C LEU G 113 -4.68 19.89 16.60
N TYR G 114 -4.33 20.14 17.86
CA TYR G 114 -4.19 21.50 18.36
C TYR G 114 -2.86 22.13 17.94
N VAL G 115 -2.89 23.44 17.71
CA VAL G 115 -1.72 24.20 17.33
C VAL G 115 -1.34 25.06 18.54
N LYS G 116 -0.09 24.94 18.97
CA LYS G 116 0.40 25.71 20.12
C LYS G 116 0.51 27.18 19.72
N ILE G 117 -0.05 28.05 20.55
CA ILE G 117 0.11 29.48 20.38
C ILE G 117 1.41 29.92 21.06
N ASP G 118 1.56 29.53 22.32
CA ASP G 118 2.72 29.95 23.12
C ASP G 118 2.77 29.26 24.47
N THR G 119 3.95 29.32 25.08
CA THR G 119 4.14 29.03 26.50
C THR G 119 3.75 30.28 27.27
N ILE G 120 3.04 30.10 28.38
CA ILE G 120 2.54 31.23 29.18
C ILE G 120 3.22 31.23 30.55
N ALA G 121 3.80 32.37 30.92
CA ALA G 121 4.55 32.49 32.16
C ALA G 121 4.05 33.66 33.01
N ALA G 122 4.31 33.58 34.31
CA ALA G 122 4.01 34.67 35.25
C ALA G 122 5.06 35.78 35.08
N ASP G 123 4.76 36.97 35.60
CA ASP G 123 5.72 38.07 35.69
C ASP G 123 6.91 37.64 36.56
N GLU G 124 8.10 38.20 36.32
CA GLU G 124 9.28 37.85 37.12
C GLU G 124 9.23 38.31 38.58
N LYS G 137 -2.77 38.80 43.55
CA LYS G 137 -2.67 39.64 42.35
C LYS G 137 -2.35 38.81 41.09
N LEU G 138 -2.79 39.32 39.95
CA LEU G 138 -2.87 38.53 38.72
C LEU G 138 -1.80 38.84 37.69
N ASN G 139 -1.40 37.81 36.97
CA ASN G 139 -0.59 37.97 35.76
C ASN G 139 -1.55 38.18 34.61
N THR G 140 -1.16 39.01 33.64
CA THR G 140 -1.97 39.21 32.45
C THR G 140 -1.12 39.02 31.18
N GLU G 141 -1.57 38.10 30.33
CA GLU G 141 -0.86 37.78 29.10
C GLU G 141 -1.81 37.82 27.91
N VAL G 142 -1.39 38.55 26.87
CA VAL G 142 -2.17 38.71 25.65
C VAL G 142 -1.43 38.08 24.46
N ARG G 143 -2.14 37.30 23.65
CA ARG G 143 -1.62 36.82 22.37
C ARG G 143 -2.55 37.18 21.22
N GLU G 144 -1.96 37.44 20.06
CA GLU G 144 -2.71 37.72 18.84
C GLU G 144 -2.61 36.51 17.91
N ILE G 145 -3.76 36.05 17.41
CA ILE G 145 -3.81 34.96 16.43
C ILE G 145 -4.60 35.36 15.19
N GLY G 146 -4.56 34.50 14.18
CA GLY G 146 -5.31 34.74 12.96
C GLY G 146 -4.55 35.58 11.95
N PRO G 147 -5.20 35.95 10.83
CA PRO G 147 -6.57 35.57 10.47
C PRO G 147 -6.77 34.05 10.40
N LEU G 148 -7.97 33.59 10.76
CA LEU G 148 -8.31 32.18 10.71
C LEU G 148 -9.07 31.89 9.43
N SER G 149 -8.83 30.71 8.84
CA SER G 149 -9.50 30.31 7.61
C SER G 149 -10.88 29.70 7.86
N LYS G 150 -11.13 29.28 9.10
CA LYS G 150 -12.38 28.59 9.43
C LYS G 150 -13.34 29.46 10.26
N LYS G 151 -14.57 28.97 10.41
CA LYS G 151 -15.68 29.73 10.99
C LYS G 151 -15.55 30.01 12.48
N GLY G 152 -14.81 29.15 13.17
CA GLY G 152 -14.63 29.27 14.60
C GLY G 152 -13.45 28.47 15.11
N PHE G 153 -13.32 28.40 16.43
CA PHE G 153 -12.18 27.77 17.05
C PHE G 153 -12.43 27.47 18.52
N TYR G 154 -11.59 26.60 19.07
CA TYR G 154 -11.52 26.37 20.50
C TYR G 154 -10.18 26.90 20.98
N LEU G 155 -10.15 27.33 22.24
CA LEU G 155 -8.88 27.53 22.93
C LEU G 155 -8.69 26.36 23.87
N ALA G 156 -7.42 26.02 24.12
CA ALA G 156 -7.10 24.96 25.07
C ALA G 156 -5.89 25.32 25.91
N PHE G 157 -5.94 24.93 27.17
CA PHE G 157 -4.90 25.23 28.14
C PHE G 157 -4.38 23.91 28.66
N GLN G 158 -3.08 23.70 28.51
CA GLN G 158 -2.44 22.47 28.91
C GLN G 158 -1.53 22.69 30.12
N ASP G 159 -1.84 21.99 31.20
CA ASP G 159 -1.01 22.00 32.39
C ASP G 159 -0.09 20.78 32.41
N VAL G 160 1.21 21.03 32.63
CA VAL G 160 2.20 19.97 32.67
C VAL G 160 2.81 19.75 34.06
N GLY G 161 2.18 20.33 35.08
CA GLY G 161 2.58 20.09 36.47
C GLY G 161 2.82 21.39 37.23
N ALA G 162 1.95 22.36 37.01
CA ALA G 162 2.04 23.66 37.67
C ALA G 162 0.83 23.85 38.58
N CYS G 163 0.90 24.86 39.45
CA CYS G 163 -0.21 25.18 40.35
C CYS G 163 -0.89 26.45 39.84
N ILE G 164 -1.95 26.25 39.06
CA ILE G 164 -2.53 27.31 38.26
C ILE G 164 -3.96 27.64 38.67
N ALA G 165 -4.24 28.92 38.81
CA ALA G 165 -5.61 29.40 38.78
C ALA G 165 -5.77 30.15 37.48
N LEU G 166 -6.70 29.70 36.64
CA LEU G 166 -7.04 30.44 35.43
C LEU G 166 -8.27 31.25 35.73
N VAL G 167 -8.05 32.53 36.02
CA VAL G 167 -9.09 33.40 36.57
C VAL G 167 -9.94 34.04 35.49
N SER G 168 -9.33 34.36 34.36
CA SER G 168 -10.05 35.06 33.29
C SER G 168 -9.51 34.75 31.91
N VAL G 169 -10.42 34.55 30.96
CA VAL G 169 -10.09 34.39 29.56
C VAL G 169 -11.02 35.29 28.77
N LYS G 170 -10.45 36.26 28.07
CA LYS G 170 -11.21 37.09 27.14
C LYS G 170 -10.66 36.96 25.74
N VAL G 171 -11.57 36.80 24.78
CA VAL G 171 -11.24 36.71 23.38
C VAL G 171 -12.00 37.84 22.69
N TYR G 172 -11.28 38.62 21.88
CA TYR G 172 -11.85 39.83 21.29
C TYR G 172 -11.11 40.24 20.02
N TYR G 173 -11.76 41.08 19.23
CA TYR G 173 -11.14 41.69 18.06
C TYR G 173 -11.53 43.16 17.97
N LYS G 174 -10.96 43.87 17.00
CA LYS G 174 -11.27 45.28 16.77
C LYS G 174 -11.60 45.57 15.32
N LYS G 175 -12.63 46.39 15.11
CA LYS G 175 -13.06 46.79 13.77
C LYS G 175 -12.15 47.87 13.18
N ALA H 2 42.71 -7.18 37.81
CA ALA H 2 42.46 -6.75 36.41
C ALA H 2 43.60 -7.17 35.49
N GLU H 3 43.27 -7.74 34.34
CA GLU H 3 44.24 -8.22 33.37
C GLU H 3 44.38 -7.24 32.20
N VAL H 4 45.63 -7.01 31.78
CA VAL H 4 45.92 -6.17 30.62
C VAL H 4 46.70 -7.01 29.60
N LEU H 5 46.19 -7.07 28.38
CA LEU H 5 46.83 -7.80 27.29
C LEU H 5 47.88 -6.95 26.59
N LEU H 6 49.13 -7.42 26.63
CA LEU H 6 50.24 -6.77 25.95
C LEU H 6 50.33 -7.24 24.51
N LEU H 7 50.12 -8.54 24.31
CA LEU H 7 50.11 -9.14 22.98
C LEU H 7 49.05 -10.23 22.86
N ASP H 8 48.47 -10.32 21.66
CA ASP H 8 47.57 -11.43 21.31
C ASP H 8 47.77 -11.79 19.84
N SER H 9 48.14 -13.04 19.59
CA SER H 9 48.46 -13.53 18.23
C SER H 9 47.32 -13.41 17.21
N LYS H 10 46.07 -13.34 17.66
CA LYS H 10 44.94 -13.24 16.74
C LYS H 10 44.56 -11.80 16.35
N ALA H 11 45.18 -10.82 17.02
CA ALA H 11 45.05 -9.40 16.70
C ALA H 11 43.61 -8.92 16.54
N GLU H 17 53.57 -10.64 9.58
CA GLU H 17 54.50 -9.68 10.20
C GLU H 17 55.62 -10.36 10.98
N TRP H 18 55.27 -11.42 11.72
CA TRP H 18 56.26 -12.15 12.54
C TRP H 18 57.34 -12.79 11.67
N ILE H 19 58.60 -12.54 12.04
CA ILE H 19 59.74 -13.01 11.26
C ILE H 19 60.08 -14.47 11.54
N SER H 20 60.13 -15.27 10.47
CA SER H 20 60.62 -16.65 10.53
C SER H 20 62.05 -16.70 10.01
N SER H 21 62.86 -17.55 10.63
CA SER H 21 64.22 -17.78 10.16
C SER H 21 64.63 -19.24 10.38
N PRO H 22 64.78 -20.01 9.28
CA PRO H 22 64.55 -19.59 7.89
C PRO H 22 63.07 -19.54 7.53
N PRO H 23 62.71 -18.84 6.43
CA PRO H 23 61.29 -18.63 6.06
C PRO H 23 60.52 -19.93 5.82
N ASN H 24 61.22 -20.96 5.35
CA ASN H 24 60.62 -22.29 5.11
C ASN H 24 60.52 -23.16 6.38
N GLY H 25 60.79 -22.57 7.54
CA GLY H 25 60.62 -23.25 8.82
C GLY H 25 59.23 -23.05 9.37
N TRP H 26 59.11 -22.13 10.32
CA TRP H 26 57.82 -21.70 10.84
C TRP H 26 57.03 -20.98 9.75
N GLU H 27 55.80 -21.41 9.53
CA GLU H 27 54.94 -20.79 8.52
C GLU H 27 53.62 -20.37 9.14
N GLU H 28 53.22 -19.14 8.84
CA GLU H 28 51.96 -18.59 9.32
C GLU H 28 50.80 -19.11 8.48
N ILE H 29 49.77 -19.60 9.15
CA ILE H 29 48.53 -19.99 8.48
C ILE H 29 47.36 -19.38 9.22
N SER H 30 46.53 -18.65 8.48
CA SER H 30 45.37 -18.02 9.09
C SER H 30 44.06 -18.65 8.64
N GLY H 31 43.02 -18.42 9.43
CA GLY H 31 41.68 -18.89 9.13
C GLY H 31 40.72 -18.39 10.20
N LEU H 32 39.67 -19.16 10.44
CA LEU H 32 38.63 -18.77 11.39
C LEU H 32 38.44 -19.81 12.49
N ASP H 33 38.11 -19.34 13.70
CA ASP H 33 37.65 -20.24 14.73
C ASP H 33 36.14 -20.48 14.57
N GLU H 34 35.55 -21.25 15.49
CA GLU H 34 34.14 -21.64 15.42
C GLU H 34 33.17 -20.46 15.44
N ASN H 35 33.61 -19.33 15.99
CA ASN H 35 32.79 -18.13 16.10
C ASN H 35 33.02 -17.14 14.95
N TYR H 36 33.75 -17.59 13.92
CA TYR H 36 34.11 -16.78 12.73
C TYR H 36 35.12 -15.67 13.04
N THR H 37 35.83 -15.82 14.16
CA THR H 37 36.90 -14.91 14.55
C THR H 37 38.18 -15.26 13.80
N PRO H 38 38.80 -14.28 13.12
CA PRO H 38 40.07 -14.52 12.43
C PRO H 38 41.15 -14.93 13.43
N ILE H 39 41.84 -16.02 13.12
CA ILE H 39 42.95 -16.48 13.95
C ILE H 39 44.22 -16.63 13.12
N ARG H 40 45.36 -16.66 13.80
CA ARG H 40 46.63 -16.91 13.16
C ARG H 40 47.34 -18.05 13.87
N THR H 41 47.75 -19.04 13.10
CA THR H 41 48.54 -20.16 13.64
C THR H 41 49.93 -20.13 13.05
N TYR H 42 50.87 -20.75 13.76
CA TYR H 42 52.24 -20.86 13.28
C TYR H 42 52.65 -22.32 13.38
N GLN H 43 53.02 -22.91 12.25
CA GLN H 43 53.21 -24.33 12.14
C GLN H 43 54.57 -24.68 11.55
N VAL H 44 55.16 -25.75 12.09
CA VAL H 44 56.44 -26.26 11.63
C VAL H 44 56.49 -27.77 11.89
N CYS H 45 56.87 -28.54 10.87
CA CYS H 45 56.90 -29.99 10.97
C CYS H 45 57.94 -30.55 10.00
N GLN H 46 59.18 -30.10 10.16
CA GLN H 46 60.28 -30.54 9.30
C GLN H 46 60.97 -31.75 9.94
N VAL H 47 60.21 -32.81 10.14
CA VAL H 47 60.70 -34.03 10.78
C VAL H 47 61.47 -34.94 9.82
N MET H 48 61.38 -34.64 8.51
CA MET H 48 62.07 -35.42 7.49
C MET H 48 63.49 -34.90 7.22
N GLU H 49 63.73 -33.64 7.54
CA GLU H 49 65.01 -32.99 7.29
C GLU H 49 65.86 -32.96 8.57
N PRO H 50 67.15 -33.31 8.47
CA PRO H 50 68.00 -33.33 9.66
C PRO H 50 68.51 -31.94 10.08
N ASN H 51 68.87 -31.82 11.36
CA ASN H 51 69.51 -30.62 11.93
C ASN H 51 68.68 -29.33 11.77
N GLN H 52 67.49 -29.35 12.35
CA GLN H 52 66.57 -28.21 12.28
C GLN H 52 66.86 -27.16 13.35
N ASN H 53 66.77 -25.90 12.95
CA ASN H 53 66.98 -24.76 13.85
C ASN H 53 66.08 -23.61 13.39
N ASN H 54 64.79 -23.80 13.59
CA ASN H 54 63.76 -22.88 13.10
C ASN H 54 63.29 -21.91 14.16
N TRP H 55 63.50 -20.63 13.89
CA TRP H 55 63.16 -19.56 14.83
C TRP H 55 61.98 -18.74 14.36
N LEU H 56 61.15 -18.35 15.33
CA LEU H 56 60.00 -17.50 15.08
C LEU H 56 60.02 -16.39 16.12
N ARG H 57 59.96 -15.15 15.66
CA ARG H 57 59.99 -14.02 16.57
C ARG H 57 58.77 -13.15 16.41
N THR H 58 58.21 -12.73 17.54
CA THR H 58 57.10 -11.79 17.57
C THR H 58 57.60 -10.38 17.26
N ASN H 59 56.66 -9.45 17.09
N ASN H 59 56.67 -9.45 17.07
CA ASN H 59 56.97 -8.03 17.06
CA ASN H 59 57.03 -8.03 17.02
C ASN H 59 57.38 -7.56 18.44
C ASN H 59 57.38 -7.55 18.42
N TRP H 60 58.04 -6.40 18.51
CA TRP H 60 58.44 -5.80 19.79
C TRP H 60 57.24 -5.56 20.67
N ILE H 61 57.38 -5.88 21.96
CA ILE H 61 56.28 -5.76 22.91
C ILE H 61 56.61 -4.74 24.01
N SER H 62 55.83 -3.67 24.07
CA SER H 62 55.90 -2.70 25.15
C SER H 62 55.40 -3.35 26.43
N LYS H 63 56.14 -3.18 27.52
CA LYS H 63 55.77 -3.78 28.80
C LYS H 63 54.67 -2.97 29.51
N GLY H 64 54.59 -1.68 29.18
CA GLY H 64 53.61 -0.78 29.80
C GLY H 64 53.88 -0.60 31.28
N ASN H 65 52.84 -0.75 32.09
CA ASN H 65 52.97 -0.65 33.55
C ASN H 65 53.17 -2.01 34.23
N ALA H 66 53.51 -3.02 33.45
CA ALA H 66 53.75 -4.38 33.97
C ALA H 66 54.99 -4.47 34.86
N GLN H 67 54.94 -5.40 35.81
CA GLN H 67 56.11 -5.84 36.55
C GLN H 67 56.41 -7.26 36.06
N ARG H 68 55.84 -8.26 36.72
CA ARG H 68 55.94 -9.64 36.26
C ARG H 68 54.97 -9.87 35.11
N ILE H 69 55.44 -10.62 34.11
CA ILE H 69 54.71 -10.81 32.87
C ILE H 69 54.43 -12.29 32.61
N PHE H 70 53.18 -12.59 32.25
CA PHE H 70 52.78 -13.94 31.89
C PHE H 70 52.75 -14.13 30.38
N VAL H 71 53.19 -15.31 29.94
CA VAL H 71 53.14 -15.71 28.55
C VAL H 71 52.38 -17.02 28.45
N GLU H 72 51.27 -17.03 27.71
CA GLU H 72 50.48 -18.25 27.53
C GLU H 72 50.58 -18.76 26.10
N LEU H 73 50.94 -20.03 25.96
CA LEU H 73 51.03 -20.67 24.65
C LEU H 73 50.00 -21.78 24.56
N LYS H 74 49.26 -21.79 23.46
CA LYS H 74 48.38 -22.90 23.14
C LYS H 74 48.89 -23.52 21.86
N PHE H 75 49.05 -24.84 21.87
CA PHE H 75 49.70 -25.53 20.76
C PHE H 75 49.34 -27.01 20.75
N THR H 76 49.41 -27.61 19.56
CA THR H 76 49.38 -29.05 19.44
C THR H 76 50.79 -29.52 19.14
N LEU H 77 51.09 -30.77 19.48
CA LEU H 77 52.42 -31.32 19.26
C LEU H 77 52.32 -32.83 19.06
N ARG H 78 52.71 -33.27 17.86
CA ARG H 78 52.63 -34.67 17.46
C ARG H 78 53.63 -35.54 18.21
N ASP H 79 53.16 -36.71 18.65
CA ASP H 79 54.05 -37.72 19.22
C ASP H 79 54.89 -38.28 18.08
N CYS H 80 56.21 -38.32 18.28
CA CYS H 80 57.15 -38.76 17.25
C CYS H 80 56.89 -40.19 16.79
N ASN H 81 56.25 -40.99 17.64
CA ASN H 81 55.85 -42.36 17.30
C ASN H 81 54.68 -42.44 16.31
N SER H 82 54.09 -41.30 15.97
CA SER H 82 52.93 -41.26 15.07
C SER H 82 53.24 -40.70 13.67
N LEU H 83 54.53 -40.50 13.38
CA LEU H 83 54.94 -39.86 12.12
C LEU H 83 55.46 -40.86 11.09
N VAL H 86 59.68 -42.30 9.53
CA VAL H 86 60.05 -41.06 10.21
C VAL H 86 61.51 -41.04 10.65
N LEU H 87 62.07 -39.85 10.80
CA LEU H 87 63.46 -39.67 11.24
C LEU H 87 63.49 -39.11 12.66
N GLY H 88 64.23 -39.76 13.55
CA GLY H 88 64.26 -39.36 14.95
C GLY H 88 65.57 -39.54 15.71
N THR H 89 66.35 -38.47 15.95
CA THR H 89 66.19 -37.09 15.42
C THR H 89 64.95 -36.29 15.87
N CYS H 90 63.78 -36.92 15.82
CA CYS H 90 62.50 -36.28 16.11
C CYS H 90 62.41 -35.80 17.56
N LYS H 91 61.87 -34.59 17.73
CA LYS H 91 61.74 -33.98 19.06
C LYS H 91 60.26 -33.81 19.44
N GLU H 92 59.98 -33.82 20.74
CA GLU H 92 58.62 -33.63 21.24
C GLU H 92 58.51 -32.38 22.12
N THR H 93 59.49 -31.49 22.02
CA THR H 93 59.47 -30.23 22.74
C THR H 93 59.93 -29.10 21.82
N PHE H 94 59.69 -27.86 22.25
CA PHE H 94 60.32 -26.70 21.63
C PHE H 94 60.76 -25.71 22.70
N ASN H 95 61.49 -24.68 22.28
CA ASN H 95 62.04 -23.72 23.23
C ASN H 95 61.42 -22.33 23.16
N LEU H 96 61.18 -21.75 24.34
CA LEU H 96 60.70 -20.38 24.46
C LEU H 96 61.85 -19.46 24.87
N TYR H 97 62.07 -18.42 24.08
CA TYR H 97 63.14 -17.45 24.32
C TYR H 97 62.58 -16.04 24.45
N TYR H 98 63.38 -15.15 25.00
CA TYR H 98 63.08 -13.72 24.97
C TYR H 98 64.34 -12.84 24.92
N TYR H 99 64.18 -11.64 24.40
CA TYR H 99 65.25 -10.65 24.36
C TYR H 99 64.66 -9.27 24.61
N GLU H 100 65.12 -8.62 25.69
CA GLU H 100 64.60 -7.30 26.05
C GLU H 100 65.41 -6.14 25.46
N THR H 101 64.68 -5.14 24.97
CA THR H 101 65.27 -3.92 24.42
C THR H 101 64.32 -2.74 24.62
N ASP H 102 64.87 -1.52 24.63
CA ASP H 102 64.09 -0.31 24.88
C ASP H 102 63.14 0.07 23.75
N TYR H 103 63.40 -0.44 22.55
CA TYR H 103 62.61 -0.13 21.36
C TYR H 103 62.90 -1.13 20.24
N ASP H 104 62.01 -1.20 19.26
CA ASP H 104 62.16 -2.12 18.12
C ASP H 104 63.44 -1.83 17.36
N THR H 105 64.32 -2.84 17.29
CA THR H 105 65.65 -2.69 16.68
C THR H 105 65.71 -3.17 15.22
N GLY H 106 64.57 -3.55 14.67
CA GLY H 106 64.50 -3.94 13.26
C GLY H 106 64.23 -5.43 13.06
N ARG H 107 63.75 -5.76 11.86
CA ARG H 107 63.37 -7.14 11.53
C ARG H 107 64.58 -8.03 11.28
N ASN H 108 65.15 -8.56 12.37
CA ASN H 108 66.29 -9.48 12.32
C ASN H 108 66.41 -10.30 13.60
N ILE H 109 66.77 -11.59 13.46
CA ILE H 109 66.94 -12.47 14.62
C ILE H 109 68.41 -12.84 14.83
N ARG H 110 69.05 -12.12 15.76
CA ARG H 110 70.38 -12.48 16.22
C ARG H 110 70.19 -13.41 17.41
N GLU H 111 70.16 -14.71 17.13
CA GLU H 111 69.73 -15.71 18.12
C GLU H 111 70.68 -15.89 19.31
N ASN H 112 71.90 -15.41 19.18
CA ASN H 112 72.88 -15.41 20.28
C ASN H 112 72.50 -14.47 21.42
N LEU H 113 71.70 -13.46 21.11
CA LEU H 113 71.26 -12.45 22.08
C LEU H 113 70.07 -12.90 22.93
N TYR H 114 69.41 -13.97 22.49
CA TYR H 114 68.19 -14.44 23.13
C TYR H 114 68.44 -15.32 24.35
N VAL H 115 67.68 -15.08 25.41
CA VAL H 115 67.77 -15.85 26.63
C VAL H 115 66.59 -16.83 26.71
N LYS H 116 66.91 -18.07 27.06
CA LYS H 116 65.91 -19.13 27.17
C LYS H 116 65.03 -18.93 28.41
N ILE H 117 63.72 -18.95 28.20
CA ILE H 117 62.77 -18.95 29.30
C ILE H 117 62.60 -20.38 29.81
N ASP H 118 62.28 -21.31 28.90
CA ASP H 118 62.04 -22.71 29.26
C ASP H 118 61.90 -23.62 28.05
N THR H 119 62.01 -24.92 28.30
CA THR H 119 61.59 -25.95 27.36
C THR H 119 60.09 -26.12 27.50
N ILE H 120 59.38 -26.17 26.38
CA ILE H 120 57.92 -26.31 26.37
C ILE H 120 57.51 -27.70 25.88
N ALA H 121 56.73 -28.41 26.70
CA ALA H 121 56.31 -29.77 26.41
C ALA H 121 54.79 -29.93 26.38
N ALA H 122 54.32 -30.94 25.64
CA ALA H 122 52.91 -31.27 25.60
C ALA H 122 52.51 -32.06 26.85
N ASP H 123 51.22 -32.09 27.15
CA ASP H 123 50.68 -32.90 28.25
C ASP H 123 51.05 -34.36 28.03
N GLU H 124 51.18 -35.10 29.13
CA GLU H 124 51.46 -36.53 29.11
C GLU H 124 50.36 -37.31 28.38
N SER H 125 50.74 -38.36 27.65
CA SER H 125 49.79 -39.32 27.07
C SER H 125 50.49 -40.62 26.65
N MET H 136 44.58 -35.86 18.79
CA MET H 136 45.56 -34.86 19.22
C MET H 136 44.90 -33.74 20.00
N LYS H 137 45.44 -33.44 21.18
CA LYS H 137 44.83 -32.48 22.09
C LYS H 137 45.56 -31.15 22.11
N LEU H 138 44.82 -30.10 22.45
CA LEU H 138 45.41 -28.79 22.67
C LEU H 138 46.17 -28.76 23.99
N ASN H 139 47.39 -28.25 23.95
CA ASN H 139 48.20 -28.04 25.14
C ASN H 139 48.24 -26.56 25.52
N THR H 140 48.17 -26.29 26.82
CA THR H 140 48.26 -24.92 27.31
C THR H 140 49.39 -24.80 28.35
N GLU H 141 50.35 -23.94 28.06
CA GLU H 141 51.50 -23.74 28.93
C GLU H 141 51.70 -22.26 29.22
N VAL H 142 51.83 -21.93 30.51
CA VAL H 142 52.05 -20.54 30.95
C VAL H 142 53.42 -20.40 31.58
N ARG H 143 54.15 -19.34 31.20
CA ARG H 143 55.40 -19.00 31.87
C ARG H 143 55.38 -17.57 32.40
N GLU H 144 55.89 -17.39 33.60
CA GLU H 144 56.00 -16.07 34.21
C GLU H 144 57.44 -15.57 34.13
N ILE H 145 57.62 -14.38 33.56
CA ILE H 145 58.93 -13.74 33.42
C ILE H 145 58.95 -12.34 34.04
N GLY H 146 60.15 -11.78 34.18
CA GLY H 146 60.29 -10.42 34.69
C GLY H 146 60.43 -10.33 36.19
N PRO H 147 60.40 -9.10 36.74
CA PRO H 147 60.24 -7.85 35.99
C PRO H 147 61.42 -7.56 35.05
N LEU H 148 61.13 -6.95 33.91
CA LEU H 148 62.13 -6.63 32.92
C LEU H 148 62.82 -5.31 33.21
N SER H 149 64.11 -5.23 32.88
CA SER H 149 64.89 -4.01 33.05
C SER H 149 64.63 -3.00 31.94
N LYS H 150 64.45 -3.50 30.71
CA LYS H 150 64.23 -2.64 29.55
C LYS H 150 62.74 -2.30 29.37
N LYS H 151 62.47 -1.41 28.40
CA LYS H 151 61.11 -0.91 28.15
C LYS H 151 60.22 -1.92 27.43
N GLY H 152 60.82 -2.87 26.74
CA GLY H 152 60.07 -3.87 25.97
C GLY H 152 60.86 -5.15 25.70
N PHE H 153 60.28 -6.02 24.88
CA PHE H 153 60.93 -7.30 24.56
C PHE H 153 60.33 -8.01 23.34
N TYR H 154 61.12 -8.93 22.77
CA TYR H 154 60.62 -9.86 21.76
C TYR H 154 60.49 -11.24 22.40
N LEU H 155 59.48 -12.00 21.97
CA LEU H 155 59.40 -13.41 22.29
C LEU H 155 59.80 -14.22 21.08
N ALA H 156 60.47 -15.35 21.32
CA ALA H 156 60.92 -16.21 20.23
C ALA H 156 60.65 -17.67 20.50
N PHE H 157 60.44 -18.43 19.43
CA PHE H 157 60.13 -19.85 19.49
C PHE H 157 61.13 -20.59 18.62
N GLN H 158 61.88 -21.49 19.24
CA GLN H 158 62.86 -22.28 18.50
C GLN H 158 62.40 -23.72 18.39
N ASP H 159 62.34 -24.22 17.17
CA ASP H 159 62.04 -25.61 16.87
C ASP H 159 63.30 -26.33 16.41
N VAL H 160 63.53 -27.53 16.96
CA VAL H 160 64.69 -28.35 16.58
C VAL H 160 64.31 -29.68 15.94
N GLY H 161 63.09 -29.76 15.42
CA GLY H 161 62.65 -30.93 14.66
C GLY H 161 61.41 -31.60 15.23
N ALA H 162 60.46 -30.79 15.66
CA ALA H 162 59.19 -31.27 16.17
C ALA H 162 58.07 -30.93 15.19
N CYS H 163 56.91 -31.55 15.39
CA CYS H 163 55.73 -31.25 14.57
C CYS H 163 54.76 -30.40 15.39
N ILE H 164 54.83 -29.08 15.20
CA ILE H 164 54.14 -28.13 16.07
C ILE H 164 53.15 -27.26 15.33
N ALA H 165 51.97 -27.11 15.91
CA ALA H 165 51.06 -26.04 15.51
C ALA H 165 50.86 -25.13 16.71
N LEU H 166 51.42 -23.93 16.64
CA LEU H 166 51.26 -22.91 17.66
C LEU H 166 50.00 -22.12 17.35
N VAL H 167 49.00 -22.28 18.21
CA VAL H 167 47.63 -21.86 17.92
C VAL H 167 47.26 -20.51 18.55
N SER H 168 47.94 -20.16 19.63
CA SER H 168 47.68 -18.92 20.34
C SER H 168 48.90 -18.52 21.13
N VAL H 169 49.22 -17.23 21.10
CA VAL H 169 50.23 -16.65 21.98
C VAL H 169 49.60 -15.43 22.63
N LYS H 170 49.57 -15.42 23.95
CA LYS H 170 49.07 -14.28 24.70
C LYS H 170 50.11 -13.82 25.73
N VAL H 171 50.33 -12.50 25.79
CA VAL H 171 51.24 -11.88 26.75
C VAL H 171 50.42 -10.86 27.54
N TYR H 172 50.47 -10.99 28.87
CA TYR H 172 49.59 -10.23 29.75
C TYR H 172 50.17 -10.10 31.16
N TYR H 173 49.61 -9.16 31.92
CA TYR H 173 49.95 -8.96 33.32
C TYR H 173 48.71 -8.64 34.15
N LYS H 174 48.85 -8.72 35.47
CA LYS H 174 47.78 -8.39 36.40
C LYS H 174 48.11 -7.10 37.13
N LYS H 175 47.09 -6.29 37.40
CA LYS H 175 47.25 -5.01 38.08
C LYS H 175 47.08 -5.17 39.58
N ALA I 2 13.43 -10.13 -36.14
CA ALA I 2 12.11 -9.91 -36.79
C ALA I 2 11.71 -8.43 -36.73
N GLU I 3 11.28 -7.89 -37.87
CA GLU I 3 10.93 -6.47 -37.96
C GLU I 3 9.57 -6.20 -38.58
N VAL I 4 8.97 -5.08 -38.17
CA VAL I 4 7.69 -4.61 -38.71
C VAL I 4 7.89 -3.21 -39.28
N LEU I 5 7.47 -3.03 -40.53
CA LEU I 5 7.59 -1.74 -41.21
C LEU I 5 6.40 -0.82 -40.93
N LEU I 6 6.69 0.35 -40.37
CA LEU I 6 5.68 1.38 -40.11
C LEU I 6 5.47 2.28 -41.32
N LEU I 7 6.55 2.48 -42.09
CA LEU I 7 6.51 3.26 -43.32
C LEU I 7 7.59 2.80 -44.29
N ASP I 8 7.26 2.81 -45.58
CA ASP I 8 8.20 2.48 -46.64
C ASP I 8 7.86 3.33 -47.87
N SER I 9 8.77 4.23 -48.23
CA SER I 9 8.54 5.18 -49.33
C SER I 9 8.48 4.52 -50.72
N LYS I 10 8.99 3.29 -50.81
CA LYS I 10 9.03 2.57 -52.07
C LYS I 10 7.90 1.54 -52.12
N ALA I 11 6.67 2.04 -52.09
CA ALA I 11 5.46 1.21 -52.12
C ALA I 11 4.24 2.04 -52.53
N GLU I 17 0.93 12.88 -52.78
CA GLU I 17 2.33 12.98 -52.37
C GLU I 17 2.46 13.64 -50.99
N TRP I 18 3.67 13.59 -50.43
CA TRP I 18 3.96 14.22 -49.14
C TRP I 18 3.90 15.74 -49.23
N ILE I 19 3.76 16.39 -48.06
CA ILE I 19 3.68 17.85 -48.00
C ILE I 19 5.05 18.47 -48.28
N SER I 20 5.09 19.38 -49.26
CA SER I 20 6.31 20.09 -49.63
C SER I 20 6.11 21.60 -49.46
N SER I 21 7.00 22.23 -48.70
CA SER I 21 6.90 23.67 -48.43
C SER I 21 8.29 24.34 -48.38
N PRO I 22 8.60 25.21 -49.37
CA PRO I 22 7.73 25.63 -50.48
C PRO I 22 7.59 24.55 -51.56
N PRO I 23 6.50 24.61 -52.36
CA PRO I 23 6.25 23.63 -53.44
C PRO I 23 7.36 23.55 -54.49
N ASN I 24 8.09 24.64 -54.70
CA ASN I 24 9.20 24.67 -55.66
C ASN I 24 10.54 24.24 -55.05
N GLY I 25 10.53 23.92 -53.76
CA GLY I 25 11.71 23.40 -53.07
C GLY I 25 11.86 21.92 -53.33
N TRP I 26 11.44 21.11 -52.34
CA TRP I 26 11.41 19.66 -52.49
C TRP I 26 10.42 19.25 -53.58
N GLU I 27 10.87 18.39 -54.50
CA GLU I 27 10.08 17.99 -55.65
C GLU I 27 10.04 16.47 -55.75
N GLU I 28 8.85 15.91 -56.00
CA GLU I 28 8.72 14.47 -56.22
C GLU I 28 9.09 14.11 -57.65
N ILE I 29 10.06 13.21 -57.80
CA ILE I 29 10.47 12.69 -59.10
C ILE I 29 10.53 11.17 -59.04
N SER I 30 9.83 10.52 -59.98
CA SER I 30 9.75 9.07 -60.00
C SER I 30 10.39 8.43 -61.23
N GLY I 31 10.76 7.15 -61.11
CA GLY I 31 11.34 6.38 -62.22
C GLY I 31 11.13 4.88 -62.09
N LEU I 32 11.95 4.11 -62.79
CA LEU I 32 11.85 2.64 -62.80
C LEU I 32 13.21 1.96 -62.68
N ASP I 33 13.27 0.84 -61.95
CA ASP I 33 14.54 0.23 -61.55
C ASP I 33 15.00 -1.02 -62.31
N GLU I 34 14.66 -1.12 -63.60
CA GLU I 34 15.06 -2.28 -64.42
C GLU I 34 14.24 -3.55 -64.13
N ASN I 35 13.85 -3.75 -62.87
CA ASN I 35 12.81 -4.71 -62.51
C ASN I 35 11.40 -4.14 -62.73
N TYR I 36 11.36 -2.88 -63.19
CA TYR I 36 10.13 -2.12 -63.46
C TYR I 36 9.40 -1.67 -62.19
N THR I 37 10.10 -1.75 -61.07
CA THR I 37 9.56 -1.29 -59.79
C THR I 37 9.67 0.24 -59.72
N PRO I 38 8.57 0.91 -59.35
CA PRO I 38 8.57 2.37 -59.25
C PRO I 38 9.57 2.86 -58.22
N ILE I 39 10.42 3.80 -58.62
CA ILE I 39 11.33 4.46 -57.70
C ILE I 39 10.80 5.87 -57.46
N ARG I 40 10.47 6.17 -56.21
CA ARG I 40 9.88 7.46 -55.86
C ARG I 40 10.83 8.25 -54.98
N THR I 41 11.31 9.37 -55.52
CA THR I 41 12.30 10.22 -54.85
C THR I 41 11.81 11.64 -54.70
N TYR I 42 12.23 12.29 -53.63
CA TYR I 42 12.01 13.72 -53.45
C TYR I 42 13.37 14.42 -53.53
N GLN I 43 13.46 15.41 -54.42
CA GLN I 43 14.75 16.04 -54.73
C GLN I 43 14.71 17.56 -54.58
N VAL I 44 15.82 18.12 -54.13
CA VAL I 44 15.98 19.56 -53.99
C VAL I 44 17.43 19.96 -54.30
N CYS I 45 17.60 21.04 -55.06
CA CYS I 45 18.92 21.55 -55.43
C CYS I 45 18.85 23.04 -55.75
N GLN I 46 18.92 23.87 -54.70
CA GLN I 46 18.89 25.32 -54.85
C GLN I 46 20.16 25.96 -54.26
N VAL I 47 21.32 25.49 -54.72
CA VAL I 47 22.61 26.01 -54.27
C VAL I 47 22.97 27.33 -54.95
N MET I 48 22.14 27.76 -55.90
CA MET I 48 22.31 29.03 -56.60
C MET I 48 21.80 30.23 -55.80
N GLU I 49 20.72 30.02 -55.05
CA GLU I 49 20.12 31.08 -54.23
C GLU I 49 20.45 30.87 -52.76
N PRO I 50 20.86 31.94 -52.06
CA PRO I 50 21.24 31.86 -50.65
C PRO I 50 20.04 31.67 -49.70
N ASN I 51 20.33 31.25 -48.47
CA ASN I 51 19.35 31.13 -47.38
C ASN I 51 18.15 30.22 -47.71
N GLN I 52 18.44 28.96 -48.02
CA GLN I 52 17.40 27.99 -48.32
C GLN I 52 16.75 27.46 -47.04
N ASN I 53 15.44 27.28 -47.09
CA ASN I 53 14.69 26.68 -46.00
C ASN I 53 13.52 25.86 -46.56
N ASN I 54 13.86 24.74 -47.17
CA ASN I 54 12.89 23.90 -47.87
C ASN I 54 12.50 22.68 -47.03
N TRP I 55 11.21 22.55 -46.78
CA TRP I 55 10.68 21.50 -45.92
C TRP I 55 9.89 20.44 -46.68
N LEU I 56 10.11 19.18 -46.30
CA LEU I 56 9.35 18.05 -46.79
C LEU I 56 8.82 17.28 -45.59
N ARG I 57 7.51 17.07 -45.53
CA ARG I 57 6.91 16.34 -44.43
C ARG I 57 6.17 15.12 -44.94
N THR I 58 6.43 13.97 -44.31
CA THR I 58 5.73 12.72 -44.65
C THR I 58 4.26 12.82 -44.26
N ASN I 59 3.50 11.78 -44.60
CA ASN I 59 2.15 11.64 -44.08
C ASN I 59 2.23 11.12 -42.65
N TRP I 60 1.12 11.18 -41.92
CA TRP I 60 1.06 10.73 -40.53
C TRP I 60 1.38 9.24 -40.43
N ILE I 61 2.33 8.91 -39.55
CA ILE I 61 2.78 7.54 -39.35
C ILE I 61 2.35 7.04 -37.98
N SER I 62 1.51 6.01 -37.95
CA SER I 62 1.12 5.37 -36.70
C SER I 62 2.28 4.55 -36.13
N LYS I 63 2.45 4.58 -34.80
CA LYS I 63 3.57 3.88 -34.17
C LYS I 63 3.31 2.38 -33.99
N GLY I 64 2.05 1.98 -34.06
CA GLY I 64 1.66 0.58 -33.86
C GLY I 64 2.02 0.06 -32.48
N ASN I 65 2.73 -1.06 -32.43
CA ASN I 65 3.19 -1.64 -31.17
C ASN I 65 4.68 -1.38 -30.93
N ALA I 66 5.16 -0.23 -31.39
CA ALA I 66 6.59 0.12 -31.32
C ALA I 66 6.97 0.85 -30.04
N GLN I 67 8.13 0.48 -29.51
CA GLN I 67 8.78 1.24 -28.46
C GLN I 67 9.80 2.16 -29.15
N ARG I 68 11.05 1.71 -29.24
CA ARG I 68 12.07 2.43 -29.98
C ARG I 68 11.91 2.24 -31.49
N ILE I 69 12.10 3.33 -32.24
CA ILE I 69 11.82 3.36 -33.67
C ILE I 69 13.07 3.74 -34.46
N PHE I 70 13.36 2.97 -35.50
CA PHE I 70 14.47 3.25 -36.41
C PHE I 70 13.99 3.95 -37.66
N VAL I 71 14.74 4.97 -38.08
CA VAL I 71 14.46 5.70 -39.31
C VAL I 71 15.69 5.56 -40.22
N GLU I 72 15.52 4.89 -41.36
CA GLU I 72 16.60 4.76 -42.35
C GLU I 72 16.38 5.70 -43.53
N LEU I 73 17.38 6.53 -43.79
CA LEU I 73 17.35 7.43 -44.94
C LEU I 73 18.42 7.04 -45.95
N LYS I 74 17.99 6.85 -47.20
CA LYS I 74 18.92 6.67 -48.30
C LYS I 74 18.82 7.89 -49.21
N PHE I 75 19.98 8.45 -49.57
CA PHE I 75 20.04 9.67 -50.34
C PHE I 75 21.36 9.84 -51.06
N THR I 76 21.35 10.65 -52.13
CA THR I 76 22.57 11.14 -52.75
C THR I 76 22.74 12.60 -52.37
N LEU I 77 23.99 13.05 -52.25
CA LEU I 77 24.29 14.42 -51.91
C LEU I 77 25.62 14.80 -52.54
N ARG I 78 25.57 15.70 -53.52
CA ARG I 78 26.74 16.06 -54.31
C ARG I 78 27.79 16.85 -53.53
N ASP I 79 29.05 16.63 -53.89
CA ASP I 79 30.16 17.41 -53.37
C ASP I 79 30.10 18.83 -53.94
N CYS I 80 30.13 19.82 -53.05
CA CYS I 80 30.03 21.23 -53.45
C CYS I 80 31.17 21.67 -54.38
N ASN I 81 32.31 20.98 -54.30
CA ASN I 81 33.45 21.25 -55.17
C ASN I 81 33.25 20.80 -56.62
N SER I 82 32.26 19.93 -56.85
CA SER I 82 31.97 19.43 -58.20
C SER I 82 30.86 20.23 -58.91
N LEU I 83 30.42 21.31 -58.27
CA LEU I 83 29.36 22.16 -58.83
C LEU I 83 29.90 23.55 -59.21
N PRO I 84 29.58 24.01 -60.43
CA PRO I 84 30.02 25.34 -60.89
C PRO I 84 29.15 26.46 -60.33
N GLY I 85 29.78 27.58 -59.96
CA GLY I 85 29.08 28.76 -59.47
C GLY I 85 28.95 28.81 -57.96
N VAL I 86 28.34 27.78 -57.38
CA VAL I 86 28.09 27.67 -55.93
C VAL I 86 27.92 29.00 -55.20
N CYS I 90 26.85 26.62 -50.33
CA CYS I 90 26.56 25.21 -50.56
C CYS I 90 26.87 24.37 -49.32
N LYS I 91 25.97 23.45 -48.99
CA LYS I 91 26.13 22.59 -47.83
C LYS I 91 26.06 21.10 -48.20
N GLU I 92 26.65 20.26 -47.36
CA GLU I 92 26.69 18.81 -47.59
C GLU I 92 25.99 18.03 -46.48
N THR I 93 25.01 18.69 -45.86
CA THR I 93 24.16 18.08 -44.84
C THR I 93 22.70 18.50 -45.05
N PHE I 94 21.78 17.81 -44.38
CA PHE I 94 20.41 18.30 -44.22
C PHE I 94 19.89 17.90 -42.84
N ASN I 95 18.73 18.44 -42.47
CA ASN I 95 18.18 18.20 -41.14
C ASN I 95 16.98 17.27 -41.13
N LEU I 96 16.91 16.44 -40.09
CA LEU I 96 15.81 15.52 -39.90
C LEU I 96 15.03 15.89 -38.64
N TYR I 97 13.73 16.11 -38.82
CA TYR I 97 12.85 16.53 -37.73
C TYR I 97 11.70 15.54 -37.55
N TYR I 98 11.05 15.61 -36.40
CA TYR I 98 9.79 14.88 -36.18
C TYR I 98 8.81 15.68 -35.31
N TYR I 99 7.54 15.33 -35.42
CA TYR I 99 6.49 15.92 -34.58
C TYR I 99 5.44 14.85 -34.30
N GLU I 100 5.29 14.49 -33.03
CA GLU I 100 4.36 13.44 -32.64
C GLU I 100 2.97 13.99 -32.31
N THR I 101 1.95 13.38 -32.92
CA THR I 101 0.55 13.76 -32.68
C THR I 101 -0.35 12.53 -32.60
N ASP I 102 -1.31 12.57 -31.67
CA ASP I 102 -2.22 11.45 -31.40
C ASP I 102 -3.07 11.02 -32.60
N TYR I 103 -3.45 11.96 -33.45
CA TYR I 103 -4.36 11.66 -34.54
C TYR I 103 -3.81 11.98 -35.93
N ASP I 104 -4.51 11.47 -36.95
CA ASP I 104 -4.04 11.45 -38.34
C ASP I 104 -3.76 12.81 -38.99
N THR I 105 -3.31 12.74 -40.25
CA THR I 105 -2.89 13.89 -41.05
C THR I 105 -3.67 15.20 -40.83
N GLY I 106 -2.92 16.26 -40.52
CA GLY I 106 -3.43 17.62 -40.58
C GLY I 106 -2.69 18.32 -41.70
N ARG I 107 -3.44 18.82 -42.68
CA ARG I 107 -2.88 19.40 -43.92
C ARG I 107 -1.68 20.32 -43.73
N ASN I 108 -1.76 21.20 -42.73
CA ASN I 108 -0.70 22.19 -42.46
C ASN I 108 0.43 21.61 -41.61
N ILE I 109 1.65 22.05 -41.89
CA ILE I 109 2.82 21.72 -41.06
C ILE I 109 3.47 22.95 -40.45
N ARG I 110 3.21 23.15 -39.16
CA ARG I 110 3.80 24.27 -38.42
C ARG I 110 5.28 24.02 -38.20
N GLU I 111 6.09 24.72 -39.00
CA GLU I 111 7.55 24.61 -39.02
C GLU I 111 8.19 24.58 -37.62
N ASN I 112 7.65 25.37 -36.70
CA ASN I 112 8.26 25.59 -35.39
C ASN I 112 7.87 24.57 -34.31
N LEU I 113 6.96 23.66 -34.63
CA LEU I 113 6.52 22.62 -33.70
C LEU I 113 7.36 21.34 -33.82
N TYR I 114 8.28 21.32 -34.77
CA TYR I 114 9.10 20.15 -35.04
C TYR I 114 10.36 20.08 -34.17
N VAL I 115 10.58 18.91 -33.56
CA VAL I 115 11.77 18.67 -32.76
C VAL I 115 12.82 17.97 -33.62
N LYS I 116 14.03 18.54 -33.65
CA LYS I 116 15.14 17.99 -34.42
C LYS I 116 15.62 16.65 -33.88
N ILE I 117 15.80 15.68 -34.77
CA ILE I 117 16.38 14.40 -34.43
C ILE I 117 17.91 14.48 -34.51
N ASP I 118 18.41 14.87 -35.67
CA ASP I 118 19.85 15.02 -35.90
C ASP I 118 20.11 15.73 -37.22
N THR I 119 21.35 16.19 -37.39
CA THR I 119 21.87 16.60 -38.69
C THR I 119 22.24 15.34 -39.45
N ILE I 120 21.81 15.26 -40.71
CA ILE I 120 22.12 14.11 -41.57
C ILE I 120 23.18 14.52 -42.59
N ALA I 121 24.34 13.87 -42.52
CA ALA I 121 25.47 14.18 -43.39
C ALA I 121 25.75 13.07 -44.39
N ALA I 122 26.36 13.45 -45.51
CA ALA I 122 26.87 12.50 -46.49
C ALA I 122 28.16 11.84 -45.99
N ASP I 123 28.47 10.65 -46.52
CA ASP I 123 29.77 10.00 -46.31
C ASP I 123 30.88 10.99 -46.67
N GLU I 124 32.07 10.82 -46.08
CA GLU I 124 33.19 11.69 -46.41
C GLU I 124 33.69 11.43 -47.84
N SER I 125 33.41 10.25 -48.36
CA SER I 125 33.70 9.93 -49.75
C SER I 125 32.43 10.02 -50.58
N PHE I 126 32.53 10.69 -51.73
CA PHE I 126 31.39 10.84 -52.63
C PHE I 126 31.45 9.83 -53.77
N THR I 127 32.54 9.05 -53.80
CA THR I 127 32.77 7.96 -54.76
C THR I 127 32.64 8.41 -56.22
N ARG I 134 32.45 2.82 -59.55
CA ARG I 134 32.57 4.02 -60.36
C ARG I 134 31.29 4.88 -60.36
N LYS I 135 30.34 4.54 -59.49
CA LYS I 135 29.14 5.33 -59.30
C LYS I 135 29.40 6.40 -58.25
N MET I 136 28.51 7.38 -58.15
CA MET I 136 28.57 8.33 -57.04
C MET I 136 27.90 7.71 -55.81
N LYS I 137 28.21 8.27 -54.64
CA LYS I 137 27.83 7.68 -53.36
C LYS I 137 26.33 7.63 -53.13
N LEU I 138 25.84 6.44 -52.80
CA LEU I 138 24.53 6.31 -52.19
C LEU I 138 24.74 6.26 -50.68
N ASN I 139 24.30 7.30 -49.98
CA ASN I 139 24.44 7.38 -48.53
C ASN I 139 23.29 6.69 -47.83
N THR I 140 23.60 5.98 -46.75
CA THR I 140 22.56 5.43 -45.89
C THR I 140 22.83 5.85 -44.43
N GLU I 141 21.83 6.50 -43.83
CA GLU I 141 21.91 6.99 -42.46
C GLU I 141 20.70 6.53 -41.67
N VAL I 142 20.96 6.02 -40.46
CA VAL I 142 19.92 5.47 -39.59
C VAL I 142 19.94 6.20 -38.25
N ARG I 143 18.76 6.55 -37.75
CA ARG I 143 18.63 7.13 -36.42
C ARG I 143 17.56 6.40 -35.62
N GLU I 144 17.83 6.21 -34.33
CA GLU I 144 16.91 5.59 -33.40
C GLU I 144 16.21 6.64 -32.54
N ILE I 145 14.88 6.64 -32.57
CA ILE I 145 14.08 7.56 -31.77
C ILE I 145 13.09 6.80 -30.88
N GLY I 146 12.49 7.51 -29.92
CA GLY I 146 11.47 6.93 -29.06
C GLY I 146 11.99 6.39 -27.74
N PRO I 147 11.10 5.74 -26.96
CA PRO I 147 9.68 5.54 -27.25
C PRO I 147 8.88 6.83 -27.20
N LEU I 148 7.92 6.97 -28.11
CA LEU I 148 7.09 8.17 -28.19
C LEU I 148 5.87 8.05 -27.29
N SER I 149 5.38 9.18 -26.82
CA SER I 149 4.19 9.23 -25.97
C SER I 149 2.89 9.28 -26.79
N LYS I 150 2.94 9.93 -27.94
CA LYS I 150 1.78 10.06 -28.83
C LYS I 150 1.61 8.83 -29.74
N LYS I 151 0.36 8.60 -30.15
CA LYS I 151 -0.01 7.42 -30.95
C LYS I 151 0.60 7.40 -32.36
N GLY I 152 0.99 8.57 -32.87
CA GLY I 152 1.62 8.66 -34.18
C GLY I 152 2.55 9.85 -34.31
N PHE I 153 3.12 10.03 -35.51
CA PHE I 153 4.10 11.11 -35.74
C PHE I 153 4.33 11.43 -37.21
N TYR I 154 4.77 12.66 -37.46
CA TYR I 154 5.25 13.10 -38.76
C TYR I 154 6.77 13.06 -38.76
N LEU I 155 7.36 12.76 -39.93
CA LEU I 155 8.78 12.98 -40.14
C LEU I 155 8.96 14.13 -41.11
N ALA I 156 10.00 14.93 -40.90
CA ALA I 156 10.26 16.09 -41.76
C ALA I 156 11.73 16.21 -42.14
N PHE I 157 11.97 16.72 -43.35
CA PHE I 157 13.32 16.88 -43.87
C PHE I 157 13.53 18.33 -44.31
N GLN I 158 14.56 18.96 -43.77
CA GLN I 158 14.83 20.38 -44.04
C GLN I 158 16.13 20.58 -44.81
N ASP I 159 16.02 21.18 -45.99
CA ASP I 159 17.17 21.56 -46.80
C ASP I 159 17.59 23.00 -46.51
N VAL I 160 18.87 23.19 -46.22
CA VAL I 160 19.42 24.52 -45.92
C VAL I 160 20.43 24.99 -46.98
N GLY I 161 20.35 24.40 -48.16
CA GLY I 161 21.22 24.79 -49.28
C GLY I 161 22.12 23.67 -49.75
N ALA I 162 21.50 22.52 -50.02
CA ALA I 162 22.24 21.33 -50.45
C ALA I 162 21.61 20.69 -51.69
N CYS I 163 22.43 19.95 -52.44
CA CYS I 163 21.98 19.26 -53.64
C CYS I 163 21.66 17.80 -53.32
N ILE I 164 20.40 17.56 -52.94
CA ILE I 164 19.99 16.26 -52.38
C ILE I 164 18.96 15.54 -53.24
N ALA I 165 19.06 14.22 -53.28
CA ALA I 165 17.99 13.36 -53.75
C ALA I 165 17.67 12.35 -52.65
N LEU I 166 16.53 12.54 -51.99
CA LEU I 166 16.07 11.59 -50.98
C LEU I 166 15.41 10.43 -51.70
N VAL I 167 16.05 9.27 -51.65
CA VAL I 167 15.72 8.13 -52.50
C VAL I 167 14.86 7.09 -51.78
N SER I 168 15.02 6.99 -50.47
CA SER I 168 14.32 5.98 -49.68
C SER I 168 14.15 6.41 -48.23
N VAL I 169 12.95 6.22 -47.71
CA VAL I 169 12.66 6.46 -46.31
C VAL I 169 11.97 5.21 -45.74
N LYS I 170 12.59 4.59 -44.75
CA LYS I 170 11.99 3.42 -44.10
C LYS I 170 11.91 3.63 -42.59
N VAL I 171 10.75 3.31 -42.02
CA VAL I 171 10.50 3.43 -40.59
C VAL I 171 10.05 2.08 -40.07
N TYR I 172 10.75 1.56 -39.06
CA TYR I 172 10.56 0.18 -38.62
C TYR I 172 11.00 -0.03 -37.17
N TYR I 173 10.40 -1.01 -36.51
CA TYR I 173 10.86 -1.46 -35.19
C TYR I 173 11.23 -2.94 -35.21
N LYS I 174 11.83 -3.43 -34.14
CA LYS I 174 12.43 -4.77 -34.13
C LYS I 174 11.83 -5.73 -33.10
N LYS I 175 10.57 -5.51 -32.75
CA LYS I 175 9.84 -6.35 -31.77
C LYS I 175 10.57 -6.52 -30.44
N ALA J 2 -53.14 35.46 -11.02
CA ALA J 2 -51.78 34.93 -10.69
C ALA J 2 -51.76 34.28 -9.31
N GLU J 3 -51.00 33.19 -9.21
CA GLU J 3 -50.95 32.39 -7.98
C GLU J 3 -49.57 32.44 -7.32
N VAL J 4 -49.56 32.58 -6.00
CA VAL J 4 -48.33 32.56 -5.21
C VAL J 4 -48.39 31.39 -4.22
N LEU J 5 -47.43 30.47 -4.33
CA LEU J 5 -47.33 29.34 -3.43
C LEU J 5 -46.68 29.71 -2.10
N LEU J 6 -47.39 29.49 -1.00
CA LEU J 6 -46.84 29.68 0.34
C LEU J 6 -46.24 28.39 0.87
N LEU J 7 -46.82 27.26 0.47
CA LEU J 7 -46.36 25.94 0.90
C LEU J 7 -46.69 24.88 -0.14
N ASP J 8 -45.71 24.00 -0.40
CA ASP J 8 -45.86 22.87 -1.31
C ASP J 8 -45.16 21.66 -0.68
N SER J 9 -45.94 20.83 0.02
CA SER J 9 -45.42 19.79 0.92
C SER J 9 -44.49 18.75 0.29
N LYS J 10 -44.82 18.28 -0.90
CA LYS J 10 -44.07 17.19 -1.56
C LYS J 10 -42.61 17.51 -1.84
N ALA J 11 -42.34 18.79 -2.13
CA ALA J 11 -41.01 19.23 -2.54
C ALA J 11 -40.24 19.99 -1.45
N GLN J 12 -40.82 20.11 -0.26
CA GLN J 12 -40.18 20.82 0.86
C GLN J 12 -38.87 20.18 1.30
N GLN J 13 -37.84 21.02 1.41
CA GLN J 13 -36.53 20.59 1.89
C GLN J 13 -36.59 20.14 3.35
N THR J 14 -35.59 19.37 3.77
CA THR J 14 -35.51 18.80 5.11
C THR J 14 -35.52 19.84 6.23
N GLU J 15 -34.82 20.96 6.04
CA GLU J 15 -34.72 21.99 7.07
C GLU J 15 -36.05 22.65 7.45
N LEU J 16 -37.10 22.41 6.65
CA LEU J 16 -38.46 22.79 7.02
C LEU J 16 -39.16 21.56 7.58
N GLU J 17 -39.28 21.52 8.91
CA GLU J 17 -39.76 20.33 9.61
C GLU J 17 -41.26 20.37 9.92
N TRP J 18 -41.88 19.20 9.85
CA TRP J 18 -43.24 19.01 10.32
C TRP J 18 -43.20 18.22 11.63
N ILE J 19 -44.12 18.52 12.53
CA ILE J 19 -44.14 17.91 13.86
C ILE J 19 -45.27 16.89 14.02
N SER J 20 -44.92 15.70 14.51
CA SER J 20 -45.88 14.66 14.87
C SER J 20 -46.04 14.59 16.38
N SER J 21 -47.29 14.66 16.83
CA SER J 21 -47.61 14.48 18.25
C SER J 21 -48.89 13.64 18.41
N PRO J 22 -48.76 12.42 18.94
CA PRO J 22 -47.52 11.80 19.44
C PRO J 22 -46.53 11.48 18.31
N PRO J 23 -45.23 11.36 18.64
CA PRO J 23 -44.20 11.13 17.62
C PRO J 23 -44.35 9.80 16.86
N ASN J 24 -45.08 8.86 17.45
N ASN J 24 -45.09 8.86 17.45
CA ASN J 24 -45.30 7.55 16.83
CA ASN J 24 -45.31 7.55 16.86
C ASN J 24 -46.67 7.42 16.15
C ASN J 24 -46.62 7.43 16.08
N GLY J 25 -47.32 8.56 15.95
CA GLY J 25 -48.60 8.60 15.24
C GLY J 25 -48.37 8.82 13.76
N TRP J 26 -48.52 10.07 13.32
CA TRP J 26 -48.22 10.44 11.93
C TRP J 26 -46.76 10.17 11.63
N GLU J 27 -46.51 9.56 10.47
CA GLU J 27 -45.15 9.25 10.03
C GLU J 27 -44.84 10.07 8.79
N GLU J 28 -43.66 10.68 8.77
CA GLU J 28 -43.17 11.29 7.55
C GLU J 28 -42.50 10.24 6.69
N ILE J 29 -42.80 10.32 5.40
CA ILE J 29 -42.36 9.35 4.42
C ILE J 29 -41.67 10.09 3.29
N SER J 30 -40.51 9.60 2.89
CA SER J 30 -39.90 10.08 1.67
C SER J 30 -39.76 8.92 0.71
N GLY J 31 -39.93 9.20 -0.57
CA GLY J 31 -39.81 8.17 -1.59
C GLY J 31 -39.44 8.79 -2.92
N LEU J 32 -39.29 7.94 -3.94
CA LEU J 32 -39.04 8.44 -5.28
C LEU J 32 -40.26 8.20 -6.15
N ASP J 33 -40.67 9.23 -6.88
CA ASP J 33 -41.84 9.14 -7.76
C ASP J 33 -41.50 8.48 -9.10
N GLU J 34 -42.42 8.59 -10.05
CA GLU J 34 -42.28 7.95 -11.36
C GLU J 34 -41.11 8.51 -12.17
N ASN J 35 -40.71 9.74 -11.87
CA ASN J 35 -39.55 10.36 -12.52
C ASN J 35 -38.27 10.19 -11.72
N TYR J 36 -38.34 9.35 -10.67
CA TYR J 36 -37.21 9.03 -9.80
C TYR J 36 -36.75 10.26 -9.01
N THR J 37 -37.70 11.12 -8.68
CA THR J 37 -37.43 12.33 -7.90
C THR J 37 -38.10 12.25 -6.53
N PRO J 38 -37.48 12.86 -5.50
CA PRO J 38 -37.98 12.72 -4.13
C PRO J 38 -39.38 13.29 -3.96
N ILE J 39 -40.24 12.54 -3.27
CA ILE J 39 -41.49 13.10 -2.79
C ILE J 39 -41.69 12.80 -1.32
N ARG J 40 -42.01 13.86 -0.59
CA ARG J 40 -42.16 13.83 0.84
C ARG J 40 -43.66 13.80 1.14
N THR J 41 -44.11 12.75 1.82
CA THR J 41 -45.52 12.57 2.13
C THR J 41 -45.71 12.15 3.60
N TYR J 42 -46.97 12.04 4.01
CA TYR J 42 -47.29 11.70 5.40
C TYR J 42 -48.39 10.65 5.45
N GLN J 43 -48.41 9.88 6.52
CA GLN J 43 -49.37 8.79 6.67
C GLN J 43 -49.55 8.34 8.12
N VAL J 44 -50.74 7.82 8.38
CA VAL J 44 -51.07 7.18 9.65
C VAL J 44 -52.15 6.14 9.37
N CYS J 45 -52.07 4.99 10.03
CA CYS J 45 -53.04 3.90 9.85
C CYS J 45 -53.13 3.07 11.12
N GLN J 46 -53.54 3.72 12.21
CA GLN J 46 -53.68 3.07 13.51
C GLN J 46 -55.15 2.74 13.77
N VAL J 47 -55.71 1.90 12.91
CA VAL J 47 -57.14 1.55 12.98
C VAL J 47 -57.42 0.41 13.97
N MET J 48 -56.34 -0.10 14.56
CA MET J 48 -56.43 -1.21 15.52
C MET J 48 -56.79 -0.72 16.92
N GLU J 49 -56.09 0.32 17.36
CA GLU J 49 -56.22 0.83 18.73
C GLU J 49 -57.28 1.93 18.83
N PRO J 50 -58.07 1.93 19.93
CA PRO J 50 -59.07 2.98 20.16
C PRO J 50 -58.46 4.26 20.73
N ASN J 51 -59.27 5.33 20.76
CA ASN J 51 -58.88 6.63 21.32
C ASN J 51 -57.67 7.29 20.65
N GLN J 52 -57.55 7.09 19.33
CA GLN J 52 -56.48 7.72 18.55
C GLN J 52 -56.68 9.23 18.47
N ASN J 53 -55.59 9.97 18.68
CA ASN J 53 -55.60 11.42 18.65
C ASN J 53 -54.26 11.93 18.11
N ASN J 54 -53.96 11.53 16.89
CA ASN J 54 -52.67 11.81 16.26
C ASN J 54 -52.67 13.13 15.51
N TRP J 55 -51.72 13.99 15.87
CA TRP J 55 -51.61 15.31 15.28
C TRP J 55 -50.37 15.46 14.41
N LEU J 56 -50.52 16.23 13.34
CA LEU J 56 -49.42 16.56 12.44
C LEU J 56 -49.50 18.05 12.14
N ARG J 57 -48.39 18.74 12.35
CA ARG J 57 -48.32 20.18 12.15
C ARG J 57 -47.25 20.52 11.12
N THR J 58 -47.56 21.48 10.25
CA THR J 58 -46.63 21.98 9.25
C THR J 58 -45.58 22.88 9.91
N ASN J 59 -44.60 23.31 9.13
CA ASN J 59 -43.71 24.38 9.53
C ASN J 59 -44.49 25.70 9.57
N TRP J 60 -43.89 26.73 10.17
CA TRP J 60 -44.50 28.05 10.22
C TRP J 60 -44.59 28.67 8.82
N ILE J 61 -45.81 29.01 8.42
CA ILE J 61 -46.07 29.58 7.10
C ILE J 61 -46.32 31.08 7.22
N SER J 62 -45.40 31.89 6.69
CA SER J 62 -45.63 33.33 6.59
C SER J 62 -46.60 33.62 5.46
N LYS J 63 -47.63 34.41 5.74
CA LYS J 63 -48.69 34.69 4.76
C LYS J 63 -48.25 35.67 3.66
N GLY J 64 -47.24 36.49 3.96
CA GLY J 64 -46.79 37.52 3.03
C GLY J 64 -47.88 38.55 2.74
N ASN J 65 -48.16 38.75 1.46
CA ASN J 65 -49.17 39.71 1.01
C ASN J 65 -50.56 39.08 0.81
N ALA J 66 -50.75 37.90 1.40
CA ALA J 66 -51.99 37.14 1.26
C ALA J 66 -53.14 37.78 2.02
N GLN J 67 -54.32 37.77 1.40
CA GLN J 67 -55.57 38.10 2.07
C GLN J 67 -56.34 36.80 2.30
N ARG J 68 -57.18 36.41 1.33
CA ARG J 68 -57.83 35.11 1.35
C ARG J 68 -56.78 34.06 1.00
N ILE J 69 -56.76 32.96 1.77
CA ILE J 69 -55.80 31.89 1.55
C ILE J 69 -56.49 30.58 1.20
N PHE J 70 -55.93 29.85 0.24
CA PHE J 70 -56.47 28.56 -0.15
C PHE J 70 -55.57 27.43 0.31
N VAL J 71 -56.19 26.35 0.75
CA VAL J 71 -55.50 25.14 1.19
C VAL J 71 -56.02 23.96 0.38
N GLU J 72 -55.12 23.31 -0.36
CA GLU J 72 -55.47 22.11 -1.13
C GLU J 72 -54.80 20.88 -0.52
N LEU J 73 -55.63 19.88 -0.22
CA LEU J 73 -55.15 18.61 0.29
C LEU J 73 -55.41 17.53 -0.73
N LYS J 74 -54.40 16.71 -0.99
CA LYS J 74 -54.59 15.50 -1.81
C LYS J 74 -54.28 14.31 -0.93
N PHE J 75 -55.17 13.32 -0.91
CA PHE J 75 -55.08 12.28 0.11
C PHE J 75 -55.83 11.01 -0.27
N THR J 76 -55.51 9.92 0.39
CA THR J 76 -56.32 8.72 0.33
C THR J 76 -56.80 8.39 1.73
N LEU J 77 -57.96 7.74 1.79
CA LEU J 77 -58.61 7.43 3.03
C LEU J 77 -59.30 6.10 2.77
N ARG J 78 -58.77 5.03 3.36
CA ARG J 78 -59.29 3.69 3.09
C ARG J 78 -60.66 3.49 3.70
N ASP J 79 -61.53 2.79 2.97
CA ASP J 79 -62.84 2.42 3.50
C ASP J 79 -62.60 1.42 4.61
N CYS J 80 -63.31 1.61 5.74
CA CYS J 80 -63.15 0.75 6.90
C CYS J 80 -63.63 -0.69 6.65
N ASN J 81 -64.39 -0.88 5.56
CA ASN J 81 -64.79 -2.19 5.09
C ASN J 81 -63.60 -3.04 4.69
N SER J 82 -62.56 -2.38 4.18
CA SER J 82 -61.35 -3.04 3.72
C SER J 82 -60.43 -3.45 4.87
N LEU J 83 -60.85 -3.15 6.11
CA LEU J 83 -60.08 -3.47 7.31
C LEU J 83 -60.96 -4.00 8.46
N PRO J 84 -61.69 -5.11 8.24
CA PRO J 84 -62.59 -5.59 9.30
C PRO J 84 -61.86 -6.41 10.38
N LEU J 87 -62.41 -2.97 14.72
CA LEU J 87 -63.76 -3.52 14.75
C LEU J 87 -64.74 -2.52 15.39
N GLY J 88 -65.19 -1.56 14.59
CA GLY J 88 -66.12 -0.52 15.05
C GLY J 88 -65.45 0.79 15.42
N THR J 89 -64.12 0.79 15.49
CA THR J 89 -63.35 1.96 15.93
C THR J 89 -62.76 2.76 14.77
N CYS J 90 -62.81 2.17 13.57
CA CYS J 90 -62.23 2.79 12.36
C CYS J 90 -63.05 4.00 11.91
N LYS J 91 -62.35 5.03 11.42
CA LYS J 91 -62.99 6.26 10.95
C LYS J 91 -62.68 6.51 9.47
N GLU J 92 -63.56 7.24 8.80
CA GLU J 92 -63.38 7.54 7.38
C GLU J 92 -63.23 9.04 7.10
N THR J 93 -62.87 9.80 8.13
CA THR J 93 -62.55 11.22 7.98
C THR J 93 -61.33 11.60 8.83
N PHE J 94 -60.80 12.79 8.56
CA PHE J 94 -59.84 13.44 9.45
C PHE J 94 -60.13 14.93 9.50
N ASN J 95 -59.53 15.63 10.46
CA ASN J 95 -59.83 17.04 10.68
C ASN J 95 -58.68 17.97 10.29
N LEU J 96 -59.02 19.08 9.64
CA LEU J 96 -58.06 20.13 9.30
C LEU J 96 -58.17 21.29 10.28
N TYR J 97 -57.03 21.70 10.85
CA TYR J 97 -56.98 22.80 11.82
C TYR J 97 -55.97 23.86 11.38
N TYR J 98 -56.07 25.04 11.98
CA TYR J 98 -55.05 26.09 11.79
C TYR J 98 -54.85 26.93 13.05
N TYR J 99 -53.66 27.53 13.16
CA TYR J 99 -53.35 28.44 14.26
C TYR J 99 -52.48 29.58 13.79
N GLU J 100 -52.98 30.81 13.96
CA GLU J 100 -52.25 32.02 13.60
C GLU J 100 -51.22 32.39 14.66
N THR J 101 -50.03 32.81 14.21
CA THR J 101 -49.00 33.37 15.08
C THR J 101 -48.03 34.26 14.30
N ASP J 102 -47.50 35.29 14.95
CA ASP J 102 -46.65 36.28 14.28
C ASP J 102 -45.25 35.79 13.91
N TYR J 103 -44.80 34.72 14.57
CA TYR J 103 -43.49 34.13 14.34
C TYR J 103 -43.47 32.66 14.72
N ASP J 104 -42.49 31.92 14.21
CA ASP J 104 -42.29 30.52 14.58
C ASP J 104 -42.03 30.40 16.08
N THR J 105 -42.92 29.69 16.77
CA THR J 105 -42.77 29.44 18.20
C THR J 105 -42.15 28.06 18.43
N GLY J 106 -42.47 27.43 19.56
CA GLY J 106 -41.99 26.09 19.87
C GLY J 106 -42.48 25.05 18.89
N ARG J 107 -41.79 23.91 18.84
CA ARG J 107 -42.18 22.80 17.98
C ARG J 107 -43.40 22.06 18.53
N ASN J 108 -43.64 22.20 19.82
CA ASN J 108 -44.81 21.63 20.49
C ASN J 108 -45.89 22.70 20.67
N ILE J 109 -47.07 22.47 20.08
CA ILE J 109 -48.22 23.33 20.35
C ILE J 109 -49.39 22.59 21.00
N ARG J 110 -50.11 23.29 21.86
CA ARG J 110 -51.30 22.77 22.52
C ARG J 110 -52.47 22.69 21.54
N GLU J 111 -53.18 21.57 21.58
CA GLU J 111 -54.30 21.32 20.68
C GLU J 111 -55.51 22.22 20.97
N ASN J 112 -55.54 22.78 22.18
CA ASN J 112 -56.59 23.72 22.59
C ASN J 112 -56.56 25.04 21.83
N LEU J 113 -55.38 25.41 21.34
CA LEU J 113 -55.18 26.67 20.63
C LEU J 113 -55.61 26.61 19.15
N TYR J 114 -55.81 25.41 18.63
CA TYR J 114 -56.13 25.24 17.21
C TYR J 114 -57.59 25.47 16.86
N VAL J 115 -57.81 26.11 15.71
CA VAL J 115 -59.15 26.39 15.20
C VAL J 115 -59.46 25.44 14.04
N LYS J 116 -60.55 24.70 14.18
CA LYS J 116 -60.98 23.75 13.17
C LYS J 116 -61.45 24.47 11.91
N ILE J 117 -60.88 24.07 10.77
CA ILE J 117 -61.32 24.55 9.47
C ILE J 117 -62.48 23.68 8.98
N ASP J 118 -62.24 22.37 8.92
CA ASP J 118 -63.27 21.43 8.48
C ASP J 118 -62.92 19.99 8.77
N THR J 119 -63.96 19.15 8.71
CA THR J 119 -63.82 17.72 8.57
C THR J 119 -63.51 17.43 7.09
N ILE J 120 -62.53 16.57 6.85
CA ILE J 120 -62.09 16.24 5.49
C ILE J 120 -62.51 14.80 5.15
N ALA J 121 -63.19 14.62 4.02
CA ALA J 121 -63.66 13.30 3.60
C ALA J 121 -63.26 12.94 2.16
N ALA J 122 -63.16 11.64 1.88
CA ALA J 122 -62.91 11.15 0.52
C ALA J 122 -64.14 11.32 -0.36
N ASP J 123 -63.93 11.25 -1.67
CA ASP J 123 -65.01 11.23 -2.66
C ASP J 123 -65.98 10.07 -2.39
N GLU J 124 -67.22 10.25 -2.83
CA GLU J 124 -68.26 9.23 -2.69
C GLU J 124 -67.88 7.92 -3.38
N SER J 125 -68.21 6.80 -2.74
CA SER J 125 -68.19 5.47 -3.35
C SER J 125 -68.97 4.47 -2.51
N LYS J 137 -57.11 8.21 -8.51
CA LYS J 137 -56.51 7.66 -7.29
C LYS J 137 -56.62 8.60 -6.08
N LEU J 138 -56.44 9.89 -6.33
CA LEU J 138 -56.39 10.85 -5.23
C LEU J 138 -57.70 11.61 -5.07
N ASN J 139 -58.05 11.82 -3.80
CA ASN J 139 -59.09 12.77 -3.43
C ASN J 139 -58.45 14.14 -3.32
N THR J 140 -59.14 15.16 -3.79
CA THR J 140 -58.66 16.53 -3.71
C THR J 140 -59.69 17.43 -3.01
N GLU J 141 -59.29 18.03 -1.91
CA GLU J 141 -60.18 18.92 -1.15
C GLU J 141 -59.54 20.28 -0.94
N VAL J 142 -60.32 21.32 -1.24
CA VAL J 142 -59.87 22.70 -1.13
C VAL J 142 -60.71 23.45 -0.08
N ARG J 143 -60.03 24.21 0.76
CA ARG J 143 -60.69 25.08 1.73
C ARG J 143 -60.08 26.46 1.62
N GLU J 144 -60.91 27.50 1.74
CA GLU J 144 -60.36 28.84 1.87
C GLU J 144 -60.54 29.43 3.27
N ILE J 145 -59.50 30.10 3.73
CA ILE J 145 -59.46 30.69 5.06
C ILE J 145 -58.98 32.15 4.97
N GLY J 146 -59.09 32.88 6.07
CA GLY J 146 -58.65 34.27 6.14
C GLY J 146 -59.74 35.25 5.77
N PRO J 147 -59.41 36.56 5.73
CA PRO J 147 -58.08 37.14 5.96
C PRO J 147 -57.57 36.90 7.38
N LEU J 148 -56.27 36.63 7.49
CA LEU J 148 -55.65 36.41 8.79
C LEU J 148 -55.09 37.71 9.34
N SER J 149 -55.10 37.83 10.67
CA SER J 149 -54.61 39.02 11.36
C SER J 149 -53.11 38.97 11.65
N LYS J 150 -52.62 37.77 11.99
CA LYS J 150 -51.20 37.57 12.26
C LYS J 150 -50.37 37.40 10.98
N LYS J 151 -49.05 37.54 11.11
CA LYS J 151 -48.14 37.47 9.98
C LYS J 151 -47.95 36.06 9.42
N GLY J 152 -48.26 35.05 10.23
CA GLY J 152 -48.13 33.66 9.80
C GLY J 152 -49.11 32.72 10.46
N PHE J 153 -48.97 31.43 10.16
CA PHE J 153 -49.86 30.40 10.68
C PHE J 153 -49.28 28.99 10.47
N TYR J 154 -49.75 28.04 11.29
CA TYR J 154 -49.50 26.62 11.07
C TYR J 154 -50.79 25.94 10.61
N LEU J 155 -50.66 24.89 9.82
CA LEU J 155 -51.77 23.99 9.56
C LEU J 155 -51.55 22.70 10.35
N ALA J 156 -52.63 22.08 10.79
CA ALA J 156 -52.52 20.83 11.52
C ALA J 156 -53.58 19.84 11.08
N PHE J 157 -53.25 18.55 11.20
CA PHE J 157 -54.12 17.46 10.78
C PHE J 157 -54.33 16.48 11.91
N GLN J 158 -55.58 16.25 12.28
CA GLN J 158 -55.91 15.35 13.37
C GLN J 158 -56.53 14.06 12.87
N ASP J 159 -55.90 12.93 13.18
CA ASP J 159 -56.42 11.61 12.88
C ASP J 159 -57.07 11.01 14.12
N VAL J 160 -58.31 10.56 13.99
CA VAL J 160 -59.03 9.90 15.08
C VAL J 160 -59.19 8.39 14.86
N GLY J 161 -58.42 7.84 13.92
CA GLY J 161 -58.38 6.40 13.70
C GLY J 161 -58.74 5.99 12.28
N ALA J 162 -58.20 6.71 11.31
CA ALA J 162 -58.39 6.41 9.90
C ALA J 162 -57.10 5.85 9.30
N CYS J 163 -57.18 5.38 8.05
CA CYS J 163 -56.01 4.95 7.32
C CYS J 163 -55.75 5.98 6.23
N ILE J 164 -54.85 6.91 6.52
CA ILE J 164 -54.67 8.10 5.71
C ILE J 164 -53.29 8.17 5.09
N ALA J 165 -53.24 8.51 3.81
CA ALA J 165 -52.03 9.00 3.19
C ALA J 165 -52.30 10.44 2.80
N LEU J 166 -51.61 11.36 3.46
CA LEU J 166 -51.65 12.77 3.09
C LEU J 166 -50.56 13.00 2.05
N VAL J 167 -50.95 12.98 0.79
CA VAL J 167 -49.98 12.96 -0.31
C VAL J 167 -49.49 14.37 -0.66
N SER J 168 -50.39 15.35 -0.56
CA SER J 168 -50.04 16.72 -0.93
C SER J 168 -50.79 17.76 -0.12
N VAL J 169 -50.04 18.77 0.33
CA VAL J 169 -50.60 19.95 0.96
C VAL J 169 -50.04 21.17 0.24
N LYS J 170 -50.92 21.94 -0.38
CA LYS J 170 -50.51 23.19 -1.01
C LYS J 170 -51.27 24.37 -0.43
N VAL J 171 -50.55 25.44 -0.16
CA VAL J 171 -51.14 26.66 0.38
C VAL J 171 -50.77 27.79 -0.58
N TYR J 172 -51.78 28.52 -1.02
CA TYR J 172 -51.61 29.52 -2.06
C TYR J 172 -52.64 30.65 -1.97
N TYR J 173 -52.36 31.75 -2.66
CA TYR J 173 -53.29 32.87 -2.74
C TYR J 173 -53.24 33.54 -4.11
N LYS J 174 -54.29 34.31 -4.41
CA LYS J 174 -54.42 34.99 -5.68
C LYS J 174 -54.25 36.49 -5.49
N LYS J 175 -53.35 37.09 -6.26
CA LYS J 175 -53.11 38.53 -6.19
C LYS J 175 -53.85 39.26 -7.31
N ALA K 2 -67.98 -11.77 4.88
CA ALA K 2 -67.80 -13.16 5.39
C ALA K 2 -66.37 -13.43 5.82
N GLU K 3 -65.46 -12.52 5.46
CA GLU K 3 -64.05 -12.63 5.81
C GLU K 3 -63.65 -11.59 6.85
N VAL K 4 -62.74 -11.95 7.74
CA VAL K 4 -62.22 -11.03 8.76
C VAL K 4 -60.70 -11.12 8.91
N LEU K 5 -60.07 -9.96 8.98
CA LEU K 5 -58.61 -9.85 9.07
C LEU K 5 -58.10 -10.09 10.48
N LEU K 6 -57.13 -10.99 10.61
CA LEU K 6 -56.42 -11.20 11.86
C LEU K 6 -55.19 -10.29 11.93
N LEU K 7 -54.64 -9.99 10.76
CA LEU K 7 -53.48 -9.11 10.65
C LEU K 7 -53.34 -8.53 9.24
N ASP K 8 -53.00 -7.24 9.19
CA ASP K 8 -52.63 -6.56 7.96
C ASP K 8 -51.37 -5.75 8.24
N SER K 9 -50.30 -6.06 7.50
CA SER K 9 -48.99 -5.42 7.68
C SER K 9 -49.00 -3.89 7.64
N LYS K 10 -49.99 -3.29 6.97
CA LYS K 10 -50.10 -1.83 6.90
C LYS K 10 -50.72 -1.17 8.14
N ALA K 11 -51.43 -1.96 8.94
CA ALA K 11 -52.06 -1.46 10.16
C ALA K 11 -51.34 -1.97 11.42
N GLN K 12 -50.03 -2.17 11.30
CA GLN K 12 -49.22 -2.70 12.39
C GLN K 12 -48.29 -1.62 12.96
N GLU K 17 -43.38 -3.52 17.41
CA GLU K 17 -42.75 -3.66 16.10
C GLU K 17 -42.17 -5.07 15.91
N TRP K 18 -42.29 -5.57 14.69
CA TRP K 18 -41.81 -6.91 14.33
C TRP K 18 -40.32 -7.07 14.62
N ILE K 19 -39.93 -8.26 15.07
CA ILE K 19 -38.56 -8.55 15.50
C ILE K 19 -37.70 -9.04 14.34
N SER K 20 -36.49 -8.50 14.23
CA SER K 20 -35.51 -8.96 13.26
C SER K 20 -34.34 -9.66 13.95
N SER K 21 -34.00 -10.85 13.46
CA SER K 21 -32.86 -11.60 13.98
C SER K 21 -32.05 -12.17 12.82
N PRO K 22 -30.86 -11.59 12.55
CA PRO K 22 -30.23 -10.46 13.27
C PRO K 22 -30.88 -9.11 12.95
N PRO K 23 -30.69 -8.10 13.83
CA PRO K 23 -31.27 -6.76 13.63
C PRO K 23 -30.90 -6.13 12.28
N ASN K 24 -29.70 -6.40 11.80
CA ASN K 24 -29.20 -5.85 10.52
C ASN K 24 -29.70 -6.58 9.28
N GLY K 25 -30.53 -7.59 9.45
CA GLY K 25 -31.07 -8.36 8.33
C GLY K 25 -32.31 -7.71 7.75
N TRP K 26 -33.48 -8.25 8.12
CA TRP K 26 -34.76 -7.68 7.74
C TRP K 26 -34.92 -6.29 8.33
N GLU K 27 -35.35 -5.33 7.50
CA GLU K 27 -35.63 -3.98 7.99
C GLU K 27 -36.93 -3.42 7.44
N GLU K 28 -37.61 -2.63 8.27
CA GLU K 28 -38.89 -2.03 7.91
C GLU K 28 -38.68 -0.70 7.21
N ILE K 29 -39.28 -0.55 6.03
CA ILE K 29 -39.39 0.77 5.40
C ILE K 29 -40.84 0.99 4.97
N SER K 30 -41.42 2.10 5.44
CA SER K 30 -42.79 2.42 5.10
C SER K 30 -42.83 3.20 3.79
N GLY K 31 -43.93 3.07 3.06
CA GLY K 31 -44.11 3.79 1.79
C GLY K 31 -45.56 3.83 1.35
N LEU K 32 -45.75 3.96 0.05
CA LEU K 32 -47.08 4.02 -0.57
C LEU K 32 -47.14 3.06 -1.75
N ASP K 33 -48.27 2.40 -1.93
CA ASP K 33 -48.43 1.52 -3.09
C ASP K 33 -48.94 2.32 -4.29
N GLU K 34 -49.19 1.64 -5.40
CA GLU K 34 -49.65 2.30 -6.63
C GLU K 34 -50.99 3.03 -6.47
N ASN K 35 -51.79 2.65 -5.47
CA ASN K 35 -53.05 3.34 -5.16
C ASN K 35 -52.89 4.45 -4.13
N TYR K 36 -51.65 4.74 -3.75
CA TYR K 36 -51.33 5.68 -2.66
C TYR K 36 -51.90 5.25 -1.30
N THR K 37 -51.96 3.95 -1.09
CA THR K 37 -52.34 3.38 0.21
C THR K 37 -51.06 3.14 1.01
N PRO K 38 -51.05 3.53 2.29
CA PRO K 38 -49.85 3.29 3.11
C PRO K 38 -49.51 1.80 3.18
N ILE K 39 -48.23 1.49 3.03
CA ILE K 39 -47.72 0.13 3.17
C ILE K 39 -46.56 0.13 4.15
N ARG K 40 -46.33 -1.02 4.78
CA ARG K 40 -45.14 -1.25 5.58
C ARG K 40 -44.39 -2.42 4.96
N THR K 41 -43.23 -2.13 4.39
CA THR K 41 -42.47 -3.14 3.67
C THR K 41 -41.35 -3.66 4.54
N TYR K 42 -40.99 -4.92 4.32
CA TYR K 42 -39.87 -5.52 5.03
C TYR K 42 -38.86 -5.97 4.00
N GLN K 43 -37.63 -5.49 4.17
CA GLN K 43 -36.62 -5.55 3.14
C GLN K 43 -35.36 -6.23 3.63
N VAL K 44 -34.74 -7.00 2.75
CA VAL K 44 -33.47 -7.66 3.01
C VAL K 44 -32.78 -7.96 1.68
N CYS K 45 -31.48 -7.67 1.60
CA CYS K 45 -30.69 -7.92 0.41
C CYS K 45 -29.20 -8.09 0.76
N GLN K 46 -28.90 -9.13 1.53
CA GLN K 46 -27.52 -9.43 1.89
C GLN K 46 -26.96 -10.48 0.92
N VAL K 47 -26.80 -10.08 -0.34
CA VAL K 47 -26.36 -10.99 -1.40
C VAL K 47 -24.84 -11.07 -1.57
N MET K 48 -24.12 -10.12 -0.96
CA MET K 48 -22.66 -10.06 -1.07
C MET K 48 -21.94 -10.92 -0.04
N GLU K 49 -22.70 -11.45 0.93
CA GLU K 49 -22.13 -12.26 2.00
C GLU K 49 -22.79 -13.65 2.08
N PRO K 50 -21.98 -14.70 2.28
CA PRO K 50 -22.48 -16.08 2.32
C PRO K 50 -23.15 -16.44 3.66
N ASN K 51 -23.87 -17.56 3.65
CA ASN K 51 -24.50 -18.16 4.85
C ASN K 51 -25.52 -17.28 5.57
N GLN K 52 -26.35 -16.59 4.79
CA GLN K 52 -27.39 -15.72 5.35
C GLN K 52 -28.48 -16.53 6.02
N ASN K 53 -28.93 -16.04 7.17
CA ASN K 53 -30.01 -16.66 7.93
C ASN K 53 -30.77 -15.58 8.68
N ASN K 54 -31.54 -14.81 7.93
CA ASN K 54 -32.23 -13.64 8.45
C ASN K 54 -33.70 -13.90 8.74
N TRP K 55 -34.08 -13.75 10.01
CA TRP K 55 -35.42 -14.05 10.46
C TRP K 55 -36.21 -12.80 10.81
N LEU K 56 -37.43 -12.74 10.28
CA LEU K 56 -38.40 -11.71 10.64
C LEU K 56 -39.64 -12.40 11.20
N ARG K 57 -40.06 -12.00 12.39
CA ARG K 57 -41.27 -12.56 12.97
C ARG K 57 -42.29 -11.50 13.37
N THR K 58 -43.56 -11.78 13.07
CA THR K 58 -44.68 -10.92 13.43
C THR K 58 -44.85 -10.79 14.94
N ASN K 59 -45.69 -9.85 15.36
CA ASN K 59 -46.22 -9.85 16.71
C ASN K 59 -47.18 -11.01 16.86
N TRP K 60 -47.50 -11.38 18.09
CA TRP K 60 -48.41 -12.48 18.37
C TRP K 60 -49.77 -12.25 17.72
N ILE K 61 -50.27 -13.25 17.01
CA ILE K 61 -51.55 -13.17 16.32
C ILE K 61 -52.60 -14.06 16.98
N SER K 62 -53.62 -13.45 17.57
CA SER K 62 -54.75 -14.18 18.14
C SER K 62 -55.60 -14.76 17.02
N LYS K 63 -55.98 -16.03 17.17
CA LYS K 63 -56.78 -16.69 16.15
C LYS K 63 -58.26 -16.26 16.19
N GLY K 64 -58.74 -15.90 17.38
CA GLY K 64 -60.14 -15.53 17.56
C GLY K 64 -61.09 -16.70 17.32
N ASN K 65 -61.96 -16.55 16.34
CA ASN K 65 -62.93 -17.59 15.97
C ASN K 65 -62.47 -18.49 14.83
N ALA K 66 -61.25 -18.26 14.35
CA ALA K 66 -60.72 -18.94 13.16
C ALA K 66 -60.55 -20.45 13.31
N GLN K 67 -60.84 -21.15 12.22
CA GLN K 67 -60.50 -22.57 12.09
C GLN K 67 -59.33 -22.66 11.12
N ARG K 68 -59.63 -22.71 9.83
CA ARG K 68 -58.60 -22.64 8.79
C ARG K 68 -58.22 -21.19 8.57
N ILE K 69 -56.92 -20.90 8.67
CA ILE K 69 -56.40 -19.54 8.49
C ILE K 69 -55.61 -19.42 7.19
N PHE K 70 -55.81 -18.30 6.50
CA PHE K 70 -55.08 -18.00 5.27
C PHE K 70 -54.04 -16.90 5.48
N VAL K 71 -52.85 -17.12 4.92
CA VAL K 71 -51.80 -16.13 4.94
C VAL K 71 -51.51 -15.70 3.51
N GLU K 72 -51.62 -14.39 3.25
CA GLU K 72 -51.29 -13.86 1.94
C GLU K 72 -50.03 -13.01 1.99
N LEU K 73 -49.07 -13.36 1.14
CA LEU K 73 -47.82 -12.60 1.04
C LEU K 73 -47.68 -11.98 -0.34
N LYS K 74 -47.38 -10.69 -0.37
CA LYS K 74 -47.06 -9.99 -1.61
C LYS K 74 -45.63 -9.49 -1.53
N PHE K 75 -44.85 -9.80 -2.57
CA PHE K 75 -43.42 -9.54 -2.56
C PHE K 75 -42.84 -9.48 -3.97
N THR K 76 -41.71 -8.78 -4.10
CA THR K 76 -41.00 -8.69 -5.38
C THR K 76 -39.50 -8.91 -5.17
N LEU K 77 -38.85 -9.50 -6.18
CA LEU K 77 -37.40 -9.71 -6.15
C LEU K 77 -36.67 -8.67 -7.01
N ARG K 78 -35.42 -8.38 -6.66
CA ARG K 78 -34.63 -7.36 -7.34
C ARG K 78 -33.73 -7.91 -8.45
N ASP K 79 -33.09 -6.99 -9.17
CA ASP K 79 -32.24 -7.30 -10.32
C ASP K 79 -31.04 -8.19 -9.96
N CYS K 80 -30.43 -7.90 -8.81
CA CYS K 80 -29.33 -8.70 -8.26
C CYS K 80 -28.00 -8.66 -9.02
N ASN K 81 -28.08 -8.70 -10.35
CA ASN K 81 -26.89 -8.65 -11.20
C ASN K 81 -26.24 -7.26 -11.23
N SER K 82 -27.04 -6.23 -10.92
CA SER K 82 -26.59 -4.84 -10.94
C SER K 82 -26.17 -4.32 -9.56
N LEU K 83 -25.68 -5.23 -8.71
CA LEU K 83 -25.18 -4.88 -7.38
C LEU K 83 -23.72 -5.29 -7.21
N PRO K 84 -22.90 -4.43 -6.58
CA PRO K 84 -21.49 -4.77 -6.32
C PRO K 84 -21.38 -6.01 -5.43
N GLY K 85 -20.43 -6.89 -5.76
CA GLY K 85 -20.32 -8.20 -5.12
C GLY K 85 -21.33 -9.15 -5.69
N VAL K 86 -20.84 -10.17 -6.41
CA VAL K 86 -21.67 -11.13 -7.17
C VAL K 86 -22.90 -10.50 -7.86
N CYS K 90 -27.82 -15.47 -6.84
CA CYS K 90 -28.89 -14.90 -6.03
C CYS K 90 -30.05 -15.87 -5.85
N LYS K 91 -30.34 -16.23 -4.60
CA LYS K 91 -31.47 -17.08 -4.27
C LYS K 91 -32.77 -16.41 -4.69
N GLU K 92 -33.73 -17.20 -5.13
CA GLU K 92 -34.99 -16.67 -5.65
C GLU K 92 -36.22 -17.10 -4.85
N THR K 93 -35.98 -17.62 -3.65
CA THR K 93 -37.04 -18.06 -2.75
C THR K 93 -36.74 -17.64 -1.30
N PHE K 94 -37.75 -17.73 -0.45
CA PHE K 94 -37.57 -17.58 1.00
C PHE K 94 -38.53 -18.51 1.74
N ASN K 95 -38.42 -18.56 3.07
CA ASN K 95 -39.18 -19.54 3.84
C ASN K 95 -40.18 -18.93 4.82
N LEU K 96 -41.34 -19.57 4.92
CA LEU K 96 -42.41 -19.14 5.81
C LEU K 96 -42.62 -20.15 6.93
N TYR K 97 -42.62 -19.66 8.16
CA TYR K 97 -42.76 -20.48 9.36
C TYR K 97 -43.91 -19.97 10.22
N TYR K 98 -44.38 -20.82 11.12
CA TYR K 98 -45.29 -20.40 12.19
C TYR K 98 -44.98 -21.10 13.51
N TYR K 99 -45.45 -20.50 14.61
CA TYR K 99 -45.23 -21.05 15.94
C TYR K 99 -46.46 -20.80 16.81
N GLU K 100 -47.13 -21.89 17.19
CA GLU K 100 -48.32 -21.85 18.02
C GLU K 100 -47.99 -21.56 19.49
N THR K 101 -48.62 -20.52 20.05
CA THR K 101 -48.54 -20.23 21.47
C THR K 101 -49.88 -19.74 22.03
N ASP K 102 -50.15 -20.04 23.29
CA ASP K 102 -51.39 -19.63 23.95
C ASP K 102 -51.37 -18.13 24.29
N TYR K 103 -50.18 -17.58 24.51
CA TYR K 103 -50.01 -16.17 24.88
C TYR K 103 -48.76 -15.57 24.23
N ASP K 104 -48.66 -14.25 24.29
CA ASP K 104 -47.47 -13.54 23.80
C ASP K 104 -46.30 -13.82 24.73
N THR K 105 -45.34 -14.61 24.24
CA THR K 105 -44.17 -15.04 25.02
C THR K 105 -43.21 -13.88 25.30
N GLY K 106 -42.60 -13.34 24.25
CA GLY K 106 -41.63 -12.26 24.37
C GLY K 106 -40.89 -11.95 23.10
N ARG K 107 -39.95 -11.02 23.18
CA ARG K 107 -39.20 -10.54 22.01
C ARG K 107 -37.96 -11.40 21.72
N ASN K 108 -38.16 -12.71 21.58
CA ASN K 108 -37.06 -13.64 21.30
C ASN K 108 -37.45 -14.80 20.37
N ILE K 109 -37.01 -14.72 19.11
CA ILE K 109 -37.27 -15.75 18.11
C ILE K 109 -36.43 -16.99 18.38
N ARG K 110 -37.10 -18.11 18.69
CA ARG K 110 -36.42 -19.39 18.81
C ARG K 110 -36.62 -20.26 17.59
N GLU K 111 -35.63 -20.26 16.72
CA GLU K 111 -35.72 -20.79 15.35
C GLU K 111 -35.99 -22.30 15.24
N ASN K 112 -35.54 -23.07 16.23
CA ASN K 112 -35.78 -24.51 16.22
C ASN K 112 -37.20 -24.89 16.63
N LEU K 113 -37.90 -23.96 17.28
CA LEU K 113 -39.27 -24.17 17.73
C LEU K 113 -40.30 -23.98 16.61
N TYR K 114 -39.86 -23.35 15.51
CA TYR K 114 -40.77 -23.01 14.42
C TYR K 114 -40.95 -24.15 13.42
N VAL K 115 -42.20 -24.34 13.00
CA VAL K 115 -42.56 -25.33 11.99
C VAL K 115 -42.68 -24.65 10.63
N LYS K 116 -41.99 -25.20 9.64
CA LYS K 116 -41.99 -24.66 8.29
C LYS K 116 -43.33 -24.92 7.60
N ILE K 117 -43.98 -23.84 7.18
CA ILE K 117 -45.21 -23.93 6.41
C ILE K 117 -44.90 -24.33 4.98
N ASP K 118 -43.96 -23.62 4.36
CA ASP K 118 -43.60 -23.84 2.96
C ASP K 118 -42.45 -22.95 2.51
N THR K 119 -41.85 -23.34 1.39
CA THR K 119 -40.93 -22.49 0.65
C THR K 119 -41.79 -21.54 -0.20
N ILE K 120 -41.46 -20.25 -0.16
CA ILE K 120 -42.19 -19.24 -0.92
C ILE K 120 -41.36 -18.79 -2.13
N ALA K 121 -41.87 -19.10 -3.32
CA ALA K 121 -41.17 -18.79 -4.56
C ALA K 121 -41.86 -17.70 -5.37
N ALA K 122 -41.09 -17.03 -6.22
CA ALA K 122 -41.62 -16.03 -7.15
C ALA K 122 -42.17 -16.69 -8.41
N ASP K 123 -42.94 -15.94 -9.19
CA ASP K 123 -43.51 -16.40 -10.46
C ASP K 123 -42.45 -16.75 -11.51
N GLU K 124 -42.93 -17.22 -12.67
CA GLU K 124 -42.11 -17.67 -13.81
C GLU K 124 -41.22 -18.87 -13.50
N LYS K 137 -44.29 -6.58 -11.50
CA LYS K 137 -43.38 -7.67 -11.11
C LYS K 137 -43.65 -8.22 -9.70
N LEU K 138 -44.86 -7.99 -9.20
CA LEU K 138 -45.23 -8.38 -7.82
C LEU K 138 -45.81 -9.79 -7.75
N ASN K 139 -45.33 -10.59 -6.80
CA ASN K 139 -45.80 -11.96 -6.61
C ASN K 139 -46.78 -12.07 -5.46
N THR K 140 -47.78 -12.93 -5.62
CA THR K 140 -48.74 -13.17 -4.54
C THR K 140 -48.85 -14.67 -4.23
N GLU K 141 -48.59 -15.01 -2.98
CA GLU K 141 -48.63 -16.40 -2.53
C GLU K 141 -49.53 -16.52 -1.31
N VAL K 142 -50.41 -17.53 -1.35
CA VAL K 142 -51.36 -17.79 -0.26
C VAL K 142 -51.10 -19.17 0.33
N ARG K 143 -51.09 -19.25 1.66
CA ARG K 143 -50.98 -20.54 2.34
C ARG K 143 -52.10 -20.68 3.34
N GLU K 144 -52.65 -21.90 3.42
CA GLU K 144 -53.68 -22.20 4.40
C GLU K 144 -53.09 -23.03 5.53
N ILE K 145 -53.33 -22.57 6.76
CA ILE K 145 -52.88 -23.29 7.96
C ILE K 145 -54.06 -23.57 8.89
N GLY K 146 -53.85 -24.45 9.87
CA GLY K 146 -54.88 -24.79 10.82
C GLY K 146 -55.74 -25.97 10.39
N PRO K 147 -56.72 -26.37 11.23
CA PRO K 147 -57.07 -25.75 12.52
C PRO K 147 -55.93 -25.80 13.54
N LEU K 148 -55.81 -24.73 14.32
CA LEU K 148 -54.77 -24.63 15.35
C LEU K 148 -55.33 -25.06 16.70
N SER K 149 -54.45 -25.58 17.56
CA SER K 149 -54.85 -26.01 18.90
C SER K 149 -54.58 -24.92 19.95
N LYS K 150 -53.59 -24.08 19.68
CA LYS K 150 -53.23 -22.98 20.59
C LYS K 150 -54.11 -21.75 20.34
N LYS K 151 -54.10 -20.83 21.31
CA LYS K 151 -54.91 -19.61 21.26
C LYS K 151 -54.46 -18.64 20.16
N GLY K 152 -53.15 -18.63 19.89
CA GLY K 152 -52.58 -17.76 18.86
C GLY K 152 -51.33 -18.34 18.23
N PHE K 153 -50.66 -17.52 17.41
CA PHE K 153 -49.47 -17.95 16.70
C PHE K 153 -48.60 -16.79 16.22
N TYR K 154 -47.32 -17.10 15.96
CA TYR K 154 -46.42 -16.16 15.31
C TYR K 154 -46.21 -16.61 13.87
N LEU K 155 -46.06 -15.64 12.97
CA LEU K 155 -45.56 -15.94 11.64
C LEU K 155 -44.11 -15.47 11.53
N ALA K 156 -43.29 -16.25 10.85
CA ALA K 156 -41.89 -15.90 10.66
C ALA K 156 -41.48 -16.03 9.20
N PHE K 157 -40.54 -15.19 8.80
CA PHE K 157 -40.06 -15.14 7.43
C PHE K 157 -38.54 -15.28 7.45
N GLN K 158 -38.03 -16.24 6.69
CA GLN K 158 -36.61 -16.55 6.71
C GLN K 158 -35.96 -16.31 5.35
N ASP K 159 -35.04 -15.35 5.32
CA ASP K 159 -34.23 -15.11 4.14
C ASP K 159 -32.93 -15.90 4.22
N VAL K 160 -32.52 -16.46 3.08
CA VAL K 160 -31.28 -17.24 3.00
C VAL K 160 -30.31 -16.75 1.91
N GLY K 161 -30.43 -15.47 1.54
CA GLY K 161 -29.52 -14.84 0.58
C GLY K 161 -30.16 -14.24 -0.65
N ALA K 162 -31.42 -13.83 -0.53
CA ALA K 162 -32.15 -13.22 -1.63
C ALA K 162 -32.27 -11.71 -1.47
N CYS K 163 -32.75 -11.05 -2.52
CA CYS K 163 -32.98 -9.61 -2.51
C CYS K 163 -34.49 -9.39 -2.56
N ILE K 164 -35.10 -9.22 -1.39
CA ILE K 164 -36.55 -9.28 -1.24
C ILE K 164 -37.15 -7.97 -0.74
N ALA K 165 -38.27 -7.59 -1.35
CA ALA K 165 -39.17 -6.62 -0.76
C ALA K 165 -40.48 -7.33 -0.39
N LEU K 166 -40.67 -7.56 0.91
CA LEU K 166 -41.94 -8.10 1.42
C LEU K 166 -42.92 -6.94 1.59
N VAL K 167 -43.79 -6.78 0.60
CA VAL K 167 -44.59 -5.56 0.46
C VAL K 167 -45.85 -5.61 1.31
N SER K 168 -46.40 -6.81 1.49
CA SER K 168 -47.69 -6.96 2.15
C SER K 168 -47.84 -8.34 2.78
N VAL K 169 -48.39 -8.35 4.00
CA VAL K 169 -48.74 -9.57 4.70
C VAL K 169 -50.18 -9.43 5.20
N LYS K 170 -51.03 -10.36 4.80
CA LYS K 170 -52.42 -10.39 5.27
C LYS K 170 -52.77 -11.76 5.86
N VAL K 171 -53.37 -11.72 7.05
CA VAL K 171 -53.79 -12.93 7.75
C VAL K 171 -55.28 -12.81 8.00
N TYR K 172 -56.04 -13.81 7.55
CA TYR K 172 -57.49 -13.73 7.58
C TYR K 172 -58.14 -15.11 7.58
N TYR K 173 -59.42 -15.14 7.94
CA TYR K 173 -60.22 -16.35 7.85
C TYR K 173 -61.64 -16.04 7.36
N LYS K 174 -62.35 -17.09 6.99
CA LYS K 174 -63.72 -16.98 6.51
C LYS K 174 -64.69 -17.58 7.52
N LYS K 175 -65.76 -16.86 7.82
CA LYS K 175 -66.76 -17.30 8.80
C LYS K 175 -67.49 -18.57 8.34
N GLU L 3 -32.87 -22.54 -16.01
CA GLU L 3 -34.27 -23.03 -15.90
C GLU L 3 -34.59 -24.05 -17.00
N VAL L 4 -34.88 -25.27 -16.58
CA VAL L 4 -35.21 -26.36 -17.51
C VAL L 4 -36.67 -26.79 -17.30
N LEU L 5 -37.43 -26.76 -18.40
CA LEU L 5 -38.87 -27.01 -18.36
C LEU L 5 -39.19 -28.50 -18.53
N LEU L 6 -39.97 -29.03 -17.59
CA LEU L 6 -40.36 -30.44 -17.60
C LEU L 6 -41.76 -30.65 -18.19
N LEU L 7 -42.65 -29.70 -17.94
CA LEU L 7 -44.00 -29.72 -18.50
C LEU L 7 -44.50 -28.30 -18.73
N ASP L 8 -44.95 -28.04 -19.96
CA ASP L 8 -45.54 -26.76 -20.34
C ASP L 8 -46.87 -27.03 -21.01
N SER L 9 -47.96 -26.66 -20.34
CA SER L 9 -49.31 -26.89 -20.85
C SER L 9 -49.69 -25.94 -21.98
N LYS L 10 -48.84 -24.94 -22.24
CA LYS L 10 -49.06 -23.98 -23.32
C LYS L 10 -48.23 -24.29 -24.57
N ALA L 11 -47.54 -25.42 -24.56
CA ALA L 11 -46.71 -25.85 -25.69
C ALA L 11 -47.55 -26.43 -26.82
N GLU L 17 -52.16 -35.11 -23.14
CA GLU L 17 -53.28 -35.99 -22.82
C GLU L 17 -53.47 -36.09 -21.30
N TRP L 18 -54.52 -35.44 -20.80
CA TRP L 18 -54.81 -35.40 -19.38
C TRP L 18 -56.11 -36.15 -19.07
N ILE L 19 -56.04 -37.05 -18.08
CA ILE L 19 -57.19 -37.88 -17.70
C ILE L 19 -58.10 -37.14 -16.71
N SER L 20 -59.40 -37.26 -16.93
CA SER L 20 -60.40 -36.63 -16.07
C SER L 20 -61.36 -37.68 -15.49
N SER L 21 -61.49 -37.68 -14.17
CA SER L 21 -62.33 -38.65 -13.47
C SER L 21 -63.09 -38.01 -12.31
N PRO L 22 -64.43 -37.92 -12.40
CA PRO L 22 -65.26 -38.38 -13.51
C PRO L 22 -65.18 -37.45 -14.72
N PRO L 23 -65.52 -37.97 -15.93
CA PRO L 23 -65.55 -37.13 -17.13
C PRO L 23 -66.57 -35.98 -17.02
N ASN L 24 -67.47 -36.08 -16.05
CA ASN L 24 -68.44 -35.02 -15.76
C ASN L 24 -67.83 -33.83 -15.01
N GLY L 25 -66.72 -34.06 -14.33
CA GLY L 25 -66.10 -33.04 -13.48
C GLY L 25 -65.26 -32.03 -14.25
N TRP L 26 -63.94 -32.17 -14.15
CA TRP L 26 -63.00 -31.32 -14.88
C TRP L 26 -63.21 -31.48 -16.38
N GLU L 27 -63.48 -30.37 -17.05
CA GLU L 27 -63.77 -30.37 -18.48
C GLU L 27 -62.76 -29.51 -19.23
N GLU L 28 -62.30 -30.03 -20.37
CA GLU L 28 -61.36 -29.33 -21.22
C GLU L 28 -62.09 -28.30 -22.08
N ILE L 29 -61.82 -27.03 -21.81
CA ILE L 29 -62.35 -25.94 -22.63
C ILE L 29 -61.18 -25.20 -23.28
N SER L 30 -61.24 -25.06 -24.59
CA SER L 30 -60.14 -24.49 -25.36
C SER L 30 -60.50 -23.17 -26.02
N GLY L 31 -59.47 -22.41 -26.41
CA GLY L 31 -59.63 -21.16 -27.13
C GLY L 31 -58.33 -20.74 -27.78
N LEU L 32 -58.31 -19.50 -28.26
CA LEU L 32 -57.12 -18.92 -28.87
C LEU L 32 -56.86 -17.55 -28.27
N ASP L 33 -55.62 -17.28 -27.90
CA ASP L 33 -55.24 -15.96 -27.38
C ASP L 33 -55.08 -14.92 -28.49
N GLU L 34 -54.49 -13.77 -28.13
CA GLU L 34 -54.28 -12.66 -29.04
C GLU L 34 -53.26 -12.99 -30.14
N ASN L 35 -52.37 -13.95 -29.86
CA ASN L 35 -51.34 -14.37 -30.81
C ASN L 35 -51.75 -15.60 -31.61
N TYR L 36 -53.00 -16.03 -31.43
CA TYR L 36 -53.56 -17.23 -32.06
C TYR L 36 -52.93 -18.54 -31.54
N THR L 37 -52.32 -18.46 -30.36
CA THR L 37 -51.80 -19.63 -29.67
C THR L 37 -52.93 -20.31 -28.91
N PRO L 38 -53.11 -21.64 -29.11
CA PRO L 38 -54.18 -22.36 -28.42
C PRO L 38 -54.04 -22.29 -26.90
N ILE L 39 -55.14 -21.91 -26.23
CA ILE L 39 -55.22 -21.94 -24.78
C ILE L 39 -55.95 -23.23 -24.38
N ARG L 40 -55.39 -23.96 -23.43
CA ARG L 40 -56.04 -25.17 -22.94
C ARG L 40 -56.35 -25.05 -21.45
N THR L 41 -57.63 -24.92 -21.14
CA THR L 41 -58.06 -24.80 -19.76
C THR L 41 -58.84 -26.03 -19.32
N TYR L 42 -58.75 -26.33 -18.03
CA TYR L 42 -59.62 -27.31 -17.41
C TYR L 42 -60.45 -26.63 -16.35
N GLN L 43 -61.77 -26.74 -16.49
CA GLN L 43 -62.70 -25.98 -15.67
C GLN L 43 -63.76 -26.86 -15.02
N VAL L 44 -64.15 -26.48 -13.81
CA VAL L 44 -65.19 -27.17 -13.06
C VAL L 44 -65.88 -26.17 -12.13
N CYS L 45 -67.21 -26.19 -12.15
CA CYS L 45 -68.01 -25.24 -11.38
C CYS L 45 -69.33 -25.89 -10.94
N GLN L 46 -69.23 -27.05 -10.30
CA GLN L 46 -70.43 -27.78 -9.86
C GLN L 46 -70.82 -27.37 -8.44
N VAL L 47 -71.16 -26.09 -8.28
CA VAL L 47 -71.47 -25.51 -6.97
C VAL L 47 -72.93 -25.72 -6.54
N MET L 48 -73.76 -26.23 -7.45
CA MET L 48 -75.18 -26.46 -7.17
C MET L 48 -75.47 -27.89 -6.71
N GLU L 49 -74.51 -28.80 -6.92
CA GLU L 49 -74.67 -30.19 -6.53
C GLU L 49 -73.70 -30.55 -5.39
N PRO L 50 -74.22 -31.19 -4.32
CA PRO L 50 -73.38 -31.52 -3.17
C PRO L 50 -72.45 -32.71 -3.43
N ASN L 51 -71.48 -32.89 -2.55
CA ASN L 51 -70.57 -34.05 -2.56
C ASN L 51 -69.68 -34.16 -3.80
N GLN L 52 -69.06 -33.05 -4.18
CA GLN L 52 -68.18 -33.02 -5.34
C GLN L 52 -66.80 -33.62 -5.02
N ASN L 53 -66.32 -34.47 -5.92
CA ASN L 53 -65.01 -35.10 -5.81
C ASN L 53 -64.44 -35.31 -7.20
N ASN L 54 -64.01 -34.20 -7.81
CA ASN L 54 -63.58 -34.22 -9.20
C ASN L 54 -62.06 -34.21 -9.33
N TRP L 55 -61.54 -35.22 -10.02
CA TRP L 55 -60.09 -35.40 -10.16
C TRP L 55 -59.63 -35.19 -11.59
N LEU L 56 -58.49 -34.51 -11.72
CA LEU L 56 -57.84 -34.31 -13.00
C LEU L 56 -56.35 -34.62 -12.84
N ARG L 57 -55.87 -35.58 -13.62
CA ARG L 57 -54.45 -35.94 -13.56
C ARG L 57 -53.73 -35.64 -14.87
N THR L 58 -52.49 -35.19 -14.77
CA THR L 58 -51.65 -34.91 -15.92
C THR L 58 -51.14 -36.19 -16.56
N ASN L 59 -50.46 -36.07 -17.70
CA ASN L 59 -49.72 -37.17 -18.30
C ASN L 59 -48.51 -37.53 -17.43
N TRP L 60 -47.63 -38.39 -17.94
CA TRP L 60 -46.44 -38.78 -17.18
C TRP L 60 -45.26 -37.85 -17.47
N ILE L 61 -44.72 -37.25 -16.41
CA ILE L 61 -43.59 -36.33 -16.52
C ILE L 61 -42.34 -36.95 -15.91
N SER L 62 -41.31 -37.14 -16.71
CA SER L 62 -39.99 -37.56 -16.23
C SER L 62 -39.31 -36.40 -15.52
N LYS L 63 -38.45 -36.71 -14.55
CA LYS L 63 -37.78 -35.65 -13.78
C LYS L 63 -36.44 -35.23 -14.37
N GLY L 64 -35.85 -36.09 -15.20
CA GLY L 64 -34.54 -35.82 -15.80
C GLY L 64 -33.43 -35.89 -14.76
N ASN L 65 -32.71 -34.77 -14.59
CA ASN L 65 -31.65 -34.68 -13.60
C ASN L 65 -31.95 -33.60 -12.55
N ALA L 66 -33.21 -33.56 -12.11
CA ALA L 66 -33.67 -32.54 -11.16
C ALA L 66 -33.58 -32.98 -9.71
N GLN L 67 -33.36 -32.01 -8.82
CA GLN L 67 -33.41 -32.24 -7.39
C GLN L 67 -34.69 -31.62 -6.85
N ARG L 68 -34.67 -30.32 -6.59
CA ARG L 68 -35.86 -29.57 -6.22
C ARG L 68 -36.72 -29.33 -7.47
N ILE L 69 -38.03 -29.48 -7.33
CA ILE L 69 -38.96 -29.29 -8.45
C ILE L 69 -40.01 -28.24 -8.12
N PHE L 70 -40.22 -27.30 -9.05
CA PHE L 70 -41.24 -26.26 -8.89
C PHE L 70 -42.45 -26.53 -9.77
N VAL L 71 -43.63 -26.24 -9.23
CA VAL L 71 -44.89 -26.40 -9.96
C VAL L 71 -45.65 -25.07 -9.92
N GLU L 72 -45.87 -24.50 -11.10
CA GLU L 72 -46.58 -23.21 -11.20
C GLU L 72 -47.99 -23.41 -11.71
N LEU L 73 -48.96 -22.96 -10.91
CA LEU L 73 -50.36 -23.03 -11.28
C LEU L 73 -50.92 -21.63 -11.52
N LYS L 74 -51.54 -21.46 -12.68
CA LYS L 74 -52.30 -20.26 -12.98
C LYS L 74 -53.77 -20.63 -13.11
N PHE L 75 -54.62 -19.92 -12.38
CA PHE L 75 -56.03 -20.27 -12.30
C PHE L 75 -56.90 -19.07 -11.91
N THR L 76 -58.19 -19.19 -12.21
CA THR L 76 -59.20 -18.30 -11.65
C THR L 76 -60.05 -19.11 -10.68
N LEU L 77 -60.50 -18.44 -9.63
CA LEU L 77 -61.30 -19.08 -8.59
C LEU L 77 -62.33 -18.09 -8.07
N ARG L 78 -63.59 -18.37 -8.40
CA ARG L 78 -64.69 -17.46 -8.12
C ARG L 78 -65.05 -17.46 -6.64
N ASP L 79 -65.26 -16.28 -6.09
CA ASP L 79 -65.83 -16.12 -4.75
C ASP L 79 -67.22 -16.74 -4.74
N CYS L 80 -67.52 -17.52 -3.70
CA CYS L 80 -68.85 -18.11 -3.54
C CYS L 80 -69.92 -17.04 -3.36
N ASN L 81 -69.54 -15.91 -2.75
CA ASN L 81 -70.41 -14.76 -2.55
C ASN L 81 -70.92 -14.16 -3.86
N SER L 82 -70.13 -14.28 -4.92
CA SER L 82 -70.48 -13.72 -6.24
C SER L 82 -71.28 -14.70 -7.11
N LEU L 83 -71.89 -15.69 -6.47
CA LEU L 83 -72.75 -16.66 -7.13
C LEU L 83 -74.02 -16.85 -6.30
N PRO L 84 -75.21 -16.56 -6.90
CA PRO L 84 -76.47 -16.65 -6.18
C PRO L 84 -76.98 -18.08 -6.04
N GLY L 85 -77.43 -18.44 -4.84
CA GLY L 85 -77.96 -19.77 -4.55
C GLY L 85 -76.94 -20.65 -3.86
N GLY L 88 -74.59 -23.52 -0.43
CA GLY L 88 -74.40 -24.15 0.87
C GLY L 88 -73.00 -24.71 1.04
N THR L 89 -72.67 -25.69 0.19
CA THR L 89 -71.35 -26.32 0.22
C THR L 89 -70.48 -25.82 -0.94
N CYS L 90 -70.37 -24.51 -1.08
CA CYS L 90 -69.50 -23.91 -2.07
C CYS L 90 -68.12 -23.68 -1.48
N LYS L 91 -67.10 -24.22 -2.11
CA LYS L 91 -65.73 -24.12 -1.62
C LYS L 91 -64.95 -23.05 -2.40
N GLU L 92 -63.86 -22.57 -1.81
CA GLU L 92 -63.01 -21.56 -2.44
C GLU L 92 -61.55 -22.02 -2.52
N THR L 93 -61.35 -23.32 -2.39
CA THR L 93 -60.03 -23.94 -2.49
C THR L 93 -60.10 -25.22 -3.31
N PHE L 94 -58.98 -25.61 -3.90
CA PHE L 94 -58.83 -26.95 -4.47
C PHE L 94 -57.50 -27.55 -4.02
N ASN L 95 -57.32 -28.85 -4.26
CA ASN L 95 -56.18 -29.58 -3.72
C ASN L 95 -55.20 -30.07 -4.78
N LEU L 96 -53.91 -29.89 -4.50
CA LEU L 96 -52.85 -30.35 -5.38
C LEU L 96 -52.23 -31.64 -4.86
N TYR L 97 -52.26 -32.67 -5.70
CA TYR L 97 -51.70 -33.96 -5.36
C TYR L 97 -50.59 -34.34 -6.33
N TYR L 98 -49.73 -35.26 -5.89
CA TYR L 98 -48.72 -35.84 -6.76
C TYR L 98 -48.55 -37.33 -6.45
N TYR L 99 -48.11 -38.09 -7.45
CA TYR L 99 -47.78 -39.49 -7.27
C TYR L 99 -46.56 -39.84 -8.11
N GLU L 100 -45.48 -40.23 -7.43
CA GLU L 100 -44.23 -40.59 -8.11
C GLU L 100 -44.20 -42.08 -8.48
N THR L 101 -43.74 -42.36 -9.70
CA THR L 101 -43.66 -43.72 -10.23
C THR L 101 -42.67 -43.80 -11.39
N ASP L 102 -42.11 -45.00 -11.60
CA ASP L 102 -41.15 -45.24 -12.68
C ASP L 102 -41.88 -45.51 -13.99
N ASP L 104 -44.92 -45.33 -15.71
CA ASP L 104 -46.07 -44.93 -16.51
C ASP L 104 -47.13 -46.03 -16.54
N THR L 105 -48.38 -45.64 -16.31
CA THR L 105 -49.50 -46.56 -16.31
C THR L 105 -50.51 -46.23 -17.41
N ILE L 109 -55.99 -43.63 -12.19
CA ILE L 109 -55.29 -44.03 -10.97
C ILE L 109 -56.20 -43.88 -9.74
N ARG L 110 -55.97 -44.72 -8.74
CA ARG L 110 -56.76 -44.72 -7.51
C ARG L 110 -56.49 -43.49 -6.65
N GLU L 111 -57.57 -42.95 -6.08
CA GLU L 111 -57.56 -41.71 -5.29
C GLU L 111 -56.65 -41.78 -4.05
N ASN L 112 -56.69 -42.91 -3.37
CA ASN L 112 -55.96 -43.10 -2.10
C ASN L 112 -54.44 -43.21 -2.24
N LEU L 113 -53.96 -43.38 -3.47
CA LEU L 113 -52.53 -43.53 -3.74
C LEU L 113 -51.79 -42.19 -3.79
N TYR L 114 -52.52 -41.10 -3.97
CA TYR L 114 -51.94 -39.77 -4.12
C TYR L 114 -51.58 -39.11 -2.80
N VAL L 115 -50.45 -38.42 -2.78
CA VAL L 115 -49.97 -37.66 -1.62
C VAL L 115 -50.25 -36.18 -1.84
N LYS L 116 -50.93 -35.57 -0.87
CA LYS L 116 -51.29 -34.14 -0.96
C LYS L 116 -50.05 -33.26 -0.87
N ILE L 117 -49.89 -32.39 -1.86
CA ILE L 117 -48.83 -31.38 -1.83
C ILE L 117 -49.27 -30.23 -0.92
N ASP L 118 -50.39 -29.59 -1.27
CA ASP L 118 -50.91 -28.44 -0.52
C ASP L 118 -52.34 -28.12 -0.97
N THR L 119 -53.02 -27.31 -0.17
CA THR L 119 -54.30 -26.71 -0.54
C THR L 119 -54.01 -25.42 -1.33
N ILE L 120 -54.74 -25.22 -2.42
CA ILE L 120 -54.51 -24.09 -3.31
C ILE L 120 -55.66 -23.09 -3.22
N ALA L 121 -55.32 -21.80 -3.05
CA ALA L 121 -56.33 -20.74 -2.91
C ALA L 121 -56.05 -19.52 -3.80
N ALA L 122 -57.09 -18.75 -4.06
CA ALA L 122 -56.99 -17.51 -4.82
C ALA L 122 -56.47 -16.39 -3.94
N ASP L 123 -56.04 -15.29 -4.56
CA ASP L 123 -55.64 -14.09 -3.84
C ASP L 123 -56.81 -13.55 -3.02
N GLU L 124 -56.48 -12.99 -1.86
CA GLU L 124 -57.43 -12.47 -0.88
C GLU L 124 -58.73 -11.83 -1.43
N SER L 125 -58.59 -10.85 -2.32
CA SER L 125 -59.73 -10.27 -3.08
C SER L 125 -60.71 -9.32 -2.37
N PHE L 126 -61.17 -9.69 -1.17
CA PHE L 126 -62.28 -8.98 -0.49
C PHE L 126 -62.03 -7.52 -0.07
N THR L 127 -60.77 -7.08 -0.16
CA THR L 127 -60.38 -5.73 0.29
C THR L 127 -60.86 -4.63 -0.68
N LYS L 135 -63.33 -6.99 -13.42
CA LYS L 135 -62.31 -7.97 -13.76
C LYS L 135 -62.14 -9.02 -12.68
N MET L 136 -61.74 -10.22 -13.10
CA MET L 136 -61.34 -11.27 -12.16
C MET L 136 -59.87 -11.57 -12.37
N LYS L 137 -59.09 -11.44 -11.30
CA LYS L 137 -57.64 -11.62 -11.37
C LYS L 137 -57.24 -13.06 -11.61
N LEU L 138 -56.18 -13.24 -12.38
CA LEU L 138 -55.56 -14.54 -12.57
C LEU L 138 -54.60 -14.78 -11.41
N ASN L 139 -54.73 -15.93 -10.75
CA ASN L 139 -53.91 -16.27 -9.60
C ASN L 139 -52.72 -17.12 -9.99
N THR L 140 -51.56 -16.82 -9.39
CA THR L 140 -50.37 -17.62 -9.60
C THR L 140 -49.88 -18.18 -8.26
N GLU L 141 -49.84 -19.51 -8.17
CA GLU L 141 -49.37 -20.20 -6.98
C GLU L 141 -48.30 -21.20 -7.38
N VAL L 142 -47.18 -21.16 -6.67
CA VAL L 142 -46.07 -22.05 -6.94
C VAL L 142 -45.76 -22.92 -5.73
N ARG L 143 -45.57 -24.21 -5.98
CA ARG L 143 -45.20 -25.17 -4.94
C ARG L 143 -43.89 -25.86 -5.28
N GLU L 144 -43.06 -26.05 -4.26
CA GLU L 144 -41.78 -26.74 -4.42
C GLU L 144 -41.83 -28.11 -3.75
N ILE L 145 -41.60 -29.15 -4.56
CA ILE L 145 -41.61 -30.53 -4.08
C ILE L 145 -40.27 -31.22 -4.31
N GLY L 146 -40.07 -32.34 -3.63
CA GLY L 146 -38.88 -33.18 -3.86
C GLY L 146 -37.75 -32.96 -2.89
N PRO L 147 -36.59 -33.61 -3.15
CA PRO L 147 -36.33 -34.46 -4.32
C PRO L 147 -37.14 -35.76 -4.31
N LEU L 148 -37.49 -36.24 -5.50
CA LEU L 148 -38.27 -37.47 -5.67
C LEU L 148 -37.38 -38.70 -5.72
N SER L 149 -37.89 -39.83 -5.23
CA SER L 149 -37.17 -41.09 -5.22
C SER L 149 -37.37 -41.89 -6.51
N LYS L 150 -38.46 -41.62 -7.21
CA LYS L 150 -38.79 -42.31 -8.47
C LYS L 150 -38.26 -41.56 -9.69
N LYS L 151 -38.44 -42.16 -10.87
CA LYS L 151 -37.92 -41.60 -12.13
C LYS L 151 -38.82 -40.51 -12.72
N GLY L 152 -40.10 -40.53 -12.35
CA GLY L 152 -41.07 -39.55 -12.82
C GLY L 152 -42.28 -39.44 -11.90
N PHE L 153 -43.28 -38.67 -12.31
CA PHE L 153 -44.47 -38.44 -11.50
C PHE L 153 -45.69 -37.92 -12.27
N TYR L 154 -46.87 -38.14 -11.69
CA TYR L 154 -48.11 -37.52 -12.16
C TYR L 154 -48.53 -36.43 -11.18
N LEU L 155 -49.06 -35.33 -11.71
CA LEU L 155 -49.71 -34.31 -10.87
C LEU L 155 -51.22 -34.44 -10.96
N ALA L 156 -51.89 -34.21 -9.83
CA ALA L 156 -53.36 -34.31 -9.79
C ALA L 156 -54.01 -33.11 -9.10
N PHE L 157 -55.22 -32.78 -9.55
CA PHE L 157 -55.98 -31.65 -9.03
C PHE L 157 -57.35 -32.12 -8.57
N GLN L 158 -57.64 -31.89 -7.29
CA GLN L 158 -58.90 -32.34 -6.72
C GLN L 158 -59.83 -31.17 -6.42
N ASP L 159 -61.01 -31.18 -7.04
CA ASP L 159 -62.05 -30.21 -6.73
C ASP L 159 -63.12 -30.83 -5.84
N VAL L 160 -63.48 -30.11 -4.78
CA VAL L 160 -64.49 -30.56 -3.83
C VAL L 160 -65.75 -29.67 -3.81
N GLY L 161 -65.87 -28.80 -4.81
CA GLY L 161 -67.05 -27.96 -4.98
C GLY L 161 -66.79 -26.48 -5.15
N ALA L 162 -65.75 -26.15 -5.92
CA ALA L 162 -65.40 -24.76 -6.21
C ALA L 162 -65.62 -24.44 -7.69
N CYS L 163 -65.54 -23.15 -8.04
CA CYS L 163 -65.69 -22.71 -9.42
C CYS L 163 -64.32 -22.29 -9.96
N ILE L 164 -63.64 -23.26 -10.58
CA ILE L 164 -62.23 -23.10 -10.94
C ILE L 164 -62.05 -23.12 -12.45
N ALA L 165 -61.10 -22.32 -12.93
CA ALA L 165 -60.58 -22.44 -14.28
C ALA L 165 -59.07 -22.58 -14.21
N LEU L 166 -58.59 -23.81 -14.38
CA LEU L 166 -57.14 -24.05 -14.43
C LEU L 166 -56.62 -23.67 -15.80
N VAL L 167 -55.81 -22.62 -15.83
CA VAL L 167 -55.41 -21.95 -17.06
C VAL L 167 -54.04 -22.43 -17.56
N SER L 168 -53.13 -22.69 -16.63
CA SER L 168 -51.76 -23.02 -16.96
C SER L 168 -51.09 -23.87 -15.89
N VAL L 169 -50.34 -24.87 -16.33
CA VAL L 169 -49.51 -25.68 -15.45
C VAL L 169 -48.10 -25.74 -16.03
N LYS L 170 -47.13 -25.26 -15.25
CA LYS L 170 -45.73 -25.36 -15.63
C LYS L 170 -44.93 -26.06 -14.55
N VAL L 171 -44.08 -26.99 -14.98
CA VAL L 171 -43.20 -27.74 -14.08
C VAL L 171 -41.77 -27.56 -14.55
N TYR L 172 -40.89 -27.15 -13.64
CA TYR L 172 -39.51 -26.80 -13.97
C TYR L 172 -38.56 -26.91 -12.79
N TYR L 173 -37.26 -26.80 -13.06
CA TYR L 173 -36.24 -26.79 -12.02
C TYR L 173 -35.07 -25.87 -12.35
#